data_6X0J
#
_entry.id   6X0J
#
_cell.length_a   85.208
_cell.length_b   153.015
_cell.length_c   91.114
_cell.angle_alpha   90.000
_cell.angle_beta   110.910
_cell.angle_gamma   90.000
#
_symmetry.space_group_name_H-M   'P 1 21 1'
#
loop_
_entity.id
_entity.type
_entity.pdbx_description
1 polymer 'L-ornithine N(5)-monooxygenase'
2 non-polymer 'NADP NICOTINAMIDE-ADENINE-DINUCLEOTIDE PHOSPHATE'
3 non-polymer L-ornithine
4 non-polymer 'DIHYDROFLAVINE-ADENINE DINUCLEOTIDE'
5 water water
#
_entity_poly.entity_id   1
_entity_poly.type   'polypeptide(L)'
_entity_poly.pdbx_seq_one_letter_code
;MGSSHHHHHHSSGLVPRGSHMPRLRSTPQDELHDLLCVGFGPASLAIAIALHDALDPRLNKSASNIHAQPKICFLERQKQ
FAWHSGMLVPGSKMQISFIKDLATLRDPRSSFTFLNYLHQKGRLIHFTNLSTFLPARLEFEDYMRWCAQQFSDVVAYGEE
VVEVIPGKSDPSSSVVDFFTVRSRNVETGEISARRTRKVVIAIGGTAKMPSGLPQDPRIIHSSKYCTTLPALLKDKSKPY
NIAVLGSGQSAAEIFHDLQKRYPNSRTTLIMRDSAMRPSDDSPFVNEIFNPERVDKFYSQSAAERQRSLLADKATNYSVV
RLELIEEIYNDMYLQRVKNPDETQWQHRILPERKITRVEHHGPQSRMRIHLKSSKPESEGAANDVKETLEVDALMVATGY
NRNAHERLLSKVQHLRPTGQDQWKPHRDYRVEMDPSKVSSEAGIWLQGCNERTHGLSDSLLSVLAVRGGEMVQSIFGEQL
ERAAVQGHQLRAML
;
_entity_poly.pdbx_strand_id   A,B,C,D
#
# COMPACT_ATOMS: atom_id res chain seq x y z
N ARG A 23 -32.83 29.98 -0.64
CA ARG A 23 -32.44 29.21 -1.81
C ARG A 23 -33.68 28.70 -2.54
N LEU A 24 -34.32 27.65 -2.00
CA LEU A 24 -35.62 27.16 -2.45
C LEU A 24 -36.68 27.66 -1.46
N ARG A 25 -37.65 28.41 -1.94
CA ARG A 25 -38.64 29.02 -1.06
C ARG A 25 -39.79 28.05 -0.77
N SER A 26 -40.41 28.23 0.38
CA SER A 26 -41.44 27.36 0.90
C SER A 26 -42.78 27.50 0.16
N THR A 27 -43.57 26.40 0.20
CA THR A 27 -44.97 26.39 -0.24
C THR A 27 -45.85 26.36 0.98
N PRO A 28 -46.90 27.17 1.05
CA PRO A 28 -47.84 27.05 2.18
C PRO A 28 -48.32 25.62 2.30
N GLN A 29 -48.35 25.14 3.55
CA GLN A 29 -48.64 23.73 3.83
C GLN A 29 -49.95 23.27 3.18
N ASP A 30 -50.94 24.14 3.07
CA ASP A 30 -52.27 23.75 2.58
C ASP A 30 -52.41 23.79 1.06
N GLU A 31 -51.41 24.28 0.33
CA GLU A 31 -51.59 24.42 -1.10
C GLU A 31 -51.30 23.09 -1.79
N LEU A 32 -51.69 23.01 -3.06
CA LEU A 32 -51.45 21.81 -3.85
C LEU A 32 -49.99 21.78 -4.30
N HIS A 33 -49.22 20.79 -3.83
CA HIS A 33 -47.82 20.73 -4.16
C HIS A 33 -47.59 20.13 -5.55
N ASP A 34 -46.47 20.51 -6.16
CA ASP A 34 -46.04 19.83 -7.37
C ASP A 34 -45.42 18.47 -7.03
N LEU A 35 -44.58 18.44 -6.01
CA LEU A 35 -43.91 17.23 -5.60
C LEU A 35 -43.83 17.19 -4.08
N LEU A 36 -44.09 16.02 -3.51
CA LEU A 36 -43.79 15.77 -2.11
C LEU A 36 -42.87 14.56 -2.03
N CYS A 37 -41.77 14.70 -1.29
CA CYS A 37 -40.82 13.61 -1.09
C CYS A 37 -40.95 13.10 0.34
N VAL A 38 -41.04 11.79 0.48
CA VAL A 38 -41.07 11.14 1.77
C VAL A 38 -39.64 10.70 2.10
N GLY A 39 -39.08 11.29 3.15
CA GLY A 39 -37.73 11.04 3.58
C GLY A 39 -36.74 12.10 3.12
N PHE A 40 -35.83 12.52 3.98
CA PHE A 40 -34.81 13.48 3.56
C PHE A 40 -33.44 12.91 3.92
N GLY A 41 -33.15 11.75 3.33
CA GLY A 41 -31.81 11.20 3.34
C GLY A 41 -31.08 11.64 2.09
N PRO A 42 -29.93 11.01 1.80
CA PRO A 42 -29.16 11.44 0.63
C PRO A 42 -29.94 11.36 -0.68
N ALA A 43 -30.81 10.36 -0.83
CA ALA A 43 -31.58 10.24 -2.07
C ALA A 43 -32.47 11.46 -2.30
N SER A 44 -33.23 11.89 -1.29
CA SER A 44 -34.04 13.10 -1.45
C SER A 44 -33.15 14.35 -1.51
N LEU A 45 -32.07 14.38 -0.75
CA LEU A 45 -31.17 15.53 -0.78
C LEU A 45 -30.57 15.72 -2.17
N ALA A 46 -30.30 14.62 -2.87
CA ALA A 46 -29.78 14.73 -4.24
C ALA A 46 -30.81 15.31 -5.19
N ILE A 47 -32.09 14.97 -5.00
CA ILE A 47 -33.17 15.54 -5.82
C ILE A 47 -33.31 17.03 -5.53
N ALA A 48 -33.38 17.40 -4.25
CA ALA A 48 -33.40 18.81 -3.88
C ALA A 48 -32.24 19.57 -4.50
N ILE A 49 -31.02 19.02 -4.39
CA ILE A 49 -29.83 19.71 -4.91
C ILE A 49 -29.91 19.87 -6.41
N ALA A 50 -30.32 18.82 -7.13
CA ALA A 50 -30.36 18.89 -8.59
C ALA A 50 -31.41 19.89 -9.05
N LEU A 51 -32.55 19.99 -8.33
CA LEU A 51 -33.55 21.00 -8.64
C LEU A 51 -32.98 22.39 -8.43
N HIS A 52 -32.28 22.61 -7.32
CA HIS A 52 -31.59 23.87 -7.12
C HIS A 52 -30.67 24.16 -8.28
N ASP A 53 -29.86 23.17 -8.68
CA ASP A 53 -28.88 23.36 -9.75
C ASP A 53 -29.56 23.61 -11.09
N ALA A 54 -30.72 23.00 -11.33
CA ALA A 54 -31.45 23.28 -12.57
C ALA A 54 -31.99 24.71 -12.62
N LEU A 55 -32.22 25.32 -11.45
CA LEU A 55 -32.72 26.68 -11.37
C LEU A 55 -31.61 27.73 -11.23
N ASP A 56 -30.35 27.31 -11.10
CA ASP A 56 -29.18 28.17 -10.92
C ASP A 56 -28.69 28.68 -12.27
N PRO A 57 -28.83 29.97 -12.57
CA PRO A 57 -28.38 30.47 -13.89
C PRO A 57 -26.89 30.31 -14.12
N ARG A 58 -26.09 30.14 -13.07
CA ARG A 58 -24.67 29.83 -13.29
C ARG A 58 -24.49 28.44 -13.90
N LEU A 59 -25.40 27.52 -13.60
CA LEU A 59 -25.30 26.15 -14.07
C LEU A 59 -26.14 25.88 -15.31
N ASN A 60 -27.15 26.71 -15.58
CA ASN A 60 -28.02 26.54 -16.74
C ASN A 60 -28.42 27.94 -17.20
N LYS A 61 -27.87 28.39 -18.32
CA LYS A 61 -28.33 29.65 -18.91
C LYS A 61 -29.78 29.50 -19.37
N SER A 62 -30.18 28.29 -19.73
CA SER A 62 -31.57 27.96 -20.00
C SER A 62 -32.36 27.91 -18.70
N ALA A 63 -32.27 28.97 -17.90
CA ALA A 63 -32.90 29.05 -16.59
C ALA A 63 -32.91 30.50 -16.11
N SER A 64 -32.12 31.34 -16.78
CA SER A 64 -32.24 32.78 -16.56
C SER A 64 -33.64 33.28 -16.89
N ASN A 65 -34.39 32.55 -17.71
CA ASN A 65 -35.77 32.87 -18.07
C ASN A 65 -36.77 31.91 -17.42
N ILE A 66 -36.63 31.67 -16.11
CA ILE A 66 -37.55 30.85 -15.33
C ILE A 66 -38.10 31.70 -14.19
N HIS A 67 -39.42 31.90 -14.18
CA HIS A 67 -40.09 32.73 -13.18
C HIS A 67 -40.54 31.93 -11.95
N ALA A 68 -41.30 30.86 -12.18
CA ALA A 68 -41.92 30.11 -11.09
C ALA A 68 -41.01 28.97 -10.62
N GLN A 69 -40.74 28.94 -9.32
CA GLN A 69 -40.11 27.77 -8.72
C GLN A 69 -41.18 26.71 -8.47
N PRO A 70 -40.95 25.45 -8.82
CA PRO A 70 -41.93 24.42 -8.50
C PRO A 70 -42.20 24.36 -7.00
N LYS A 71 -43.42 23.96 -6.67
CA LYS A 71 -43.88 23.82 -5.29
C LYS A 71 -43.46 22.46 -4.73
N ILE A 72 -42.40 22.44 -3.94
CA ILE A 72 -41.78 21.20 -3.51
C ILE A 72 -41.77 21.12 -1.99
N CYS A 73 -41.84 19.90 -1.49
CA CYS A 73 -41.95 19.66 -0.06
C CYS A 73 -41.28 18.35 0.34
N PHE A 74 -40.64 18.34 1.51
CA PHE A 74 -39.98 17.15 2.01
C PHE A 74 -40.44 16.85 3.42
N LEU A 75 -40.73 15.58 3.70
CA LEU A 75 -41.09 15.19 5.06
C LEU A 75 -40.06 14.19 5.59
N GLU A 76 -39.48 14.50 6.74
CA GLU A 76 -38.46 13.67 7.35
C GLU A 76 -38.86 13.36 8.79
N ARG A 77 -38.72 12.09 9.19
CA ARG A 77 -39.15 11.73 10.55
C ARG A 77 -38.13 12.15 11.61
N GLN A 78 -36.82 12.12 11.31
CA GLN A 78 -35.81 12.51 12.28
C GLN A 78 -35.87 14.02 12.58
N LYS A 79 -35.33 14.39 13.75
CA LYS A 79 -35.42 15.79 14.18
C LYS A 79 -34.46 16.70 13.44
N GLN A 80 -33.43 16.15 12.82
CA GLN A 80 -32.51 16.91 11.97
C GLN A 80 -31.94 15.92 10.95
N PHE A 81 -31.30 16.45 9.91
CA PHE A 81 -30.63 15.56 8.96
C PHE A 81 -29.58 14.74 9.70
N ALA A 82 -29.53 13.44 9.39
CA ALA A 82 -28.58 12.55 10.02
C ALA A 82 -28.42 11.30 9.17
N TRP A 83 -27.20 10.81 9.05
CA TRP A 83 -26.91 9.71 8.14
C TRP A 83 -26.44 8.48 8.94
N HIS A 84 -27.40 7.61 9.27
CA HIS A 84 -27.16 6.39 10.06
C HIS A 84 -26.40 6.70 11.35
N SER A 85 -26.93 7.63 12.14
CA SER A 85 -26.17 8.09 13.30
C SER A 85 -25.94 6.97 14.31
N GLY A 86 -26.83 5.98 14.36
CA GLY A 86 -26.61 4.83 15.23
C GLY A 86 -25.45 3.94 14.82
N MET A 87 -24.83 4.20 13.66
CA MET A 87 -23.64 3.47 13.24
C MET A 87 -22.43 4.38 13.02
N LEU A 88 -22.46 5.60 13.59
CA LEU A 88 -21.32 6.51 13.53
C LEU A 88 -20.26 6.01 14.52
N VAL A 89 -19.72 4.84 14.21
CA VAL A 89 -18.69 4.20 15.05
C VAL A 89 -17.41 5.01 14.99
N PRO A 90 -16.76 5.25 16.12
CA PRO A 90 -15.48 5.97 16.08
C PRO A 90 -14.55 5.38 15.04
N GLY A 91 -14.08 6.23 14.13
CA GLY A 91 -13.11 5.88 13.12
C GLY A 91 -13.66 5.23 11.87
N SER A 92 -14.98 5.09 11.74
CA SER A 92 -15.51 4.41 10.56
C SER A 92 -15.36 5.30 9.33
N LYS A 93 -15.11 4.66 8.19
CA LYS A 93 -14.81 5.36 6.96
C LYS A 93 -15.87 5.03 5.91
N MET A 94 -16.02 5.94 4.96
CA MET A 94 -16.87 5.73 3.79
C MET A 94 -16.44 4.54 2.96
N GLN A 95 -17.40 3.91 2.28
CA GLN A 95 -17.15 2.78 1.40
C GLN A 95 -17.17 3.15 -0.07
N ILE A 96 -16.94 4.43 -0.39
CA ILE A 96 -17.07 4.93 -1.75
C ILE A 96 -16.25 6.21 -1.86
N SER A 97 -15.71 6.47 -3.05
CA SER A 97 -14.90 7.66 -3.30
C SER A 97 -15.72 8.93 -3.14
N PHE A 98 -15.09 9.98 -2.57
CA PHE A 98 -15.78 11.25 -2.39
C PHE A 98 -16.20 11.89 -3.72
N ILE A 99 -15.59 11.48 -4.84
CA ILE A 99 -16.00 12.01 -6.14
C ILE A 99 -17.46 11.68 -6.43
N LYS A 100 -17.96 10.57 -5.90
CA LYS A 100 -19.36 10.17 -6.08
C LYS A 100 -20.26 10.81 -5.05
N ASP A 101 -20.03 12.10 -4.80
CA ASP A 101 -20.86 12.87 -3.89
C ASP A 101 -22.20 13.20 -4.54
N LEU A 102 -22.93 14.10 -3.92
CA LEU A 102 -24.30 14.38 -4.29
C LEU A 102 -24.41 15.30 -5.50
N ALA A 103 -23.32 15.58 -6.22
CA ALA A 103 -23.42 16.54 -7.34
C ALA A 103 -22.34 16.41 -8.41
N THR A 104 -21.12 16.01 -8.02
CA THR A 104 -19.96 16.13 -8.91
C THR A 104 -20.14 15.36 -10.20
N LEU A 105 -20.57 14.08 -10.12
CA LEU A 105 -20.73 13.30 -11.34
C LEU A 105 -21.79 13.89 -12.27
N ARG A 106 -22.66 14.76 -11.74
CA ARG A 106 -23.64 15.43 -12.58
C ARG A 106 -23.11 16.77 -13.07
N ASP A 107 -22.42 17.53 -12.23
CA ASP A 107 -21.83 18.82 -12.59
C ASP A 107 -20.75 19.21 -11.58
N PRO A 108 -19.46 19.06 -11.88
CA PRO A 108 -18.43 19.44 -10.89
C PRO A 108 -18.46 20.92 -10.51
N ARG A 109 -19.12 21.77 -11.30
CA ARG A 109 -19.27 23.18 -10.97
C ARG A 109 -20.31 23.44 -9.90
N SER A 110 -21.01 22.41 -9.43
CA SER A 110 -22.06 22.65 -8.45
C SER A 110 -21.50 23.20 -7.15
N SER A 111 -22.27 24.07 -6.51
CA SER A 111 -21.90 24.55 -5.19
C SER A 111 -22.07 23.47 -4.12
N PHE A 112 -22.66 22.32 -4.45
CA PHE A 112 -22.90 21.25 -3.48
C PHE A 112 -21.87 20.13 -3.55
N THR A 113 -20.72 20.36 -4.19
CA THR A 113 -19.69 19.33 -4.18
C THR A 113 -19.01 19.25 -2.81
N PHE A 114 -18.44 18.08 -2.56
CA PHE A 114 -17.66 17.85 -1.35
C PHE A 114 -16.46 18.76 -1.31
N LEU A 115 -15.78 18.95 -2.45
CA LEU A 115 -14.63 19.84 -2.47
C LEU A 115 -15.03 21.28 -2.15
N ASN A 116 -16.15 21.75 -2.68
CA ASN A 116 -16.57 23.12 -2.38
C ASN A 116 -16.98 23.28 -0.92
N TYR A 117 -17.62 22.26 -0.37
CA TYR A 117 -17.91 22.23 1.06
C TYR A 117 -16.63 22.39 1.87
N LEU A 118 -15.61 21.60 1.55
CA LEU A 118 -14.32 21.74 2.24
C LEU A 118 -13.80 23.16 2.11
N HIS A 119 -13.90 23.74 0.91
CA HIS A 119 -13.43 25.10 0.71
C HIS A 119 -14.19 26.07 1.61
N GLN A 120 -15.51 25.91 1.71
CA GLN A 120 -16.28 26.80 2.57
C GLN A 120 -15.90 26.62 4.03
N LYS A 121 -15.64 25.38 4.45
CA LYS A 121 -15.18 25.14 5.81
C LYS A 121 -13.71 25.49 6.02
N GLY A 122 -13.01 25.98 5.00
CA GLY A 122 -11.60 26.30 5.15
C GLY A 122 -10.70 25.10 5.41
N ARG A 123 -11.07 23.93 4.89
CA ARG A 123 -10.38 22.69 5.19
C ARG A 123 -9.84 21.98 3.95
N LEU A 124 -9.99 22.57 2.76
CA LEU A 124 -9.69 21.86 1.53
C LEU A 124 -8.21 21.46 1.46
N ILE A 125 -7.29 22.39 1.79
CA ILE A 125 -5.88 22.06 1.69
C ILE A 125 -5.51 20.99 2.71
N HIS A 126 -6.11 21.03 3.90
CA HIS A 126 -5.84 20.00 4.91
C HIS A 126 -6.34 18.63 4.48
N PHE A 127 -7.55 18.56 3.90
CA PHE A 127 -8.04 17.29 3.37
C PHE A 127 -7.15 16.76 2.25
N THR A 128 -6.51 17.66 1.51
CA THR A 128 -5.62 17.22 0.45
C THR A 128 -4.45 16.43 1.01
N ASN A 129 -3.91 16.87 2.15
CA ASN A 129 -2.78 16.20 2.76
C ASN A 129 -3.18 14.88 3.42
N LEU A 130 -4.47 14.65 3.66
CA LEU A 130 -4.92 13.33 4.12
C LEU A 130 -4.61 12.23 3.09
N SER A 131 -4.57 12.59 1.81
CA SER A 131 -4.45 11.64 0.71
C SER A 131 -5.37 10.42 0.84
N THR A 132 -6.68 10.66 0.80
CA THR A 132 -7.65 9.58 0.86
C THR A 132 -8.83 9.92 -0.04
N PHE A 133 -9.40 8.89 -0.66
CA PHE A 133 -10.69 9.05 -1.34
C PHE A 133 -11.85 8.71 -0.42
N LEU A 134 -11.57 8.26 0.80
CA LEU A 134 -12.57 7.70 1.72
C LEU A 134 -12.60 8.51 3.01
N PRO A 135 -13.36 9.60 3.05
CA PRO A 135 -13.46 10.40 4.28
C PRO A 135 -14.10 9.62 5.42
N ALA A 136 -13.87 10.11 6.64
CA ALA A 136 -14.58 9.57 7.79
C ALA A 136 -16.09 9.71 7.57
N ARG A 137 -16.85 8.70 8.01
CA ARG A 137 -18.30 8.80 7.93
C ARG A 137 -18.81 10.03 8.69
N LEU A 138 -18.18 10.36 9.81
CA LEU A 138 -18.57 11.57 10.53
C LEU A 138 -18.39 12.81 9.65
N GLU A 139 -17.34 12.86 8.84
CA GLU A 139 -17.16 14.03 7.99
C GLU A 139 -18.19 14.06 6.87
N PHE A 140 -18.37 12.94 6.16
CA PHE A 140 -19.31 12.95 5.05
C PHE A 140 -20.73 13.23 5.54
N GLU A 141 -21.05 12.86 6.79
CA GLU A 141 -22.31 13.27 7.37
C GLU A 141 -22.41 14.78 7.46
N ASP A 142 -21.36 15.43 7.96
CA ASP A 142 -21.37 16.87 8.12
C ASP A 142 -21.50 17.58 6.78
N TYR A 143 -20.89 17.01 5.75
CA TYR A 143 -20.98 17.56 4.41
C TYR A 143 -22.42 17.56 3.92
N MET A 144 -23.09 16.42 4.05
CA MET A 144 -24.47 16.34 3.57
C MET A 144 -25.39 17.18 4.44
N ARG A 145 -25.11 17.23 5.75
CA ARG A 145 -25.82 18.14 6.66
C ARG A 145 -25.59 19.60 6.26
N TRP A 146 -24.37 19.94 5.89
CA TRP A 146 -24.11 21.27 5.36
C TRP A 146 -24.96 21.54 4.13
N CYS A 147 -25.06 20.55 3.23
CA CYS A 147 -25.93 20.68 2.08
C CYS A 147 -27.38 20.86 2.51
N ALA A 148 -27.84 19.99 3.41
CA ALA A 148 -29.25 19.92 3.76
C ALA A 148 -29.75 21.22 4.37
N GLN A 149 -28.89 21.95 5.08
CA GLN A 149 -29.32 23.18 5.73
C GLN A 149 -29.85 24.22 4.75
N GLN A 150 -29.37 24.19 3.51
CA GLN A 150 -29.81 25.16 2.52
C GLN A 150 -31.21 24.86 1.96
N PHE A 151 -31.88 23.82 2.47
CA PHE A 151 -33.24 23.48 2.09
C PHE A 151 -34.18 23.52 3.29
N SER A 152 -33.80 24.24 4.35
CA SER A 152 -34.57 24.19 5.59
C SER A 152 -35.98 24.70 5.42
N ASP A 153 -36.24 25.53 4.41
CA ASP A 153 -37.57 26.09 4.21
C ASP A 153 -38.53 25.13 3.53
N VAL A 154 -38.05 24.01 3.00
CA VAL A 154 -38.91 23.07 2.30
C VAL A 154 -38.90 21.69 2.92
N VAL A 155 -38.24 21.52 4.06
CA VAL A 155 -38.13 20.22 4.72
C VAL A 155 -38.82 20.33 6.06
N ALA A 156 -39.79 19.46 6.29
CA ALA A 156 -40.47 19.39 7.58
C ALA A 156 -39.91 18.19 8.34
N TYR A 157 -39.17 18.48 9.41
CA TYR A 157 -38.57 17.44 10.24
C TYR A 157 -39.57 16.96 11.30
N GLY A 158 -39.24 15.83 11.92
CA GLY A 158 -40.12 15.26 12.94
C GLY A 158 -41.48 14.82 12.44
N GLU A 159 -41.59 14.52 11.15
CA GLU A 159 -42.85 14.12 10.55
C GLU A 159 -42.66 12.72 9.97
N GLU A 160 -43.40 11.76 10.53
CA GLU A 160 -43.36 10.38 10.07
C GLU A 160 -44.57 10.14 9.19
N VAL A 161 -44.34 9.91 7.89
CA VAL A 161 -45.42 9.64 6.95
C VAL A 161 -46.04 8.28 7.27
N VAL A 162 -47.37 8.23 7.38
CA VAL A 162 -48.03 6.99 7.72
C VAL A 162 -48.84 6.40 6.57
N GLU A 163 -49.42 7.22 5.69
CA GLU A 163 -50.11 6.67 4.54
C GLU A 163 -50.13 7.68 3.40
N VAL A 164 -50.42 7.17 2.21
CA VAL A 164 -50.61 7.93 1.00
C VAL A 164 -51.97 7.52 0.47
N ILE A 165 -52.88 8.49 0.33
CA ILE A 165 -54.26 8.16 -0.01
C ILE A 165 -54.62 8.86 -1.30
N PRO A 166 -55.45 8.24 -2.14
CA PRO A 166 -55.75 8.83 -3.45
C PRO A 166 -56.68 10.04 -3.33
N GLY A 167 -56.47 10.97 -4.23
CA GLY A 167 -57.25 12.20 -4.26
C GLY A 167 -57.90 12.42 -5.62
N LYS A 168 -59.10 12.96 -5.58
CA LYS A 168 -59.89 13.29 -6.78
C LYS A 168 -60.33 14.74 -6.68
N SER A 169 -59.98 15.55 -7.67
CA SER A 169 -60.47 16.92 -7.67
C SER A 169 -61.97 16.95 -7.96
N ASP A 170 -62.45 16.08 -8.85
CA ASP A 170 -63.89 15.88 -9.03
C ASP A 170 -64.24 14.50 -8.50
N PRO A 171 -64.89 14.39 -7.33
CA PRO A 171 -65.29 13.05 -6.85
C PRO A 171 -66.20 12.32 -7.82
N SER A 172 -67.11 13.03 -8.49
CA SER A 172 -67.96 12.45 -9.53
C SER A 172 -67.18 11.79 -10.66
N SER A 173 -65.85 11.89 -10.64
CA SER A 173 -64.98 11.30 -11.65
C SER A 173 -64.33 10.02 -11.13
N SER A 174 -63.83 9.22 -12.07
CA SER A 174 -63.11 8.00 -11.78
C SER A 174 -61.60 8.17 -11.91
N VAL A 175 -61.12 9.41 -11.90
CA VAL A 175 -59.72 9.73 -12.16
C VAL A 175 -59.05 10.26 -10.89
N VAL A 176 -57.96 9.61 -10.48
CA VAL A 176 -57.13 10.16 -9.41
C VAL A 176 -56.18 11.17 -10.03
N ASP A 177 -56.22 12.40 -9.57
CA ASP A 177 -55.35 13.45 -10.10
C ASP A 177 -54.52 14.14 -9.03
N PHE A 178 -54.58 13.71 -7.77
CA PHE A 178 -53.61 14.12 -6.77
C PHE A 178 -53.58 13.08 -5.67
N PHE A 179 -52.69 13.29 -4.70
CA PHE A 179 -52.54 12.40 -3.57
C PHE A 179 -52.52 13.19 -2.28
N THR A 180 -53.11 12.61 -1.24
CA THR A 180 -53.04 13.16 0.11
C THR A 180 -52.04 12.34 0.92
N VAL A 181 -50.97 12.97 1.38
CA VAL A 181 -49.97 12.35 2.23
C VAL A 181 -50.20 12.76 3.67
N ARG A 182 -50.36 11.77 4.55
CA ARG A 182 -50.64 11.98 5.97
C ARG A 182 -49.41 11.61 6.78
N SER A 183 -49.06 12.46 7.73
CA SER A 183 -47.90 12.20 8.58
C SER A 183 -48.28 12.46 10.02
N ARG A 184 -47.61 11.73 10.91
CA ARG A 184 -47.73 11.85 12.35
C ARG A 184 -46.49 12.56 12.90
N ASN A 185 -46.71 13.61 13.71
CA ASN A 185 -45.60 14.30 14.34
C ASN A 185 -44.97 13.46 15.45
N VAL A 186 -43.65 13.28 15.40
CA VAL A 186 -43.04 12.33 16.34
C VAL A 186 -43.07 12.87 17.76
N GLU A 187 -43.24 14.17 17.93
CA GLU A 187 -43.23 14.77 19.26
C GLU A 187 -44.63 14.90 19.84
N THR A 188 -45.62 15.25 19.03
CA THR A 188 -46.99 15.47 19.48
C THR A 188 -47.95 14.35 19.14
N GLY A 189 -47.69 13.58 18.08
CA GLY A 189 -48.65 12.60 17.60
C GLY A 189 -49.72 13.17 16.69
N GLU A 190 -49.74 14.49 16.49
CA GLU A 190 -50.72 15.09 15.60
C GLU A 190 -50.51 14.61 14.16
N ILE A 191 -51.63 14.37 13.48
CA ILE A 191 -51.64 13.93 12.10
C ILE A 191 -51.85 15.15 11.22
N SER A 192 -51.00 15.28 10.21
CA SER A 192 -51.03 16.36 9.24
C SER A 192 -51.33 15.76 7.87
N ALA A 193 -52.00 16.53 7.03
CA ALA A 193 -52.33 16.09 5.67
C ALA A 193 -51.81 17.12 4.67
N ARG A 194 -51.07 16.65 3.67
CA ARG A 194 -50.60 17.53 2.60
C ARG A 194 -50.98 16.97 1.24
N ARG A 195 -51.46 17.84 0.35
CA ARG A 195 -51.90 17.46 -0.99
C ARG A 195 -50.82 17.70 -2.02
N THR A 196 -50.62 16.73 -2.91
CA THR A 196 -49.59 16.88 -3.93
C THR A 196 -50.03 16.13 -5.19
N ARG A 197 -49.48 16.56 -6.33
CA ARG A 197 -49.72 15.85 -7.56
C ARG A 197 -48.78 14.67 -7.76
N LYS A 198 -47.54 14.78 -7.29
CA LYS A 198 -46.58 13.70 -7.48
C LYS A 198 -45.93 13.36 -6.15
N VAL A 199 -45.63 12.09 -5.93
CA VAL A 199 -45.01 11.65 -4.68
C VAL A 199 -43.73 10.89 -5.01
N VAL A 200 -42.67 11.19 -4.26
CA VAL A 200 -41.42 10.44 -4.26
C VAL A 200 -41.31 9.73 -2.91
N ILE A 201 -41.03 8.43 -2.96
CA ILE A 201 -40.78 7.62 -1.76
C ILE A 201 -39.29 7.33 -1.70
N ALA A 202 -38.63 7.82 -0.66
CA ALA A 202 -37.19 7.67 -0.51
C ALA A 202 -36.90 7.43 0.98
N ILE A 203 -37.30 6.28 1.48
CA ILE A 203 -37.30 6.02 2.92
C ILE A 203 -36.22 5.03 3.33
N GLY A 204 -35.28 4.74 2.45
CA GLY A 204 -34.16 3.90 2.85
C GLY A 204 -34.62 2.50 3.19
N GLY A 205 -33.97 1.91 4.17
CA GLY A 205 -34.24 0.54 4.55
C GLY A 205 -34.67 0.40 6.00
N THR A 206 -35.26 -0.73 6.34
CA THR A 206 -35.56 -1.05 7.73
C THR A 206 -34.67 -2.21 8.22
N ALA A 207 -34.49 -2.26 9.52
CA ALA A 207 -33.68 -3.31 10.14
C ALA A 207 -34.25 -4.67 9.81
N LYS A 208 -33.39 -5.56 9.34
CA LYS A 208 -33.78 -6.94 9.07
C LYS A 208 -33.39 -7.76 10.29
N MET A 209 -34.37 -8.36 10.94
CA MET A 209 -34.00 -9.23 12.07
C MET A 209 -34.26 -10.69 11.74
N PRO A 210 -33.39 -11.59 12.18
CA PRO A 210 -33.66 -13.02 12.03
C PRO A 210 -34.99 -13.37 12.68
N SER A 211 -35.79 -14.17 11.97
CA SER A 211 -37.16 -14.40 12.42
C SER A 211 -37.25 -15.15 13.74
N GLY A 212 -36.24 -15.97 14.08
CA GLY A 212 -36.30 -16.76 15.29
C GLY A 212 -36.00 -16.00 16.57
N LEU A 213 -35.41 -14.82 16.46
CA LEU A 213 -35.01 -14.09 17.65
C LEU A 213 -36.23 -13.44 18.30
N PRO A 214 -36.33 -13.46 19.63
CA PRO A 214 -37.41 -12.76 20.32
C PRO A 214 -37.08 -11.28 20.49
N GLN A 215 -38.09 -10.50 20.86
CA GLN A 215 -37.84 -9.12 21.20
C GLN A 215 -37.42 -9.04 22.66
N ASP A 216 -36.41 -8.22 22.93
CA ASP A 216 -35.78 -8.01 24.22
C ASP A 216 -34.91 -6.75 24.10
N PRO A 217 -34.91 -5.89 25.12
CA PRO A 217 -34.06 -4.68 25.05
C PRO A 217 -32.58 -4.98 24.92
N ARG A 218 -32.14 -6.22 25.19
CA ARG A 218 -30.75 -6.62 25.06
C ARG A 218 -30.41 -7.17 23.68
N ILE A 219 -31.39 -7.34 22.80
CA ILE A 219 -31.16 -7.73 21.42
C ILE A 219 -31.36 -6.48 20.58
N ILE A 220 -30.27 -5.93 20.05
CA ILE A 220 -30.25 -4.61 19.44
C ILE A 220 -29.65 -4.71 18.04
N HIS A 221 -30.42 -4.32 17.03
CA HIS A 221 -29.92 -4.29 15.65
C HIS A 221 -28.80 -3.26 15.51
N SER A 222 -27.91 -3.52 14.55
CA SER A 222 -26.72 -2.67 14.35
C SER A 222 -27.11 -1.21 14.15
N SER A 223 -28.25 -0.97 13.49
CA SER A 223 -28.64 0.39 13.19
C SER A 223 -28.79 1.24 14.44
N LYS A 224 -29.00 0.63 15.62
CA LYS A 224 -29.19 1.37 16.86
C LYS A 224 -28.04 1.15 17.84
N TYR A 225 -26.85 0.82 17.32
CA TYR A 225 -25.69 0.49 18.16
C TYR A 225 -25.24 1.69 18.99
N CYS A 226 -24.95 2.81 18.33
CA CYS A 226 -24.40 3.97 19.01
C CYS A 226 -25.41 4.64 19.93
N THR A 227 -26.69 4.44 19.68
CA THR A 227 -27.74 5.18 20.34
C THR A 227 -28.43 4.41 21.46
N THR A 228 -28.48 3.08 21.38
CA THR A 228 -29.17 2.26 22.37
C THR A 228 -28.23 1.47 23.27
N LEU A 229 -27.18 0.87 22.71
CA LEU A 229 -26.30 0.02 23.52
C LEU A 229 -25.71 0.74 24.73
N PRO A 230 -25.14 1.95 24.62
CA PRO A 230 -24.60 2.60 25.81
C PRO A 230 -25.64 2.86 26.88
N ALA A 231 -26.89 3.07 26.51
CA ALA A 231 -27.93 3.24 27.51
C ALA A 231 -28.18 1.95 28.27
N LEU A 232 -27.93 0.79 27.63
CA LEU A 232 -28.11 -0.51 28.27
C LEU A 232 -26.91 -0.88 29.12
N LEU A 233 -25.71 -0.78 28.55
CA LEU A 233 -24.48 -1.16 29.24
C LEU A 233 -23.75 0.11 29.63
N LYS A 234 -24.18 0.72 30.76
CA LYS A 234 -23.73 2.07 31.09
C LYS A 234 -22.28 2.10 31.58
N ASP A 235 -21.81 1.04 32.22
CA ASP A 235 -20.50 1.04 32.85
C ASP A 235 -19.46 0.51 31.86
N LYS A 236 -18.61 1.40 31.35
CA LYS A 236 -17.62 1.05 30.33
C LYS A 236 -16.50 0.16 30.87
N SER A 237 -16.46 -0.12 32.18
CA SER A 237 -15.38 -0.92 32.74
C SER A 237 -15.80 -2.34 33.10
N LYS A 238 -17.11 -2.67 33.02
CA LYS A 238 -17.53 -3.99 33.44
C LYS A 238 -17.14 -5.04 32.40
N PRO A 239 -16.81 -6.25 32.86
CA PRO A 239 -16.48 -7.35 31.92
C PRO A 239 -17.74 -7.98 31.33
N TYR A 240 -18.41 -7.21 30.49
CA TYR A 240 -19.60 -7.70 29.83
C TYR A 240 -19.26 -8.80 28.83
N ASN A 241 -20.21 -9.71 28.62
CA ASN A 241 -20.20 -10.62 27.47
C ASN A 241 -21.11 -10.03 26.41
N ILE A 242 -20.55 -9.70 25.26
CA ILE A 242 -21.36 -9.14 24.17
C ILE A 242 -21.16 -9.98 22.92
N ALA A 243 -22.26 -10.47 22.37
CA ALA A 243 -22.25 -11.22 21.13
C ALA A 243 -22.62 -10.31 19.96
N VAL A 244 -22.09 -10.63 18.79
CA VAL A 244 -22.41 -9.93 17.55
C VAL A 244 -22.77 -10.97 16.50
N LEU A 245 -23.90 -10.78 15.82
CA LEU A 245 -24.38 -11.72 14.82
C LEU A 245 -24.20 -11.12 13.42
N GLY A 246 -23.49 -11.85 12.55
CA GLY A 246 -23.28 -11.40 11.19
C GLY A 246 -21.80 -11.28 10.84
N SER A 247 -21.56 -11.08 9.54
CA SER A 247 -20.18 -11.00 9.06
C SER A 247 -20.00 -9.98 7.93
N GLY A 248 -20.92 -9.04 7.79
CA GLY A 248 -20.75 -7.92 6.88
C GLY A 248 -20.11 -6.72 7.57
N GLN A 249 -20.11 -5.61 6.84
CA GLN A 249 -19.39 -4.42 7.30
C GLN A 249 -19.87 -3.95 8.66
N SER A 250 -21.19 -4.02 8.91
CA SER A 250 -21.72 -3.59 10.21
C SER A 250 -21.19 -4.45 11.35
N ALA A 251 -21.17 -5.78 11.16
CA ALA A 251 -20.64 -6.71 12.16
C ALA A 251 -19.17 -6.44 12.45
N ALA A 252 -18.38 -6.29 11.38
CA ALA A 252 -16.95 -6.09 11.56
C ALA A 252 -16.67 -4.82 12.34
N GLU A 253 -17.42 -3.75 12.06
CA GLU A 253 -17.19 -2.49 12.75
C GLU A 253 -17.64 -2.56 14.20
N ILE A 254 -18.76 -3.23 14.46
CA ILE A 254 -19.24 -3.29 15.84
C ILE A 254 -18.30 -4.15 16.68
N PHE A 255 -17.94 -5.33 16.17
CA PHE A 255 -17.00 -6.23 16.85
C PHE A 255 -15.67 -5.54 17.17
N HIS A 256 -15.11 -4.81 16.20
CA HIS A 256 -13.86 -4.11 16.43
C HIS A 256 -14.05 -2.99 17.46
N ASP A 257 -15.15 -2.25 17.37
CA ASP A 257 -15.33 -1.12 18.26
C ASP A 257 -15.61 -1.56 19.69
N LEU A 258 -16.32 -2.68 19.87
CA LEU A 258 -16.68 -3.10 21.21
C LEU A 258 -15.44 -3.38 22.05
N GLN A 259 -14.36 -3.83 21.42
CA GLN A 259 -13.15 -4.15 22.16
C GLN A 259 -12.47 -2.90 22.68
N LYS A 260 -12.63 -1.78 21.98
CA LYS A 260 -12.12 -0.52 22.48
C LYS A 260 -13.10 0.14 23.45
N ARG A 261 -14.40 0.07 23.14
CA ARG A 261 -15.39 0.75 23.97
C ARG A 261 -15.49 0.10 25.33
N TYR A 262 -15.49 -1.23 25.37
CA TYR A 262 -15.55 -1.99 26.62
C TYR A 262 -14.29 -2.84 26.75
N PRO A 263 -13.19 -2.24 27.22
CA PRO A 263 -11.90 -2.95 27.18
C PRO A 263 -11.88 -4.25 27.97
N ASN A 264 -12.67 -4.37 29.02
CA ASN A 264 -12.66 -5.59 29.81
C ASN A 264 -13.74 -6.57 29.39
N SER A 265 -14.44 -6.29 28.30
CA SER A 265 -15.54 -7.16 27.89
C SER A 265 -15.02 -8.43 27.22
N ARG A 266 -15.88 -9.43 27.14
CA ARG A 266 -15.61 -10.64 26.36
C ARG A 266 -16.59 -10.62 25.19
N THR A 267 -16.07 -10.36 23.99
CA THR A 267 -16.92 -10.24 22.82
C THR A 267 -16.77 -11.45 21.92
N THR A 268 -17.87 -11.82 21.28
CA THR A 268 -17.91 -13.01 20.45
C THR A 268 -18.63 -12.69 19.16
N LEU A 269 -17.95 -12.90 18.02
CA LEU A 269 -18.52 -12.71 16.69
C LEU A 269 -19.03 -14.05 16.18
N ILE A 270 -20.34 -14.10 15.89
CA ILE A 270 -21.05 -15.32 15.49
C ILE A 270 -21.46 -15.14 14.04
N MET A 271 -20.97 -16.01 13.17
CA MET A 271 -21.25 -15.88 11.76
C MET A 271 -21.59 -17.24 11.17
N ARG A 272 -22.45 -17.24 10.16
CA ARG A 272 -22.77 -18.51 9.54
C ARG A 272 -21.84 -18.85 8.39
N ASP A 273 -21.18 -17.86 7.81
CA ASP A 273 -20.13 -18.14 6.85
C ASP A 273 -18.91 -18.71 7.58
N SER A 274 -17.92 -19.14 6.80
CA SER A 274 -16.71 -19.61 7.44
C SER A 274 -15.74 -18.49 7.77
N ALA A 275 -15.87 -17.32 7.15
CA ALA A 275 -14.86 -16.28 7.32
C ALA A 275 -15.41 -14.95 6.83
N MET A 276 -14.95 -13.86 7.44
CA MET A 276 -15.15 -12.54 6.85
C MET A 276 -14.45 -12.47 5.50
N ARG A 277 -15.14 -11.91 4.50
CA ARG A 277 -14.62 -11.83 3.16
C ARG A 277 -14.51 -10.39 2.67
N PRO A 278 -13.52 -10.07 1.87
CA PRO A 278 -13.29 -8.67 1.50
C PRO A 278 -14.29 -8.17 0.50
N SER A 279 -14.68 -6.92 0.65
CA SER A 279 -15.50 -6.28 -0.36
C SER A 279 -14.66 -6.03 -1.62
N ASP A 280 -15.33 -6.07 -2.77
CA ASP A 280 -14.69 -5.97 -4.09
C ASP A 280 -15.01 -4.60 -4.70
N ASP A 281 -14.01 -3.75 -4.82
CA ASP A 281 -14.16 -2.57 -5.67
C ASP A 281 -12.98 -2.47 -6.64
N SER A 282 -12.46 -3.63 -7.08
CA SER A 282 -11.48 -3.64 -8.16
C SER A 282 -12.07 -2.93 -9.38
N PRO A 283 -11.24 -2.27 -10.19
CA PRO A 283 -11.77 -1.25 -11.11
C PRO A 283 -12.70 -1.79 -12.20
N PHE A 284 -12.41 -2.94 -12.82
CA PHE A 284 -13.31 -3.45 -13.85
C PHE A 284 -14.64 -3.89 -13.25
N VAL A 285 -14.58 -4.65 -12.16
CA VAL A 285 -15.79 -5.07 -11.46
C VAL A 285 -16.61 -3.84 -11.04
N ASN A 286 -15.93 -2.77 -10.62
CA ASN A 286 -16.63 -1.63 -10.05
C ASN A 286 -17.41 -0.82 -11.07
N GLU A 287 -17.24 -1.09 -12.36
CA GLU A 287 -17.96 -0.34 -13.38
C GLU A 287 -19.47 -0.61 -13.34
N ILE A 288 -19.93 -1.69 -12.71
CA ILE A 288 -21.37 -1.92 -12.55
C ILE A 288 -22.03 -0.74 -11.85
N PHE A 289 -21.28 0.03 -11.08
CA PHE A 289 -21.83 1.16 -10.36
C PHE A 289 -21.86 2.42 -11.20
N ASN A 290 -21.31 2.40 -12.40
CA ASN A 290 -21.28 3.62 -13.21
C ASN A 290 -22.70 4.08 -13.49
N PRO A 291 -22.95 5.39 -13.48
CA PRO A 291 -24.31 5.87 -13.75
C PRO A 291 -24.87 5.35 -15.06
N GLU A 292 -24.08 5.35 -16.13
CA GLU A 292 -24.62 4.95 -17.42
C GLU A 292 -24.92 3.45 -17.51
N ARG A 293 -24.54 2.64 -16.52
CA ARG A 293 -24.91 1.23 -16.53
C ARG A 293 -26.39 1.01 -16.23
N VAL A 294 -27.06 1.99 -15.61
CA VAL A 294 -28.45 1.81 -15.19
C VAL A 294 -29.34 1.48 -16.39
N ASP A 295 -29.09 2.14 -17.52
CA ASP A 295 -29.84 1.82 -18.74
C ASP A 295 -29.64 0.36 -19.15
N LYS A 296 -28.38 -0.08 -19.21
CA LYS A 296 -28.12 -1.46 -19.64
C LYS A 296 -28.73 -2.45 -18.64
N PHE A 297 -28.50 -2.25 -17.35
CA PHE A 297 -29.05 -3.16 -16.35
C PHE A 297 -30.58 -3.19 -16.43
N TYR A 298 -31.23 -2.03 -16.48
CA TYR A 298 -32.70 -1.99 -16.46
C TYR A 298 -33.29 -2.80 -17.59
N SER A 299 -32.66 -2.78 -18.75
CA SER A 299 -33.21 -3.43 -19.94
C SER A 299 -32.96 -4.94 -19.99
N GLN A 300 -32.10 -5.49 -19.14
CA GLN A 300 -31.90 -6.94 -19.15
C GLN A 300 -33.13 -7.68 -18.59
N SER A 301 -33.23 -8.97 -18.91
CA SER A 301 -34.34 -9.77 -18.43
C SER A 301 -34.27 -9.98 -16.92
N ALA A 302 -35.38 -10.45 -16.36
CA ALA A 302 -35.43 -10.71 -14.92
C ALA A 302 -34.42 -11.80 -14.53
N ALA A 303 -34.26 -12.81 -15.38
CA ALA A 303 -33.29 -13.87 -15.07
C ALA A 303 -31.87 -13.34 -15.13
N GLU A 304 -31.54 -12.57 -16.17
CA GLU A 304 -30.20 -12.04 -16.28
C GLU A 304 -29.90 -11.07 -15.14
N ARG A 305 -30.89 -10.23 -14.79
CA ARG A 305 -30.67 -9.26 -13.70
C ARG A 305 -30.37 -9.98 -12.39
N GLN A 306 -31.09 -11.07 -12.10
CA GLN A 306 -30.81 -11.82 -10.89
C GLN A 306 -29.42 -12.47 -10.94
N ARG A 307 -29.05 -13.01 -12.10
CA ARG A 307 -27.78 -13.71 -12.20
C ARG A 307 -26.60 -12.77 -11.97
N SER A 308 -26.65 -11.56 -12.56
CA SER A 308 -25.55 -10.61 -12.39
C SER A 308 -25.43 -10.13 -10.95
N LEU A 309 -26.56 -9.80 -10.31
CA LEU A 309 -26.52 -9.38 -8.91
C LEU A 309 -25.87 -10.44 -8.03
N LEU A 310 -26.16 -11.71 -8.34
CA LEU A 310 -25.52 -12.80 -7.62
C LEU A 310 -24.05 -12.90 -7.98
N ALA A 311 -23.71 -12.64 -9.25
CA ALA A 311 -22.32 -12.67 -9.67
C ALA A 311 -21.51 -11.54 -9.04
N ASP A 312 -22.14 -10.40 -8.75
CA ASP A 312 -21.45 -9.24 -8.22
C ASP A 312 -21.70 -9.04 -6.71
N LYS A 313 -22.13 -10.10 -6.01
CA LYS A 313 -22.49 -9.98 -4.60
C LYS A 313 -21.38 -9.38 -3.75
N ALA A 314 -20.13 -9.76 -4.00
CA ALA A 314 -19.00 -9.34 -3.18
C ALA A 314 -18.71 -7.84 -3.28
N THR A 315 -19.42 -7.10 -4.10
CA THR A 315 -19.23 -5.67 -4.14
C THR A 315 -19.98 -4.95 -3.00
N ASN A 316 -20.93 -5.61 -2.33
CA ASN A 316 -21.74 -4.84 -1.39
C ASN A 316 -22.24 -5.63 -0.19
N TYR A 317 -22.80 -6.81 -0.40
CA TYR A 317 -23.40 -7.54 0.69
C TYR A 317 -22.42 -8.53 1.31
N SER A 318 -22.45 -8.59 2.66
CA SER A 318 -21.74 -9.60 3.44
C SER A 318 -20.24 -9.54 3.22
N VAL A 319 -19.69 -8.33 3.13
CA VAL A 319 -18.28 -8.17 2.87
C VAL A 319 -17.73 -7.04 3.74
N VAL A 320 -16.45 -7.16 4.05
CA VAL A 320 -15.76 -6.21 4.93
C VAL A 320 -14.63 -5.60 4.13
N ARG A 321 -14.41 -4.30 4.31
CA ARG A 321 -13.26 -3.67 3.68
C ARG A 321 -11.99 -4.39 4.11
N LEU A 322 -11.17 -4.76 3.12
CA LEU A 322 -9.98 -5.59 3.36
C LEU A 322 -9.17 -5.09 4.54
N GLU A 323 -8.95 -3.77 4.63
CA GLU A 323 -8.15 -3.21 5.72
C GLU A 323 -8.76 -3.49 7.09
N LEU A 324 -10.10 -3.51 7.20
CA LEU A 324 -10.70 -3.76 8.51
C LEU A 324 -10.55 -5.23 8.91
N ILE A 325 -10.65 -6.13 7.94
CA ILE A 325 -10.37 -7.54 8.19
C ILE A 325 -8.95 -7.70 8.73
N GLU A 326 -7.97 -7.08 8.07
CA GLU A 326 -6.57 -7.23 8.49
C GLU A 326 -6.36 -6.77 9.92
N GLU A 327 -7.04 -5.69 10.33
CA GLU A 327 -6.90 -5.23 11.71
C GLU A 327 -7.49 -6.25 12.68
N ILE A 328 -8.68 -6.77 12.36
CA ILE A 328 -9.31 -7.74 13.25
C ILE A 328 -8.47 -9.00 13.36
N TYR A 329 -7.93 -9.47 12.22
CA TYR A 329 -7.06 -10.65 12.22
C TYR A 329 -5.80 -10.40 13.05
N ASN A 330 -5.23 -9.20 12.94
CA ASN A 330 -4.05 -8.85 13.71
C ASN A 330 -4.35 -8.88 15.21
N ASP A 331 -5.50 -8.32 15.63
CA ASP A 331 -5.90 -8.37 17.03
C ASP A 331 -6.03 -9.80 17.53
N MET A 332 -6.61 -10.68 16.73
CA MET A 332 -6.69 -12.09 17.12
C MET A 332 -5.30 -12.70 17.16
N TYR A 333 -4.44 -12.34 16.20
CA TYR A 333 -3.09 -12.87 16.19
C TYR A 333 -2.35 -12.51 17.47
N LEU A 334 -2.50 -11.25 17.91
CA LEU A 334 -1.88 -10.82 19.17
C LEU A 334 -2.38 -11.64 20.35
N GLN A 335 -3.67 -11.97 20.35
CA GLN A 335 -4.19 -12.85 21.40
C GLN A 335 -3.53 -14.23 21.34
N ARG A 336 -3.29 -14.74 20.13
CA ARG A 336 -2.64 -16.03 19.99
C ARG A 336 -1.21 -16.00 20.51
N VAL A 337 -0.52 -14.86 20.31
CA VAL A 337 0.80 -14.67 20.89
C VAL A 337 0.75 -14.79 22.40
N LYS A 338 -0.26 -14.18 23.02
CA LYS A 338 -0.37 -14.18 24.49
C LYS A 338 -0.80 -15.53 25.02
N ASN A 339 -1.64 -16.27 24.27
CA ASN A 339 -2.15 -17.55 24.73
C ASN A 339 -2.48 -18.41 23.51
N PRO A 340 -1.78 -19.54 23.33
CA PRO A 340 -1.99 -20.35 22.13
C PRO A 340 -3.35 -21.03 22.09
N ASP A 341 -4.09 -21.02 23.19
CA ASP A 341 -5.39 -21.71 23.28
C ASP A 341 -6.50 -20.73 22.94
N GLU A 342 -7.05 -20.87 21.73
CA GLU A 342 -8.05 -19.94 21.26
C GLU A 342 -9.23 -19.84 22.22
N THR A 343 -9.61 -20.94 22.87
CA THR A 343 -10.79 -20.93 23.74
C THR A 343 -10.62 -20.04 24.98
N GLN A 344 -9.40 -19.66 25.34
CA GLN A 344 -9.17 -18.79 26.48
C GLN A 344 -9.08 -17.32 26.10
N TRP A 345 -9.27 -16.98 24.82
CA TRP A 345 -9.12 -15.61 24.34
C TRP A 345 -10.25 -14.73 24.85
N GLN A 346 -9.93 -13.46 25.08
CA GLN A 346 -10.93 -12.49 25.50
C GLN A 346 -11.97 -12.29 24.42
N HIS A 347 -11.53 -12.17 23.16
CA HIS A 347 -12.41 -11.91 22.03
C HIS A 347 -12.26 -13.04 21.02
N ARG A 348 -13.40 -13.57 20.55
CA ARG A 348 -13.42 -14.80 19.78
C ARG A 348 -14.37 -14.66 18.59
N ILE A 349 -14.05 -15.40 17.53
CA ILE A 349 -14.88 -15.49 16.34
C ILE A 349 -15.35 -16.93 16.21
N LEU A 350 -16.66 -17.13 16.16
CA LEU A 350 -17.21 -18.47 16.04
C LEU A 350 -17.84 -18.64 14.66
N PRO A 351 -17.15 -19.20 13.69
CA PRO A 351 -17.72 -19.29 12.33
C PRO A 351 -18.62 -20.52 12.17
N GLU A 352 -19.40 -20.49 11.09
CA GLU A 352 -20.28 -21.59 10.72
C GLU A 352 -21.22 -21.94 11.86
N ARG A 353 -21.80 -20.92 12.48
CA ARG A 353 -22.79 -21.09 13.52
C ARG A 353 -24.08 -20.38 13.14
N LYS A 354 -25.19 -20.91 13.65
CA LYS A 354 -26.47 -20.21 13.61
C LYS A 354 -27.09 -20.27 15.00
N ILE A 355 -27.90 -19.28 15.32
CA ILE A 355 -28.61 -19.21 16.59
C ILE A 355 -29.91 -20.01 16.48
N THR A 356 -30.07 -21.00 17.34
CA THR A 356 -31.30 -21.79 17.33
C THR A 356 -32.29 -21.37 18.38
N ARG A 357 -31.82 -20.83 19.52
CA ARG A 357 -32.69 -20.39 20.61
C ARG A 357 -31.98 -19.32 21.42
N VAL A 358 -32.77 -18.37 21.92
CA VAL A 358 -32.30 -17.37 22.88
C VAL A 358 -33.28 -17.38 24.05
N GLU A 359 -32.80 -17.78 25.22
CA GLU A 359 -33.58 -17.73 26.45
C GLU A 359 -33.37 -16.37 27.12
N HIS A 360 -34.47 -15.66 27.37
CA HIS A 360 -34.43 -14.28 27.86
C HIS A 360 -35.46 -13.95 28.93
N HIS A 361 -36.38 -14.85 29.28
CA HIS A 361 -37.39 -14.58 30.30
C HIS A 361 -36.76 -14.77 31.67
N GLY A 362 -36.69 -13.70 32.46
CA GLY A 362 -36.14 -13.80 33.79
C GLY A 362 -35.58 -12.50 34.33
N PRO A 363 -35.34 -12.46 35.65
CA PRO A 363 -34.73 -11.25 36.24
C PRO A 363 -33.23 -11.19 36.05
N GLN A 364 -32.56 -12.32 35.83
CA GLN A 364 -31.12 -12.36 35.68
C GLN A 364 -30.68 -11.56 34.46
N SER A 365 -29.49 -10.96 34.56
CA SER A 365 -29.11 -9.94 33.61
C SER A 365 -28.83 -10.50 32.23
N ARG A 366 -28.39 -11.75 32.15
CA ARG A 366 -27.88 -12.31 30.90
C ARG A 366 -28.88 -13.23 30.21
N MET A 367 -28.86 -13.17 28.88
CA MET A 367 -29.59 -14.11 28.04
C MET A 367 -28.70 -15.31 27.73
N ARG A 368 -29.33 -16.43 27.38
CA ARG A 368 -28.59 -17.64 27.03
C ARG A 368 -28.80 -17.89 25.54
N ILE A 369 -27.71 -17.79 24.77
CA ILE A 369 -27.73 -18.02 23.32
C ILE A 369 -27.35 -19.48 23.05
N HIS A 370 -28.17 -20.17 22.27
CA HIS A 370 -27.92 -21.53 21.84
C HIS A 370 -27.43 -21.52 20.39
N LEU A 371 -26.30 -22.18 20.15
CA LEU A 371 -25.67 -22.17 18.83
C LEU A 371 -25.67 -23.57 18.21
N LYS A 372 -25.98 -23.63 16.91
CA LYS A 372 -25.90 -24.85 16.11
C LYS A 372 -25.04 -24.57 14.89
N SER A 373 -24.63 -25.64 14.21
CA SER A 373 -23.88 -25.49 12.98
C SER A 373 -24.75 -24.91 11.87
N SER A 374 -24.16 -24.04 11.06
CA SER A 374 -24.88 -23.48 9.93
C SER A 374 -24.86 -24.39 8.70
N LYS A 375 -24.21 -25.55 8.78
CA LYS A 375 -24.22 -26.48 7.67
C LYS A 375 -25.62 -27.03 7.47
N PRO A 376 -26.10 -27.14 6.21
CA PRO A 376 -27.43 -27.70 5.95
C PRO A 376 -27.60 -29.13 6.48
N LYS A 386 -23.37 -29.50 21.91
CA LYS A 386 -24.15 -28.33 22.35
C LYS A 386 -23.23 -27.15 22.63
N GLU A 387 -23.57 -25.97 22.10
CA GLU A 387 -22.87 -24.74 22.47
C GLU A 387 -23.86 -23.68 22.92
N THR A 388 -23.54 -23.04 24.05
CA THR A 388 -24.32 -21.91 24.54
C THR A 388 -23.39 -20.79 24.99
N LEU A 389 -23.91 -19.57 24.89
CA LEU A 389 -23.28 -18.35 25.36
C LEU A 389 -24.24 -17.65 26.30
N GLU A 390 -23.74 -17.14 27.40
CA GLU A 390 -24.50 -16.25 28.26
C GLU A 390 -24.02 -14.82 28.02
N VAL A 391 -24.92 -13.95 27.58
CA VAL A 391 -24.56 -12.61 27.13
C VAL A 391 -25.42 -11.55 27.79
N ASP A 392 -24.80 -10.39 28.02
CA ASP A 392 -25.48 -9.17 28.44
C ASP A 392 -26.15 -8.45 27.27
N ALA A 393 -25.69 -8.66 26.05
CA ALA A 393 -26.31 -8.00 24.90
C ALA A 393 -25.96 -8.76 23.63
N LEU A 394 -26.85 -8.69 22.65
CA LEU A 394 -26.62 -9.29 21.34
C LEU A 394 -26.82 -8.21 20.29
N MET A 395 -25.73 -7.85 19.59
CA MET A 395 -25.82 -6.93 18.46
C MET A 395 -26.12 -7.76 17.21
N VAL A 396 -27.21 -7.44 16.54
CA VAL A 396 -27.70 -8.19 15.39
C VAL A 396 -27.39 -7.40 14.14
N ALA A 397 -26.29 -7.76 13.47
CA ALA A 397 -25.81 -7.02 12.29
C ALA A 397 -26.19 -7.76 11.01
N THR A 398 -27.50 -7.90 10.83
CA THR A 398 -28.04 -8.78 9.79
C THR A 398 -28.65 -8.01 8.62
N GLY A 399 -28.27 -6.76 8.42
CA GLY A 399 -28.65 -6.08 7.20
C GLY A 399 -30.00 -5.40 7.24
N TYR A 400 -30.54 -5.19 6.04
CA TYR A 400 -31.70 -4.33 5.87
C TYR A 400 -32.68 -4.91 4.86
N ASN A 401 -33.95 -4.55 5.03
CA ASN A 401 -34.98 -4.76 4.01
C ASN A 401 -35.35 -3.41 3.41
N ARG A 402 -35.87 -3.42 2.17
CA ARG A 402 -36.29 -2.20 1.49
C ARG A 402 -37.69 -2.37 0.85
N ASN A 403 -38.71 -2.60 1.70
CA ASN A 403 -40.08 -2.72 1.20
C ASN A 403 -41.10 -1.99 2.05
N ALA A 404 -40.66 -1.05 2.90
CA ALA A 404 -41.59 -0.31 3.75
C ALA A 404 -42.53 0.56 2.93
N HIS A 405 -42.22 0.79 1.65
CA HIS A 405 -43.15 1.53 0.80
C HIS A 405 -44.43 0.75 0.56
N GLU A 406 -44.36 -0.59 0.63
CA GLU A 406 -45.57 -1.40 0.45
C GLU A 406 -46.63 -1.06 1.49
N ARG A 407 -46.26 -0.91 2.76
CA ARG A 407 -47.24 -0.53 3.77
C ARG A 407 -47.65 0.93 3.59
N LEU A 408 -46.71 1.79 3.20
CA LEU A 408 -47.00 3.21 3.04
C LEU A 408 -47.98 3.47 1.90
N LEU A 409 -47.93 2.65 0.85
CA LEU A 409 -48.73 2.84 -0.35
C LEU A 409 -49.95 1.95 -0.43
N SER A 410 -50.33 1.25 0.66
CA SER A 410 -51.35 0.22 0.50
C SER A 410 -52.71 0.81 0.11
N LYS A 411 -53.00 2.07 0.47
CA LYS A 411 -54.28 2.65 0.13
C LYS A 411 -54.36 3.21 -1.30
N VAL A 412 -53.29 3.07 -2.10
CA VAL A 412 -53.34 3.41 -3.51
C VAL A 412 -53.04 2.19 -4.38
N GLN A 413 -52.94 1.02 -3.74
CA GLN A 413 -52.58 -0.21 -4.43
C GLN A 413 -53.59 -0.61 -5.49
N HIS A 414 -54.86 -0.21 -5.32
CA HIS A 414 -55.92 -0.51 -6.29
C HIS A 414 -55.78 0.28 -7.60
N LEU A 415 -54.88 1.26 -7.66
CA LEU A 415 -54.65 2.05 -8.87
C LEU A 415 -53.66 1.38 -9.81
N ARG A 416 -53.04 0.27 -9.41
CA ARG A 416 -52.10 -0.44 -10.27
C ARG A 416 -52.84 -1.13 -11.41
N PRO A 417 -52.15 -1.45 -12.51
CA PRO A 417 -52.77 -2.29 -13.52
C PRO A 417 -53.23 -3.59 -12.87
N THR A 418 -54.40 -4.06 -13.28
CA THR A 418 -54.97 -5.25 -12.66
C THR A 418 -54.05 -6.44 -12.86
N GLY A 419 -53.67 -7.08 -11.76
CA GLY A 419 -52.84 -8.28 -11.76
C GLY A 419 -51.46 -8.14 -11.16
N GLN A 420 -51.00 -6.93 -10.86
CA GLN A 420 -49.70 -6.77 -10.23
C GLN A 420 -49.81 -6.96 -8.72
N ASP A 421 -48.96 -7.81 -8.17
CA ASP A 421 -48.88 -7.94 -6.72
C ASP A 421 -47.78 -7.06 -6.13
N GLN A 422 -47.04 -6.35 -6.97
CA GLN A 422 -45.92 -5.53 -6.54
C GLN A 422 -45.91 -4.25 -7.35
N TRP A 423 -45.29 -3.22 -6.79
CA TRP A 423 -45.12 -1.95 -7.49
C TRP A 423 -43.98 -2.08 -8.50
N LYS A 424 -44.23 -1.65 -9.74
CA LYS A 424 -43.28 -1.85 -10.84
C LYS A 424 -42.80 -0.49 -11.34
N PRO A 425 -41.57 -0.11 -11.03
CA PRO A 425 -41.02 1.16 -11.54
C PRO A 425 -40.51 1.03 -12.98
N HIS A 426 -40.78 2.07 -13.78
CA HIS A 426 -40.15 2.21 -15.08
C HIS A 426 -38.69 2.63 -14.92
N ARG A 427 -38.01 2.78 -16.07
CA ARG A 427 -36.62 3.19 -16.05
C ARG A 427 -36.46 4.50 -15.30
N ASP A 428 -37.40 5.43 -15.49
CA ASP A 428 -37.35 6.73 -14.85
C ASP A 428 -37.88 6.71 -13.42
N TYR A 429 -38.08 5.53 -12.83
CA TYR A 429 -38.45 5.31 -11.42
C TYR A 429 -39.93 5.60 -11.12
N ARG A 430 -40.72 6.02 -12.10
CA ARG A 430 -42.17 6.16 -11.92
C ARG A 430 -42.85 4.80 -11.95
N VAL A 431 -43.68 4.51 -10.94
CA VAL A 431 -44.34 3.21 -10.84
C VAL A 431 -45.51 3.15 -11.83
N GLU A 432 -45.84 1.94 -12.28
CA GLU A 432 -46.93 1.74 -13.23
C GLU A 432 -48.30 1.92 -12.55
N MET A 433 -49.17 2.69 -13.21
CA MET A 433 -50.54 2.88 -12.72
C MET A 433 -51.51 2.72 -13.86
N ASP A 434 -52.70 2.24 -13.55
CA ASP A 434 -53.77 2.04 -14.52
C ASP A 434 -54.12 3.39 -15.14
N PRO A 435 -53.87 3.56 -16.45
CA PRO A 435 -54.04 4.89 -17.08
C PRO A 435 -55.46 5.42 -17.03
N SER A 436 -56.44 4.56 -16.80
CA SER A 436 -57.83 4.96 -16.68
C SER A 436 -58.23 5.38 -15.28
N LYS A 437 -57.42 5.07 -14.28
CA LYS A 437 -57.74 5.41 -12.91
C LYS A 437 -56.92 6.58 -12.41
N VAL A 438 -55.80 6.90 -13.07
CA VAL A 438 -54.88 7.92 -12.61
C VAL A 438 -54.61 8.86 -13.77
N SER A 439 -54.86 10.15 -13.54
CA SER A 439 -54.48 11.19 -14.50
C SER A 439 -52.98 11.17 -14.76
N SER A 440 -52.61 11.49 -16.01
CA SER A 440 -51.21 11.55 -16.41
C SER A 440 -50.42 12.65 -15.71
N GLU A 441 -51.09 13.66 -15.15
CA GLU A 441 -50.37 14.72 -14.45
C GLU A 441 -50.01 14.34 -13.01
N ALA A 442 -50.48 13.20 -12.53
CA ALA A 442 -50.17 12.69 -11.19
C ALA A 442 -49.40 11.39 -11.29
N GLY A 443 -48.65 11.06 -10.25
CA GLY A 443 -47.86 9.84 -10.26
C GLY A 443 -47.10 9.69 -8.94
N ILE A 444 -46.49 8.52 -8.80
CA ILE A 444 -45.67 8.17 -7.64
C ILE A 444 -44.35 7.56 -8.14
N TRP A 445 -43.23 7.99 -7.56
CA TRP A 445 -41.88 7.56 -7.93
C TRP A 445 -41.22 6.84 -6.74
N LEU A 446 -40.37 5.85 -7.02
CA LEU A 446 -39.64 5.14 -5.97
C LEU A 446 -38.14 5.39 -6.05
N GLN A 447 -37.48 5.55 -4.89
CA GLN A 447 -36.06 5.82 -4.83
C GLN A 447 -35.38 4.99 -3.74
N GLY A 448 -34.34 4.26 -4.13
CA GLY A 448 -33.53 3.52 -3.19
C GLY A 448 -33.95 2.08 -2.98
N CYS A 449 -35.15 1.68 -3.42
CA CYS A 449 -35.61 0.32 -3.22
C CYS A 449 -35.69 -0.49 -4.54
N ASN A 450 -34.92 -0.12 -5.56
CA ASN A 450 -35.12 -0.67 -6.90
C ASN A 450 -33.89 -1.43 -7.39
N GLU A 451 -33.14 -2.02 -6.45
CA GLU A 451 -31.93 -2.77 -6.81
C GLU A 451 -32.23 -3.86 -7.84
N ARG A 452 -33.38 -4.54 -7.70
CA ARG A 452 -33.71 -5.66 -8.57
C ARG A 452 -33.94 -5.22 -10.01
N THR A 453 -34.42 -4.00 -10.23
CA THR A 453 -34.67 -3.55 -11.59
C THR A 453 -33.64 -2.58 -12.12
N HIS A 454 -32.85 -1.95 -11.24
CA HIS A 454 -31.97 -0.86 -11.61
C HIS A 454 -30.51 -1.08 -11.24
N GLY A 455 -30.18 -2.14 -10.51
CA GLY A 455 -28.81 -2.53 -10.30
C GLY A 455 -28.33 -2.29 -8.87
N LEU A 456 -27.17 -2.88 -8.60
CA LEU A 456 -26.58 -2.82 -7.28
C LEU A 456 -26.27 -1.39 -6.83
N SER A 457 -26.28 -0.40 -7.73
CA SER A 457 -26.02 0.97 -7.32
C SER A 457 -27.26 1.70 -6.77
N ASP A 458 -28.45 1.08 -6.81
CA ASP A 458 -29.68 1.83 -6.52
C ASP A 458 -29.75 2.32 -5.06
N SER A 459 -29.33 1.49 -4.10
CA SER A 459 -29.50 1.83 -2.69
C SER A 459 -28.33 2.58 -2.07
N LEU A 460 -27.26 2.85 -2.84
CA LEU A 460 -26.05 3.42 -2.30
C LEU A 460 -25.94 4.90 -2.67
N LEU A 461 -24.78 5.52 -2.41
CA LEU A 461 -24.51 6.87 -2.88
C LEU A 461 -24.07 6.94 -4.34
N SER A 462 -23.83 5.77 -4.96
CA SER A 462 -23.11 5.65 -6.23
C SER A 462 -23.66 6.55 -7.34
N VAL A 463 -24.95 6.51 -7.60
CA VAL A 463 -25.51 7.21 -8.74
C VAL A 463 -26.44 8.34 -8.32
N LEU A 464 -26.36 8.81 -7.07
CA LEU A 464 -27.34 9.78 -6.57
C LEU A 464 -27.26 11.11 -7.33
N ALA A 465 -26.05 11.58 -7.62
CA ALA A 465 -25.93 12.88 -8.29
C ALA A 465 -26.58 12.85 -9.67
N VAL A 466 -26.23 11.86 -10.49
CA VAL A 466 -26.83 11.76 -11.82
C VAL A 466 -28.33 11.46 -11.71
N ARG A 467 -28.69 10.56 -10.78
CA ARG A 467 -30.08 10.14 -10.67
C ARG A 467 -30.97 11.27 -10.21
N GLY A 468 -30.50 12.08 -9.26
CA GLY A 468 -31.23 13.27 -8.90
C GLY A 468 -31.52 14.15 -10.10
N GLY A 469 -30.49 14.36 -10.94
CA GLY A 469 -30.71 15.12 -12.14
C GLY A 469 -31.80 14.52 -13.02
N GLU A 470 -31.73 13.20 -13.22
CA GLU A 470 -32.75 12.51 -14.02
C GLU A 470 -34.15 12.74 -13.46
N MET A 471 -34.28 12.67 -12.13
CA MET A 471 -35.59 12.80 -11.48
C MET A 471 -36.16 14.20 -11.70
N VAL A 472 -35.30 15.22 -11.63
CA VAL A 472 -35.74 16.60 -11.88
C VAL A 472 -36.28 16.72 -13.30
N GLN A 473 -35.62 16.07 -14.25
CA GLN A 473 -36.14 16.03 -15.62
C GLN A 473 -37.48 15.31 -15.69
N SER A 474 -37.56 14.12 -15.12
CA SER A 474 -38.76 13.30 -15.21
C SER A 474 -39.98 14.02 -14.63
N ILE A 475 -39.82 14.62 -13.46
CA ILE A 475 -40.94 15.19 -12.71
C ILE A 475 -41.20 16.64 -13.07
N PHE A 476 -40.15 17.44 -13.30
CA PHE A 476 -40.31 18.87 -13.54
C PHE A 476 -39.88 19.31 -14.93
N GLY A 477 -39.43 18.40 -15.79
CA GLY A 477 -38.94 18.78 -17.09
C GLY A 477 -39.91 19.64 -17.89
N GLU A 478 -41.13 19.12 -18.10
CA GLU A 478 -42.11 19.86 -18.88
C GLU A 478 -42.43 21.19 -18.21
N GLN A 479 -42.58 21.19 -16.89
CA GLN A 479 -42.89 22.41 -16.16
C GLN A 479 -41.76 23.43 -16.29
N LEU A 480 -40.51 22.99 -16.17
CA LEU A 480 -39.37 23.91 -16.29
C LEU A 480 -39.16 24.38 -17.72
N GLU A 481 -39.46 23.54 -18.72
CA GLU A 481 -39.26 23.97 -20.11
C GLU A 481 -40.27 25.06 -20.47
N ARG A 482 -41.56 24.81 -20.22
CA ARG A 482 -42.59 25.83 -20.42
C ARG A 482 -42.31 27.04 -19.54
N ARG B 23 -13.40 32.71 -22.36
CA ARG B 23 -13.36 33.87 -23.24
C ARG B 23 -12.58 35.00 -22.60
N LEU B 24 -11.73 35.60 -23.41
CA LEU B 24 -11.10 36.89 -23.19
C LEU B 24 -10.90 37.48 -24.58
N ARG B 25 -11.37 38.68 -24.80
CA ARG B 25 -11.24 39.24 -26.14
C ARG B 25 -9.86 39.85 -26.29
N SER B 26 -9.34 39.80 -27.53
CA SER B 26 -8.00 40.26 -27.83
C SER B 26 -7.92 41.79 -27.79
N THR B 27 -6.71 42.28 -27.64
CA THR B 27 -6.31 43.66 -27.78
C THR B 27 -5.61 43.81 -29.12
N PRO B 28 -5.90 44.83 -29.92
CA PRO B 28 -5.09 45.04 -31.12
C PRO B 28 -3.63 45.14 -30.70
N GLN B 29 -2.75 44.45 -31.43
CA GLN B 29 -1.35 44.35 -31.00
C GLN B 29 -0.74 45.71 -30.70
N ASP B 30 -1.12 46.74 -31.44
CA ASP B 30 -0.46 48.04 -31.37
C ASP B 30 -0.94 48.91 -30.23
N GLU B 31 -1.99 48.52 -29.52
CA GLU B 31 -2.48 49.37 -28.45
C GLU B 31 -1.65 49.15 -27.18
N LEU B 32 -1.82 50.08 -26.25
CA LEU B 32 -1.16 50.02 -24.95
C LEU B 32 -1.88 49.01 -24.07
N HIS B 33 -1.19 47.92 -23.72
CA HIS B 33 -1.79 46.86 -22.91
C HIS B 33 -1.77 47.22 -21.41
N ASP B 34 -2.70 46.63 -20.68
CA ASP B 34 -2.60 46.70 -19.23
C ASP B 34 -1.56 45.72 -18.71
N LEU B 35 -1.60 44.48 -19.23
CA LEU B 35 -0.68 43.45 -18.80
C LEU B 35 -0.25 42.62 -20.00
N LEU B 36 1.05 42.36 -20.08
CA LEU B 36 1.61 41.39 -21.01
C LEU B 36 2.37 40.37 -20.18
N CYS B 37 2.10 39.10 -20.42
CA CYS B 37 2.74 38.00 -19.70
C CYS B 37 3.69 37.28 -20.65
N VAL B 38 4.91 37.04 -20.19
CA VAL B 38 5.91 36.34 -20.95
C VAL B 38 5.88 34.87 -20.57
N GLY B 39 5.51 34.01 -21.52
CA GLY B 39 5.39 32.59 -21.30
C GLY B 39 3.96 32.18 -21.07
N PHE B 40 3.53 31.04 -21.62
CA PHE B 40 2.19 30.54 -21.34
C PHE B 40 2.28 29.07 -20.89
N GLY B 41 2.99 28.87 -19.78
CA GLY B 41 2.97 27.65 -19.02
C GLY B 41 1.96 27.75 -17.90
N PRO B 42 2.02 26.82 -16.94
CA PRO B 42 0.99 26.79 -15.89
C PRO B 42 0.85 28.06 -15.07
N ALA B 43 1.95 28.77 -14.78
CA ALA B 43 1.85 29.98 -13.98
C ALA B 43 1.04 31.04 -14.71
N SER B 44 1.40 31.31 -15.97
CA SER B 44 0.65 32.30 -16.74
C SER B 44 -0.77 31.84 -16.99
N LEU B 45 -0.97 30.54 -17.25
CA LEU B 45 -2.31 30.01 -17.51
C LEU B 45 -3.23 30.19 -16.32
N ALA B 46 -2.72 30.00 -15.11
CA ALA B 46 -3.54 30.21 -13.92
C ALA B 46 -3.92 31.68 -13.77
N ILE B 47 -3.04 32.58 -14.19
CA ILE B 47 -3.41 34.00 -14.18
C ILE B 47 -4.55 34.24 -15.15
N ALA B 48 -4.42 33.73 -16.39
CA ALA B 48 -5.49 33.83 -17.37
C ALA B 48 -6.81 33.29 -16.82
N ILE B 49 -6.76 32.13 -16.16
CA ILE B 49 -7.94 31.53 -15.60
C ILE B 49 -8.52 32.38 -14.48
N ALA B 50 -7.67 32.92 -13.62
CA ALA B 50 -8.16 33.68 -12.47
C ALA B 50 -8.83 34.97 -12.89
N LEU B 51 -8.29 35.63 -13.92
CA LEU B 51 -8.94 36.82 -14.45
C LEU B 51 -10.29 36.47 -15.06
N HIS B 52 -10.35 35.35 -15.79
CA HIS B 52 -11.62 34.88 -16.35
C HIS B 52 -12.65 34.71 -15.24
N ASP B 53 -12.27 34.01 -14.18
CA ASP B 53 -13.20 33.75 -13.07
C ASP B 53 -13.56 35.04 -12.33
N ALA B 54 -12.62 35.98 -12.23
CA ALA B 54 -12.91 37.24 -11.57
C ALA B 54 -13.93 38.07 -12.34
N LEU B 55 -14.01 37.91 -13.65
CA LEU B 55 -14.95 38.68 -14.45
C LEU B 55 -16.27 37.96 -14.67
N ASP B 56 -16.37 36.72 -14.24
CA ASP B 56 -17.57 35.93 -14.44
C ASP B 56 -18.55 36.26 -13.33
N PRO B 57 -19.65 36.96 -13.64
CA PRO B 57 -20.60 37.35 -12.58
C PRO B 57 -21.30 36.18 -11.92
N ARG B 58 -21.33 35.01 -12.55
CA ARG B 58 -21.88 33.81 -11.91
C ARG B 58 -21.00 33.32 -10.78
N LEU B 59 -19.68 33.51 -10.87
CA LEU B 59 -18.72 33.13 -9.85
C LEU B 59 -18.33 34.28 -8.94
N ASN B 60 -18.58 35.52 -9.38
CA ASN B 60 -18.21 36.73 -8.64
C ASN B 60 -19.39 37.69 -8.77
N LYS B 61 -20.19 37.80 -7.70
CA LYS B 61 -21.40 38.64 -7.77
C LYS B 61 -21.09 40.08 -8.12
N SER B 62 -19.91 40.58 -7.72
CA SER B 62 -19.53 41.96 -7.98
C SER B 62 -19.45 42.25 -9.48
N ALA B 63 -18.75 41.40 -10.23
CA ALA B 63 -18.48 41.64 -11.64
C ALA B 63 -19.73 41.76 -12.49
N SER B 64 -20.90 41.86 -11.86
CA SER B 64 -22.12 42.23 -12.58
C SER B 64 -22.02 43.63 -13.15
N ASN B 65 -21.56 44.60 -12.32
CA ASN B 65 -21.46 45.99 -12.74
C ASN B 65 -20.26 46.26 -13.65
N ILE B 66 -19.30 45.33 -13.74
CA ILE B 66 -18.10 45.55 -14.55
C ILE B 66 -18.40 45.26 -16.02
N HIS B 67 -18.01 46.19 -16.90
CA HIS B 67 -18.17 46.04 -18.35
C HIS B 67 -16.84 45.90 -19.08
N ALA B 68 -15.88 46.79 -18.82
CA ALA B 68 -14.63 46.80 -19.56
C ALA B 68 -13.69 45.69 -19.09
N GLN B 69 -13.16 44.95 -20.04
CA GLN B 69 -12.18 43.91 -19.74
C GLN B 69 -10.76 44.45 -19.92
N PRO B 70 -9.86 44.16 -18.98
CA PRO B 70 -8.46 44.61 -19.13
C PRO B 70 -7.85 44.12 -20.43
N LYS B 71 -6.97 44.94 -20.99
CA LYS B 71 -6.26 44.60 -22.23
C LYS B 71 -5.09 43.70 -21.89
N ILE B 72 -5.23 42.40 -22.14
CA ILE B 72 -4.25 41.41 -21.71
C ILE B 72 -3.71 40.69 -22.93
N CYS B 73 -2.46 40.22 -22.81
CA CYS B 73 -1.73 39.56 -23.88
C CYS B 73 -0.70 38.58 -23.30
N PHE B 74 -0.54 37.43 -23.95
CA PHE B 74 0.42 36.40 -23.56
C PHE B 74 1.29 36.04 -24.76
N LEU B 75 2.60 35.93 -24.53
CA LEU B 75 3.54 35.51 -25.57
C LEU B 75 4.22 34.22 -25.14
N GLU B 76 4.12 33.19 -25.98
CA GLU B 76 4.67 31.86 -25.70
C GLU B 76 5.59 31.41 -26.83
N ARG B 77 6.74 30.84 -26.44
CA ARG B 77 7.82 30.51 -27.36
C ARG B 77 7.50 29.25 -28.17
N GLN B 78 6.86 28.27 -27.54
CA GLN B 78 6.46 27.05 -28.22
C GLN B 78 5.33 27.34 -29.21
N LYS B 79 5.16 26.43 -30.16
CA LYS B 79 4.16 26.59 -31.23
C LYS B 79 2.74 26.33 -30.73
N GLN B 80 2.60 25.63 -29.62
CA GLN B 80 1.32 25.40 -28.95
C GLN B 80 1.61 25.20 -27.47
N PHE B 81 0.56 25.22 -26.65
CA PHE B 81 0.76 24.93 -25.24
C PHE B 81 1.30 23.52 -25.07
N ALA B 82 2.33 23.39 -24.24
CA ALA B 82 2.94 22.09 -23.98
C ALA B 82 3.63 22.14 -22.65
N TRP B 83 3.55 21.05 -21.88
CA TRP B 83 4.03 21.00 -20.49
C TRP B 83 5.20 20.03 -20.36
N HIS B 84 6.43 20.56 -20.43
CA HIS B 84 7.68 19.77 -20.37
C HIS B 84 7.65 18.59 -21.34
N SER B 85 7.41 18.90 -22.62
CA SER B 85 7.18 17.83 -23.58
C SER B 85 8.39 16.92 -23.73
N GLY B 86 9.60 17.44 -23.50
CA GLY B 86 10.79 16.61 -23.57
C GLY B 86 10.92 15.58 -22.48
N MET B 87 10.07 15.62 -21.46
CA MET B 87 10.09 14.64 -20.38
C MET B 87 8.78 13.88 -20.29
N LEU B 88 7.97 13.84 -21.36
CA LEU B 88 6.77 13.01 -21.37
C LEU B 88 7.17 11.55 -21.58
N VAL B 89 7.86 11.02 -20.58
CA VAL B 89 8.26 9.61 -20.59
C VAL B 89 7.02 8.74 -20.46
N PRO B 90 6.89 7.67 -21.24
CA PRO B 90 5.71 6.80 -21.12
C PRO B 90 5.51 6.39 -19.68
N GLY B 91 4.29 6.63 -19.19
CA GLY B 91 3.94 6.17 -17.86
C GLY B 91 4.38 7.05 -16.71
N SER B 92 4.97 8.21 -16.96
CA SER B 92 5.32 9.04 -15.81
C SER B 92 4.07 9.67 -15.23
N LYS B 93 4.08 9.86 -13.92
CA LYS B 93 2.95 10.33 -13.15
C LYS B 93 3.29 11.69 -12.56
N MET B 94 2.27 12.49 -12.31
CA MET B 94 2.44 13.74 -11.57
C MET B 94 2.97 13.46 -10.17
N GLN B 95 3.67 14.45 -9.63
CA GLN B 95 4.20 14.39 -8.27
C GLN B 95 3.34 15.19 -7.29
N ILE B 96 2.09 15.45 -7.62
CA ILE B 96 1.24 16.35 -6.83
C ILE B 96 -0.21 15.97 -7.04
N SER B 97 -1.02 16.11 -5.99
CA SER B 97 -2.44 15.78 -6.04
C SER B 97 -3.17 16.64 -7.07
N PHE B 98 -4.11 16.02 -7.79
CA PHE B 98 -4.88 16.76 -8.79
C PHE B 98 -5.75 17.86 -8.19
N ILE B 99 -6.02 17.81 -6.88
CA ILE B 99 -6.81 18.86 -6.24
C ILE B 99 -6.08 20.19 -6.35
N LYS B 100 -4.74 20.14 -6.44
CA LYS B 100 -3.88 21.31 -6.63
C LYS B 100 -3.74 21.66 -8.11
N ASP B 101 -4.84 21.55 -8.83
CA ASP B 101 -4.94 21.92 -10.23
C ASP B 101 -4.96 23.46 -10.32
N LEU B 102 -5.29 23.99 -11.50
CA LEU B 102 -5.16 25.42 -11.73
C LEU B 102 -6.34 26.26 -11.23
N ALA B 103 -7.27 25.73 -10.41
CA ALA B 103 -8.41 26.55 -9.98
C ALA B 103 -9.05 26.15 -8.65
N THR B 104 -9.03 24.85 -8.32
CA THR B 104 -9.87 24.31 -7.26
C THR B 104 -9.55 24.90 -5.88
N LEU B 105 -8.26 24.98 -5.52
CA LEU B 105 -7.89 25.56 -4.22
C LEU B 105 -8.30 27.03 -4.13
N ARG B 106 -8.58 27.68 -5.27
CA ARG B 106 -9.11 29.03 -5.27
C ARG B 106 -10.64 29.07 -5.34
N ASP B 107 -11.25 28.20 -6.17
CA ASP B 107 -12.70 28.10 -6.33
C ASP B 107 -13.07 26.75 -6.95
N PRO B 108 -13.57 25.80 -6.15
CA PRO B 108 -13.94 24.48 -6.69
C PRO B 108 -15.07 24.53 -7.70
N ARG B 109 -15.85 25.61 -7.72
CA ARG B 109 -16.90 25.80 -8.73
C ARG B 109 -16.37 26.26 -10.08
N SER B 110 -15.06 26.55 -10.19
CA SER B 110 -14.55 27.06 -11.45
C SER B 110 -14.74 26.01 -12.55
N SER B 111 -14.98 26.50 -13.76
CA SER B 111 -15.11 25.58 -14.87
C SER B 111 -13.78 24.97 -15.28
N PHE B 112 -12.67 25.46 -14.75
CA PHE B 112 -11.32 25.03 -15.11
C PHE B 112 -10.71 24.02 -14.14
N THR B 113 -11.52 23.32 -13.33
CA THR B 113 -11.01 22.27 -12.48
C THR B 113 -10.64 21.04 -13.31
N PHE B 114 -9.75 20.22 -12.75
CA PHE B 114 -9.45 18.93 -13.38
C PHE B 114 -10.68 18.05 -13.46
N LEU B 115 -11.51 18.05 -12.41
CA LEU B 115 -12.75 17.26 -12.42
C LEU B 115 -13.72 17.75 -13.48
N ASN B 116 -13.86 19.07 -13.67
CA ASN B 116 -14.78 19.54 -14.70
C ASN B 116 -14.25 19.20 -16.10
N TYR B 117 -12.92 19.27 -16.27
CA TYR B 117 -12.32 18.83 -17.52
C TYR B 117 -12.64 17.37 -17.80
N LEU B 118 -12.43 16.49 -16.81
CA LEU B 118 -12.80 15.09 -16.99
C LEU B 118 -14.26 14.94 -17.34
N HIS B 119 -15.13 15.72 -16.68
CA HIS B 119 -16.55 15.64 -16.98
C HIS B 119 -16.81 16.03 -18.43
N GLN B 120 -16.11 17.04 -18.94
CA GLN B 120 -16.32 17.45 -20.33
C GLN B 120 -15.82 16.39 -21.30
N LYS B 121 -14.72 15.71 -20.97
CA LYS B 121 -14.20 14.64 -21.82
C LYS B 121 -15.00 13.35 -21.71
N GLY B 122 -16.08 13.34 -20.92
CA GLY B 122 -16.85 12.13 -20.71
C GLY B 122 -16.08 11.05 -19.98
N ARG B 123 -15.11 11.44 -19.14
CA ARG B 123 -14.17 10.49 -18.56
C ARG B 123 -14.17 10.45 -17.03
N LEU B 124 -15.07 11.20 -16.36
CA LEU B 124 -14.97 11.37 -14.91
C LEU B 124 -15.21 10.06 -14.16
N ILE B 125 -16.23 9.27 -14.53
CA ILE B 125 -16.46 8.03 -13.80
C ILE B 125 -15.27 7.08 -14.01
N HIS B 126 -14.68 7.08 -15.21
CA HIS B 126 -13.53 6.21 -15.48
C HIS B 126 -12.31 6.59 -14.64
N PHE B 127 -12.04 7.89 -14.52
CA PHE B 127 -10.97 8.34 -13.62
C PHE B 127 -11.27 7.98 -12.17
N THR B 128 -12.56 7.98 -11.79
CA THR B 128 -12.89 7.60 -10.42
C THR B 128 -12.46 6.16 -10.14
N ASN B 129 -12.66 5.26 -11.09
CA ASN B 129 -12.25 3.88 -10.86
C ASN B 129 -10.73 3.70 -10.89
N LEU B 130 -9.97 4.68 -11.37
CA LEU B 130 -8.51 4.63 -11.30
C LEU B 130 -8.01 4.64 -9.86
N SER B 131 -8.76 5.25 -8.95
CA SER B 131 -8.37 5.49 -7.56
C SER B 131 -6.93 6.00 -7.43
N THR B 132 -6.70 7.20 -7.97
CA THR B 132 -5.37 7.79 -7.82
C THR B 132 -5.50 9.30 -7.67
N PHE B 133 -4.62 9.88 -6.86
CA PHE B 133 -4.50 11.33 -6.85
C PHE B 133 -3.45 11.82 -7.84
N LEU B 134 -2.71 10.90 -8.49
CA LEU B 134 -1.58 11.26 -9.34
C LEU B 134 -1.82 10.80 -10.78
N PRO B 135 -2.53 11.60 -11.56
CA PRO B 135 -2.74 11.28 -12.98
C PRO B 135 -1.44 11.23 -13.74
N ALA B 136 -1.46 10.54 -14.88
CA ALA B 136 -0.33 10.54 -15.79
C ALA B 136 0.02 11.96 -16.22
N ARG B 137 1.32 12.23 -16.38
CA ARG B 137 1.74 13.54 -16.88
C ARG B 137 1.09 13.83 -18.22
N LEU B 138 0.94 12.82 -19.07
CA LEU B 138 0.28 13.02 -20.35
C LEU B 138 -1.14 13.55 -20.15
N GLU B 139 -1.87 13.02 -19.15
CA GLU B 139 -3.26 13.44 -18.97
C GLU B 139 -3.32 14.85 -18.40
N PHE B 140 -2.49 15.14 -17.41
CA PHE B 140 -2.53 16.48 -16.83
C PHE B 140 -2.15 17.52 -17.86
N GLU B 141 -1.26 17.16 -18.80
CA GLU B 141 -0.97 18.07 -19.90
C GLU B 141 -2.22 18.31 -20.73
N ASP B 142 -3.00 17.27 -21.00
CA ASP B 142 -4.19 17.45 -21.81
C ASP B 142 -5.21 18.34 -21.10
N TYR B 143 -5.34 18.20 -19.78
CA TYR B 143 -6.21 19.07 -19.00
C TYR B 143 -5.79 20.53 -19.14
N MET B 144 -4.50 20.81 -18.95
CA MET B 144 -4.01 22.18 -19.07
C MET B 144 -4.05 22.65 -20.52
N ARG B 145 -3.80 21.76 -21.47
CA ARG B 145 -4.04 22.10 -22.87
C ARG B 145 -5.52 22.42 -23.11
N TRP B 146 -6.42 21.62 -22.54
CA TRP B 146 -7.84 21.92 -22.67
C TRP B 146 -8.17 23.30 -22.09
N CYS B 147 -7.63 23.63 -20.91
CA CYS B 147 -7.83 24.97 -20.37
C CYS B 147 -7.27 26.03 -21.31
N ALA B 148 -6.01 25.85 -21.73
CA ALA B 148 -5.32 26.89 -22.49
C ALA B 148 -6.03 27.21 -23.79
N GLN B 149 -6.65 26.21 -24.43
CA GLN B 149 -7.31 26.45 -25.70
C GLN B 149 -8.42 27.46 -25.57
N GLN B 150 -9.00 27.60 -24.38
CA GLN B 150 -10.06 28.57 -24.22
C GLN B 150 -9.53 30.01 -24.18
N PHE B 151 -8.21 30.19 -24.24
CA PHE B 151 -7.60 31.51 -24.22
C PHE B 151 -6.83 31.83 -25.49
N SER B 152 -7.15 31.15 -26.59
CA SER B 152 -6.37 31.27 -27.82
C SER B 152 -6.36 32.69 -28.40
N ASP B 153 -7.37 33.50 -28.10
CA ASP B 153 -7.44 34.83 -28.68
C ASP B 153 -6.50 35.82 -28.02
N VAL B 154 -5.91 35.47 -26.88
CA VAL B 154 -5.01 36.37 -26.18
C VAL B 154 -3.59 35.78 -26.04
N VAL B 155 -3.31 34.65 -26.67
CA VAL B 155 -1.99 34.04 -26.60
C VAL B 155 -1.36 34.03 -27.99
N ALA B 156 -0.19 34.63 -28.13
CA ALA B 156 0.54 34.60 -29.38
C ALA B 156 1.66 33.58 -29.26
N TYR B 157 1.50 32.46 -29.96
CA TYR B 157 2.45 31.35 -29.95
C TYR B 157 3.58 31.58 -30.95
N GLY B 158 4.65 30.81 -30.78
CA GLY B 158 5.81 30.96 -31.63
C GLY B 158 6.51 32.29 -31.50
N GLU B 159 6.38 32.94 -30.34
CA GLU B 159 7.01 34.23 -30.09
C GLU B 159 7.97 34.09 -28.91
N GLU B 160 9.27 34.31 -29.16
CA GLU B 160 10.28 34.23 -28.12
C GLU B 160 10.67 35.64 -27.69
N VAL B 161 10.30 36.03 -26.47
CA VAL B 161 10.62 37.36 -25.98
C VAL B 161 12.12 37.47 -25.77
N VAL B 162 12.73 38.54 -26.31
CA VAL B 162 14.16 38.73 -26.21
C VAL B 162 14.54 39.88 -25.29
N GLU B 163 13.76 40.95 -25.24
CA GLU B 163 14.10 42.00 -24.29
C GLU B 163 12.86 42.78 -23.88
N VAL B 164 13.02 43.52 -22.79
CA VAL B 164 12.05 44.47 -22.25
C VAL B 164 12.76 45.80 -22.10
N ILE B 165 12.25 46.82 -22.77
CA ILE B 165 12.97 48.10 -22.83
C ILE B 165 12.08 49.18 -22.22
N PRO B 166 12.66 50.24 -21.64
CA PRO B 166 11.83 51.24 -20.97
C PRO B 166 11.05 52.09 -21.95
N GLY B 167 9.86 52.51 -21.54
CA GLY B 167 8.98 53.32 -22.36
C GLY B 167 8.62 54.63 -21.68
N LYS B 168 8.57 55.69 -22.47
CA LYS B 168 8.22 57.03 -22.01
C LYS B 168 7.23 57.64 -22.98
N SER B 169 6.06 58.06 -22.50
CA SER B 169 5.14 58.71 -23.42
C SER B 169 5.67 60.07 -23.86
N ASP B 170 6.36 60.78 -22.97
CA ASP B 170 7.11 61.96 -23.38
C ASP B 170 8.58 61.60 -23.39
N PRO B 171 9.25 61.55 -24.55
CA PRO B 171 10.69 61.19 -24.54
C PRO B 171 11.53 62.08 -23.65
N SER B 172 11.15 63.35 -23.46
CA SER B 172 11.85 64.27 -22.58
C SER B 172 11.46 64.12 -21.12
N SER B 173 10.65 63.12 -20.79
CA SER B 173 10.34 62.92 -19.39
C SER B 173 11.43 62.08 -18.77
N SER B 174 11.56 62.16 -17.45
CA SER B 174 12.55 61.36 -16.77
C SER B 174 11.91 60.14 -16.10
N VAL B 175 10.64 59.87 -16.38
CA VAL B 175 9.91 58.78 -15.75
C VAL B 175 9.50 57.78 -16.82
N VAL B 176 9.77 56.51 -16.56
CA VAL B 176 9.27 55.42 -17.39
C VAL B 176 7.82 55.14 -17.01
N ASP B 177 6.92 55.14 -17.98
CA ASP B 177 5.53 54.85 -17.65
C ASP B 177 4.94 53.67 -18.42
N PHE B 178 5.71 53.00 -19.27
CA PHE B 178 5.30 51.71 -19.82
C PHE B 178 6.54 50.96 -20.26
N PHE B 179 6.34 49.74 -20.74
CA PHE B 179 7.42 48.92 -21.22
C PHE B 179 7.11 48.39 -22.60
N THR B 180 8.14 48.29 -23.43
CA THR B 180 8.05 47.68 -24.74
C THR B 180 8.69 46.29 -24.67
N VAL B 181 7.92 45.25 -24.98
CA VAL B 181 8.39 43.87 -25.01
C VAL B 181 8.63 43.46 -26.46
N ARG B 182 9.85 43.03 -26.75
CA ARG B 182 10.22 42.62 -28.10
C ARG B 182 10.35 41.10 -28.16
N SER B 183 9.80 40.51 -29.19
CA SER B 183 9.88 39.07 -29.36
C SER B 183 10.24 38.76 -30.81
N ARG B 184 10.96 37.65 -30.99
CA ARG B 184 11.32 37.13 -32.29
C ARG B 184 10.47 35.92 -32.60
N ASN B 185 9.85 35.93 -33.78
CA ASN B 185 9.06 34.79 -34.24
C ASN B 185 9.97 33.61 -34.52
N VAL B 186 9.64 32.45 -33.96
CA VAL B 186 10.58 31.34 -34.05
C VAL B 186 10.69 30.82 -35.48
N GLU B 187 9.73 31.09 -36.35
CA GLU B 187 9.81 30.59 -37.72
C GLU B 187 10.45 31.60 -38.66
N THR B 188 10.15 32.89 -38.50
CA THR B 188 10.67 33.89 -39.42
C THR B 188 11.85 34.68 -38.86
N GLY B 189 11.93 34.82 -37.54
CA GLY B 189 12.92 35.70 -36.97
C GLY B 189 12.52 37.16 -36.91
N GLU B 190 11.34 37.51 -37.40
CA GLU B 190 10.90 38.89 -37.35
C GLU B 190 10.72 39.34 -35.91
N ILE B 191 11.11 40.57 -35.62
CA ILE B 191 10.98 41.17 -34.28
C ILE B 191 9.68 41.95 -34.23
N SER B 192 8.88 41.72 -33.20
CA SER B 192 7.64 42.44 -32.94
C SER B 192 7.82 43.25 -31.67
N ALA B 193 7.08 44.35 -31.58
CA ALA B 193 7.08 45.20 -30.41
C ALA B 193 5.66 45.37 -29.89
N ARG B 194 5.48 45.17 -28.60
CA ARG B 194 4.20 45.41 -27.96
C ARG B 194 4.42 46.28 -26.71
N ARG B 195 3.58 47.31 -26.56
CA ARG B 195 3.66 48.25 -25.45
C ARG B 195 2.67 47.85 -24.35
N THR B 196 3.12 47.90 -23.12
CA THR B 196 2.25 47.48 -22.02
C THR B 196 2.61 48.27 -20.77
N ARG B 197 1.64 48.40 -19.86
CA ARG B 197 1.91 49.08 -18.61
C ARG B 197 2.53 48.15 -17.57
N LYS B 198 2.15 46.89 -17.56
CA LYS B 198 2.64 45.94 -16.59
C LYS B 198 3.12 44.67 -17.28
N VAL B 199 4.17 44.07 -16.73
CA VAL B 199 4.80 42.87 -17.27
C VAL B 199 4.83 41.80 -16.19
N VAL B 200 4.48 40.58 -16.59
CA VAL B 200 4.70 39.36 -15.84
C VAL B 200 5.75 38.54 -16.59
N ILE B 201 6.80 38.12 -15.88
CA ILE B 201 7.80 37.19 -16.40
C ILE B 201 7.53 35.85 -15.73
N ALA B 202 7.14 34.84 -16.52
CA ALA B 202 6.80 33.51 -16.02
C ALA B 202 7.33 32.50 -17.03
N ILE B 203 8.66 32.43 -17.12
CA ILE B 203 9.36 31.68 -18.16
C ILE B 203 9.96 30.39 -17.62
N GLY B 204 9.56 29.98 -16.42
CA GLY B 204 10.00 28.69 -15.87
C GLY B 204 11.49 28.67 -15.60
N GLY B 205 12.11 27.51 -15.86
CA GLY B 205 13.52 27.32 -15.58
C GLY B 205 14.36 27.03 -16.82
N THR B 206 15.66 27.21 -16.71
CA THR B 206 16.55 26.83 -17.80
C THR B 206 17.36 25.60 -17.40
N ALA B 207 17.72 24.81 -18.40
CA ALA B 207 18.52 23.62 -18.15
C ALA B 207 19.84 24.02 -17.52
N LYS B 208 20.16 23.40 -16.39
CA LYS B 208 21.44 23.58 -15.72
C LYS B 208 22.33 22.40 -16.09
N MET B 209 23.47 22.70 -16.71
CA MET B 209 24.48 21.72 -17.08
C MET B 209 25.71 21.91 -16.23
N PRO B 210 26.36 20.83 -15.79
CA PRO B 210 27.64 20.98 -15.06
C PRO B 210 28.63 21.77 -15.90
N SER B 211 29.30 22.73 -15.28
CA SER B 211 30.15 23.64 -16.04
C SER B 211 31.30 22.91 -16.71
N GLY B 212 31.70 21.74 -16.19
CA GLY B 212 32.82 21.02 -16.76
C GLY B 212 32.51 20.25 -18.03
N LEU B 213 31.23 20.04 -18.34
CA LEU B 213 30.91 19.22 -19.51
C LEU B 213 31.11 20.02 -20.80
N PRO B 214 31.63 19.38 -21.85
CA PRO B 214 31.75 20.05 -23.14
C PRO B 214 30.42 20.06 -23.85
N GLN B 215 30.32 20.90 -24.88
CA GLN B 215 29.12 20.97 -25.71
C GLN B 215 29.23 19.99 -26.87
N ASP B 216 28.18 19.20 -27.08
CA ASP B 216 28.21 18.12 -28.05
C ASP B 216 26.79 17.64 -28.31
N PRO B 217 26.42 17.32 -29.55
CA PRO B 217 25.05 16.83 -29.82
C PRO B 217 24.67 15.55 -29.09
N ARG B 218 25.64 14.83 -28.53
CA ARG B 218 25.40 13.59 -27.78
C ARG B 218 25.26 13.83 -26.28
N ILE B 219 25.46 15.06 -25.82
CA ILE B 219 25.26 15.44 -24.44
C ILE B 219 23.96 16.22 -24.40
N ILE B 220 22.92 15.62 -23.83
CA ILE B 220 21.55 16.12 -23.94
C ILE B 220 20.97 16.28 -22.54
N HIS B 221 20.53 17.49 -22.21
CA HIS B 221 19.87 17.70 -20.94
C HIS B 221 18.56 16.93 -20.92
N SER B 222 18.16 16.51 -19.71
CA SER B 222 16.95 15.71 -19.54
C SER B 222 15.73 16.37 -20.17
N SER B 223 15.65 17.70 -20.13
CA SER B 223 14.51 18.41 -20.67
C SER B 223 14.31 18.15 -22.17
N LYS B 224 15.34 17.71 -22.89
CA LYS B 224 15.22 17.44 -24.32
C LYS B 224 15.29 15.94 -24.64
N TYR B 225 14.93 15.11 -23.66
CA TYR B 225 15.06 13.66 -23.80
C TYR B 225 14.15 13.11 -24.90
N CYS B 226 12.83 13.28 -24.74
CA CYS B 226 11.87 12.70 -25.67
C CYS B 226 11.97 13.30 -27.05
N THR B 227 12.50 14.50 -27.19
CA THR B 227 12.42 15.25 -28.43
C THR B 227 13.69 15.17 -29.27
N THR B 228 14.86 15.03 -28.66
CA THR B 228 16.10 15.01 -29.42
C THR B 228 16.84 13.67 -29.39
N LEU B 229 16.80 12.91 -28.28
CA LEU B 229 17.47 11.62 -28.23
C LEU B 229 17.03 10.68 -29.35
N PRO B 230 15.75 10.46 -29.61
CA PRO B 230 15.39 9.55 -30.71
C PRO B 230 15.97 9.96 -32.06
N ALA B 231 16.14 11.25 -32.32
CA ALA B 231 16.75 11.69 -33.57
C ALA B 231 18.23 11.35 -33.63
N LEU B 232 18.89 11.24 -32.48
CA LEU B 232 20.30 10.88 -32.47
C LEU B 232 20.47 9.37 -32.61
N LEU B 233 19.75 8.61 -31.79
CA LEU B 233 19.82 7.15 -31.75
C LEU B 233 18.54 6.61 -32.39
N LYS B 234 18.57 6.47 -33.72
CA LYS B 234 17.36 6.20 -34.49
C LYS B 234 16.89 4.74 -34.39
N ASP B 235 17.81 3.79 -34.25
CA ASP B 235 17.49 2.37 -34.30
C ASP B 235 17.22 1.88 -32.87
N LYS B 236 15.94 1.59 -32.57
CA LYS B 236 15.51 1.25 -31.22
C LYS B 236 16.03 -0.11 -30.75
N SER B 237 16.61 -0.91 -31.62
CA SER B 237 17.09 -2.24 -31.26
C SER B 237 18.61 -2.32 -31.15
N LYS B 238 19.32 -1.24 -31.47
CA LYS B 238 20.77 -1.28 -31.50
C LYS B 238 21.33 -1.33 -30.07
N PRO B 239 22.47 -2.00 -29.89
CA PRO B 239 23.07 -2.06 -28.54
C PRO B 239 23.85 -0.79 -28.20
N TYR B 240 23.12 0.31 -28.00
CA TYR B 240 23.74 1.56 -27.57
C TYR B 240 24.23 1.46 -26.13
N ASN B 241 25.28 2.23 -25.82
CA ASN B 241 25.70 2.54 -24.46
C ASN B 241 25.20 3.95 -24.11
N ILE B 242 24.30 4.05 -23.13
CA ILE B 242 23.71 5.33 -22.74
C ILE B 242 23.95 5.54 -21.25
N ALA B 243 24.58 6.65 -20.91
CA ALA B 243 24.80 7.03 -19.52
C ALA B 243 23.80 8.11 -19.12
N VAL B 244 23.46 8.14 -17.84
CA VAL B 244 22.58 9.16 -17.29
C VAL B 244 23.25 9.75 -16.08
N LEU B 245 23.31 11.08 -16.01
CA LEU B 245 23.96 11.77 -14.91
C LEU B 245 22.92 12.42 -14.01
N GLY B 246 22.97 12.11 -12.72
CA GLY B 246 22.08 12.64 -11.70
C GLY B 246 21.34 11.54 -10.96
N SER B 247 20.66 11.94 -9.88
CA SER B 247 19.95 10.94 -9.09
C SER B 247 18.59 11.41 -8.57
N GLY B 248 18.03 12.46 -9.16
CA GLY B 248 16.68 12.91 -8.85
C GLY B 248 15.64 12.30 -9.78
N GLN B 249 14.43 12.88 -9.69
CA GLN B 249 13.29 12.33 -10.41
C GLN B 249 13.53 12.27 -11.92
N SER B 250 14.18 13.29 -12.50
CA SER B 250 14.45 13.24 -13.94
C SER B 250 15.41 12.11 -14.27
N ALA B 251 16.49 11.97 -13.50
CA ALA B 251 17.47 10.90 -13.73
C ALA B 251 16.83 9.51 -13.61
N ALA B 252 16.05 9.30 -12.54
CA ALA B 252 15.39 8.01 -12.36
C ALA B 252 14.43 7.70 -13.51
N GLU B 253 13.67 8.69 -13.96
CA GLU B 253 12.70 8.37 -15.00
C GLU B 253 13.39 8.04 -16.32
N ILE B 254 14.49 8.74 -16.62
CA ILE B 254 15.21 8.48 -17.86
C ILE B 254 15.89 7.12 -17.81
N PHE B 255 16.59 6.82 -16.69
CA PHE B 255 17.25 5.53 -16.53
C PHE B 255 16.25 4.38 -16.67
N HIS B 256 15.10 4.49 -15.99
CA HIS B 256 14.09 3.43 -16.06
C HIS B 256 13.49 3.27 -17.45
N ASP B 257 13.22 4.38 -18.12
CA ASP B 257 12.62 4.33 -19.45
C ASP B 257 13.59 3.80 -20.50
N LEU B 258 14.89 4.15 -20.41
CA LEU B 258 15.83 3.75 -21.46
C LEU B 258 15.91 2.24 -21.59
N GLN B 259 15.74 1.53 -20.47
CA GLN B 259 15.80 0.08 -20.48
C GLN B 259 14.61 -0.53 -21.22
N LYS B 260 13.48 0.17 -21.25
CA LYS B 260 12.32 -0.21 -22.05
C LYS B 260 12.39 0.37 -23.47
N ARG B 261 12.86 1.62 -23.62
CA ARG B 261 12.89 2.28 -24.93
C ARG B 261 13.92 1.64 -25.87
N TYR B 262 15.11 1.28 -25.36
CA TYR B 262 16.14 0.59 -26.13
C TYR B 262 16.44 -0.75 -25.47
N PRO B 263 15.70 -1.80 -25.82
CA PRO B 263 15.77 -3.06 -25.05
C PRO B 263 17.13 -3.75 -25.03
N ASN B 264 17.94 -3.62 -26.08
CA ASN B 264 19.25 -4.26 -26.12
C ASN B 264 20.37 -3.34 -25.67
N SER B 265 20.05 -2.16 -25.13
CA SER B 265 21.05 -1.19 -24.75
C SER B 265 21.74 -1.58 -23.43
N ARG B 266 22.91 -0.99 -23.17
CA ARG B 266 23.56 -1.06 -21.86
C ARG B 266 23.55 0.34 -21.25
N THR B 267 22.75 0.54 -20.20
CA THR B 267 22.57 1.86 -19.58
C THR B 267 23.28 1.93 -18.23
N THR B 268 23.79 3.13 -17.92
CA THR B 268 24.62 3.34 -16.74
C THR B 268 24.17 4.62 -16.05
N LEU B 269 23.77 4.51 -14.79
CA LEU B 269 23.34 5.67 -14.00
C LEU B 269 24.51 6.16 -13.16
N ILE B 270 24.89 7.41 -13.36
CA ILE B 270 26.03 8.03 -12.71
C ILE B 270 25.54 9.11 -11.75
N MET B 271 25.84 8.93 -10.46
CA MET B 271 25.37 9.87 -9.45
C MET B 271 26.48 10.17 -8.48
N ARG B 272 26.49 11.41 -7.95
CA ARG B 272 27.51 11.77 -6.96
C ARG B 272 27.11 11.45 -5.52
N ASP B 273 25.81 11.29 -5.26
CA ASP B 273 25.34 10.76 -3.99
C ASP B 273 25.60 9.25 -3.95
N SER B 274 25.35 8.64 -2.79
CA SER B 274 25.51 7.21 -2.66
C SER B 274 24.27 6.43 -3.11
N ALA B 275 23.11 7.08 -3.22
CA ALA B 275 21.88 6.37 -3.57
C ALA B 275 20.79 7.37 -3.95
N MET B 276 19.83 6.89 -4.74
CA MET B 276 18.54 7.57 -4.87
C MET B 276 17.85 7.63 -3.52
N ARG B 277 17.31 8.79 -3.20
CA ARG B 277 16.64 8.96 -1.91
C ARG B 277 15.18 9.34 -2.11
N PRO B 278 14.28 8.88 -1.24
CA PRO B 278 12.85 9.07 -1.49
C PRO B 278 12.39 10.50 -1.25
N SER B 279 11.52 11.00 -2.12
CA SER B 279 10.92 12.30 -1.91
C SER B 279 9.93 12.23 -0.75
N ASP B 280 9.78 13.35 -0.05
CA ASP B 280 8.98 13.45 1.16
C ASP B 280 7.71 14.26 0.89
N ASP B 281 6.55 13.59 1.00
CA ASP B 281 5.30 14.34 1.09
C ASP B 281 4.41 13.81 2.21
N SER B 282 5.02 13.35 3.31
CA SER B 282 4.28 13.04 4.53
C SER B 282 3.49 14.27 4.98
N PRO B 283 2.33 14.06 5.61
CA PRO B 283 1.32 15.14 5.67
C PRO B 283 1.76 16.40 6.40
N PHE B 284 2.42 16.29 7.56
CA PHE B 284 2.83 17.52 8.28
C PHE B 284 3.91 18.26 7.51
N VAL B 285 4.96 17.56 7.07
CA VAL B 285 6.02 18.17 6.27
C VAL B 285 5.40 18.86 5.06
N ASN B 286 4.38 18.25 4.47
CA ASN B 286 3.83 18.74 3.22
C ASN B 286 3.08 20.05 3.38
N GLU B 287 2.80 20.49 4.62
CA GLU B 287 2.05 21.73 4.83
C GLU B 287 2.84 22.98 4.45
N ILE B 288 4.17 22.88 4.31
CA ILE B 288 4.94 24.01 3.80
C ILE B 288 4.42 24.44 2.43
N PHE B 289 3.78 23.54 1.68
CA PHE B 289 3.27 23.89 0.36
C PHE B 289 1.89 24.53 0.39
N ASN B 290 1.26 24.63 1.56
CA ASN B 290 -0.06 25.22 1.64
C ASN B 290 -0.01 26.66 1.17
N PRO B 291 -1.03 27.13 0.44
CA PRO B 291 -1.01 28.53 -0.01
C PRO B 291 -0.87 29.53 1.12
N GLU B 292 -1.56 29.33 2.25
CA GLU B 292 -1.54 30.31 3.32
C GLU B 292 -0.20 30.38 4.04
N ARG B 293 0.72 29.44 3.80
CA ARG B 293 2.06 29.54 4.38
C ARG B 293 2.88 30.61 3.73
N VAL B 294 2.55 31.01 2.49
CA VAL B 294 3.39 31.95 1.76
C VAL B 294 3.58 33.23 2.55
N ASP B 295 2.53 33.69 3.23
CA ASP B 295 2.65 34.91 4.05
C ASP B 295 3.71 34.74 5.15
N LYS B 296 3.67 33.64 5.88
CA LYS B 296 4.64 33.39 6.95
C LYS B 296 6.05 33.26 6.37
N PHE B 297 6.22 32.48 5.31
CA PHE B 297 7.56 32.29 4.75
C PHE B 297 8.17 33.63 4.32
N TYR B 298 7.42 34.43 3.57
CA TYR B 298 7.96 35.68 3.05
C TYR B 298 8.47 36.57 4.17
N SER B 299 7.75 36.62 5.29
CA SER B 299 8.04 37.56 6.36
C SER B 299 9.23 37.13 7.24
N GLN B 300 9.71 35.90 7.12
CA GLN B 300 10.86 35.47 7.88
C GLN B 300 12.14 36.15 7.37
N SER B 301 13.17 36.13 8.20
CA SER B 301 14.45 36.69 7.78
C SER B 301 15.08 35.81 6.69
N ALA B 302 16.09 36.37 6.01
CA ALA B 302 16.79 35.60 4.98
C ALA B 302 17.47 34.37 5.56
N ALA B 303 17.95 34.47 6.81
CA ALA B 303 18.56 33.34 7.47
C ALA B 303 17.54 32.25 7.79
N GLU B 304 16.34 32.65 8.25
CA GLU B 304 15.32 31.64 8.53
C GLU B 304 14.83 30.96 7.26
N ARG B 305 14.61 31.74 6.19
CA ARG B 305 14.16 31.19 4.92
C ARG B 305 15.20 30.22 4.33
N GLN B 306 16.49 30.57 4.43
CA GLN B 306 17.56 29.71 3.94
C GLN B 306 17.67 28.42 4.75
N ARG B 307 17.57 28.54 6.07
CA ARG B 307 17.63 27.36 6.93
C ARG B 307 16.44 26.45 6.67
N SER B 308 15.25 27.04 6.47
CA SER B 308 14.03 26.27 6.23
C SER B 308 14.10 25.53 4.90
N LEU B 309 14.53 26.21 3.84
CA LEU B 309 14.62 25.56 2.53
C LEU B 309 15.55 24.36 2.59
N LEU B 310 16.63 24.47 3.35
CA LEU B 310 17.59 23.37 3.47
C LEU B 310 17.02 22.20 4.24
N ALA B 311 16.24 22.47 5.30
CA ALA B 311 15.61 21.42 6.10
C ALA B 311 14.57 20.63 5.30
N ASP B 312 13.88 21.27 4.36
CA ASP B 312 12.83 20.65 3.59
C ASP B 312 13.29 20.25 2.20
N LYS B 313 14.61 20.17 2.00
CA LYS B 313 15.20 19.91 0.68
C LYS B 313 14.58 18.67 0.02
N ALA B 314 14.40 17.60 0.80
CA ALA B 314 13.90 16.31 0.35
C ALA B 314 12.41 16.33 -0.07
N THR B 315 11.73 17.47 0.03
CA THR B 315 10.38 17.55 -0.52
C THR B 315 10.35 17.78 -2.02
N ASN B 316 11.48 18.17 -2.62
CA ASN B 316 11.46 18.54 -4.02
C ASN B 316 12.74 18.28 -4.82
N TYR B 317 13.92 18.64 -4.31
CA TYR B 317 15.16 18.55 -5.08
C TYR B 317 15.93 17.27 -4.77
N SER B 318 16.46 16.64 -5.84
CA SER B 318 17.34 15.48 -5.74
C SER B 318 16.65 14.30 -5.05
N VAL B 319 15.39 14.08 -5.38
CA VAL B 319 14.61 13.01 -4.77
C VAL B 319 13.70 12.37 -5.81
N VAL B 320 13.41 11.10 -5.57
CA VAL B 320 12.66 10.24 -6.48
C VAL B 320 11.45 9.70 -5.73
N ARG B 321 10.32 9.59 -6.42
CA ARG B 321 9.18 8.95 -5.81
C ARG B 321 9.51 7.52 -5.42
N LEU B 322 9.20 7.15 -4.17
CA LEU B 322 9.57 5.85 -3.60
C LEU B 322 9.21 4.70 -4.53
N GLU B 323 8.00 4.73 -5.11
CA GLU B 323 7.54 3.62 -5.94
C GLU B 323 8.49 3.40 -7.13
N LEU B 324 9.04 4.48 -7.69
CA LEU B 324 9.99 4.36 -8.78
C LEU B 324 11.36 3.89 -8.27
N ILE B 325 11.78 4.32 -7.08
CA ILE B 325 12.98 3.73 -6.49
C ILE B 325 12.81 2.23 -6.36
N GLU B 326 11.65 1.83 -5.83
CA GLU B 326 11.39 0.41 -5.60
C GLU B 326 11.40 -0.39 -6.90
N GLU B 327 10.90 0.20 -8.00
CA GLU B 327 10.89 -0.46 -9.30
C GLU B 327 12.31 -0.64 -9.83
N ILE B 328 13.12 0.41 -9.75
CA ILE B 328 14.49 0.31 -10.25
C ILE B 328 15.28 -0.73 -9.46
N TYR B 329 15.09 -0.76 -8.13
CA TYR B 329 15.79 -1.75 -7.30
C TYR B 329 15.40 -3.16 -7.69
N ASN B 330 14.11 -3.38 -7.95
CA ASN B 330 13.64 -4.69 -8.38
C ASN B 330 14.24 -5.08 -9.72
N ASP B 331 14.27 -4.14 -10.68
CA ASP B 331 14.93 -4.43 -11.94
C ASP B 331 16.37 -4.86 -11.71
N MET B 332 17.08 -4.20 -10.81
CA MET B 332 18.46 -4.56 -10.50
C MET B 332 18.53 -5.92 -9.79
N TYR B 333 17.58 -6.19 -8.89
CA TYR B 333 17.57 -7.48 -8.20
C TYR B 333 17.42 -8.63 -9.20
N LEU B 334 16.52 -8.48 -10.18
CA LEU B 334 16.36 -9.51 -11.20
C LEU B 334 17.67 -9.80 -11.91
N GLN B 335 18.46 -8.75 -12.20
CA GLN B 335 19.77 -8.95 -12.80
C GLN B 335 20.68 -9.74 -11.86
N ARG B 336 20.61 -9.45 -10.56
CA ARG B 336 21.45 -10.18 -9.60
C ARG B 336 21.08 -11.65 -9.55
N VAL B 337 19.78 -11.95 -9.66
CA VAL B 337 19.33 -13.33 -9.73
C VAL B 337 19.98 -14.05 -10.90
N LYS B 338 20.04 -13.39 -12.07
CA LYS B 338 20.58 -13.99 -13.28
C LYS B 338 22.10 -14.07 -13.25
N ASN B 339 22.78 -13.12 -12.61
CA ASN B 339 24.24 -13.15 -12.59
C ASN B 339 24.74 -12.48 -11.32
N PRO B 340 25.43 -13.22 -10.45
CA PRO B 340 25.85 -12.64 -9.17
C PRO B 340 26.90 -11.57 -9.31
N ASP B 341 27.47 -11.38 -10.52
CA ASP B 341 28.56 -10.44 -10.76
C ASP B 341 27.98 -9.13 -11.31
N GLU B 342 27.93 -8.10 -10.46
CA GLU B 342 27.35 -6.82 -10.85
C GLU B 342 28.02 -6.25 -12.11
N THR B 343 29.33 -6.47 -12.28
CA THR B 343 30.04 -5.88 -13.42
C THR B 343 29.57 -6.41 -14.76
N GLN B 344 28.87 -7.56 -14.78
CA GLN B 344 28.37 -8.11 -16.03
C GLN B 344 26.95 -7.66 -16.37
N TRP B 345 26.31 -6.85 -15.52
CA TRP B 345 24.89 -6.57 -15.72
C TRP B 345 24.73 -5.65 -16.92
N GLN B 346 23.63 -5.84 -17.64
CA GLN B 346 23.30 -4.96 -18.75
C GLN B 346 23.14 -3.51 -18.28
N HIS B 347 22.49 -3.30 -17.14
CA HIS B 347 22.20 -1.97 -16.63
C HIS B 347 22.84 -1.81 -15.25
N ARG B 348 23.50 -0.69 -15.02
CA ARG B 348 24.31 -0.55 -13.82
C ARG B 348 24.14 0.83 -13.24
N ILE B 349 24.30 0.91 -11.92
CA ILE B 349 24.28 2.16 -11.18
C ILE B 349 25.67 2.33 -10.58
N LEU B 350 26.33 3.44 -10.91
CA LEU B 350 27.66 3.72 -10.36
C LEU B 350 27.53 4.90 -9.40
N PRO B 351 27.41 4.64 -8.10
CA PRO B 351 27.20 5.71 -7.15
C PRO B 351 28.52 6.35 -6.73
N GLU B 352 28.40 7.54 -6.14
CA GLU B 352 29.53 8.28 -5.58
C GLU B 352 30.65 8.44 -6.60
N ARG B 353 30.26 8.79 -7.83
CA ARG B 353 31.17 9.06 -8.92
C ARG B 353 30.90 10.48 -9.43
N LYS B 354 31.95 11.08 -10.02
CA LYS B 354 31.80 12.28 -10.81
C LYS B 354 32.57 12.14 -12.11
N ILE B 355 32.10 12.86 -13.12
CA ILE B 355 32.74 12.87 -14.43
C ILE B 355 33.86 13.89 -14.40
N THR B 356 35.08 13.43 -14.69
CA THR B 356 36.24 14.32 -14.69
C THR B 356 36.67 14.75 -16.10
N ARG B 357 36.37 13.96 -17.12
CA ARG B 357 36.72 14.29 -18.49
C ARG B 357 35.76 13.60 -19.46
N VAL B 358 35.44 14.30 -20.54
CA VAL B 358 34.64 13.74 -21.63
C VAL B 358 35.40 13.94 -22.92
N GLU B 359 35.85 12.84 -23.54
CA GLU B 359 36.52 12.87 -24.83
C GLU B 359 35.48 12.77 -25.94
N HIS B 360 35.42 13.76 -26.81
CA HIS B 360 34.38 13.81 -27.82
C HIS B 360 34.85 14.26 -29.20
N HIS B 361 36.11 14.63 -29.37
CA HIS B 361 36.58 14.98 -30.71
C HIS B 361 36.97 13.71 -31.47
N GLY B 362 36.86 13.75 -32.79
CA GLY B 362 37.18 12.60 -33.62
C GLY B 362 35.98 12.04 -34.37
N PRO B 363 36.21 11.20 -35.37
CA PRO B 363 35.10 10.68 -36.20
C PRO B 363 34.28 9.55 -35.58
N GLN B 364 34.63 9.04 -34.40
CA GLN B 364 33.90 7.90 -33.85
C GLN B 364 32.55 8.33 -33.29
N SER B 365 31.63 7.35 -33.18
CA SER B 365 30.29 7.63 -32.65
C SER B 365 30.28 7.81 -31.15
N ARG B 366 31.17 7.15 -30.42
CA ARG B 366 31.05 7.13 -28.97
C ARG B 366 32.01 8.10 -28.32
N MET B 367 31.56 8.69 -27.21
CA MET B 367 32.40 9.48 -26.34
C MET B 367 33.00 8.59 -25.26
N ARG B 368 34.11 9.04 -24.69
CA ARG B 368 34.76 8.33 -23.59
C ARG B 368 34.64 9.19 -22.34
N ILE B 369 33.88 8.68 -21.36
CA ILE B 369 33.64 9.38 -20.09
C ILE B 369 34.61 8.85 -19.04
N HIS B 370 35.31 9.76 -18.36
CA HIS B 370 36.22 9.39 -17.28
C HIS B 370 35.57 9.68 -15.94
N LEU B 371 35.55 8.67 -15.08
CA LEU B 371 34.90 8.75 -13.77
C LEU B 371 35.93 8.62 -12.66
N LYS B 372 35.84 9.49 -11.66
CA LYS B 372 36.58 9.39 -10.42
C LYS B 372 35.57 9.43 -9.28
N SER B 373 36.03 9.11 -8.06
CA SER B 373 35.16 9.17 -6.89
C SER B 373 34.72 10.61 -6.61
N SER B 374 33.48 10.77 -6.17
CA SER B 374 32.98 12.10 -5.83
C SER B 374 33.39 12.52 -4.41
N LYS B 375 34.22 11.72 -3.73
CA LYS B 375 34.69 12.12 -2.40
C LYS B 375 35.43 13.45 -2.53
N PRO B 376 35.32 14.34 -1.55
CA PRO B 376 35.93 15.67 -1.68
C PRO B 376 37.42 15.57 -1.96
N GLU B 377 37.91 16.47 -2.82
CA GLU B 377 39.32 16.47 -3.20
C GLU B 377 40.24 16.34 -1.99
N SER B 378 39.76 16.80 -0.83
CA SER B 378 40.34 16.52 0.49
C SER B 378 40.29 15.02 0.81
N ASN B 383 46.47 6.68 -5.27
CA ASN B 383 45.90 5.33 -5.28
C ASN B 383 44.39 5.35 -5.41
N ASP B 384 43.85 6.47 -5.88
CA ASP B 384 42.47 6.49 -6.34
C ASP B 384 42.39 5.89 -7.74
N VAL B 385 41.21 5.44 -8.10
CA VAL B 385 40.98 4.69 -9.32
C VAL B 385 40.13 5.54 -10.27
N LYS B 386 40.41 5.43 -11.57
CA LYS B 386 39.62 6.08 -12.60
C LYS B 386 39.01 5.02 -13.53
N GLU B 387 37.70 5.14 -13.74
CA GLU B 387 36.91 4.30 -14.63
C GLU B 387 36.60 5.03 -15.93
N THR B 388 36.46 4.27 -17.02
CA THR B 388 36.05 4.87 -18.28
C THR B 388 34.80 4.15 -18.78
N LEU B 389 33.98 4.90 -19.51
CA LEU B 389 32.82 4.39 -20.22
C LEU B 389 32.89 4.91 -21.64
N GLU B 390 32.51 4.07 -22.58
CA GLU B 390 32.23 4.51 -23.94
C GLU B 390 30.72 4.51 -24.13
N VAL B 391 30.16 5.67 -24.47
CA VAL B 391 28.71 5.85 -24.55
C VAL B 391 28.37 6.55 -25.87
N ASP B 392 27.25 6.17 -26.46
CA ASP B 392 26.66 6.83 -27.62
C ASP B 392 25.97 8.14 -27.27
N ALA B 393 25.56 8.32 -26.02
CA ALA B 393 24.89 9.54 -25.59
C ALA B 393 25.04 9.62 -24.08
N LEU B 394 24.99 10.85 -23.57
CA LEU B 394 24.96 11.11 -22.13
C LEU B 394 23.75 11.98 -21.82
N MET B 395 22.81 11.45 -21.05
CA MET B 395 21.67 12.23 -20.59
C MET B 395 22.06 12.92 -19.29
N VAL B 396 21.92 14.24 -19.27
CA VAL B 396 22.36 15.07 -18.15
C VAL B 396 21.10 15.53 -17.42
N ALA B 397 20.76 14.84 -16.35
CA ALA B 397 19.54 15.14 -15.62
C ALA B 397 19.90 15.89 -14.33
N THR B 398 20.48 17.06 -14.54
CA THR B 398 21.10 17.80 -13.45
C THR B 398 20.30 19.04 -13.05
N GLY B 399 19.01 19.10 -13.36
CA GLY B 399 18.16 20.14 -12.82
C GLY B 399 18.09 21.42 -13.64
N TYR B 400 17.68 22.50 -12.96
CA TYR B 400 17.26 23.74 -13.61
C TYR B 400 17.76 24.96 -12.85
N ASN B 401 17.97 26.04 -13.59
CA ASN B 401 18.18 27.36 -13.04
C ASN B 401 16.98 28.25 -13.33
N ARG B 402 16.75 29.24 -12.48
CA ARG B 402 15.63 30.16 -12.63
C ARG B 402 16.17 31.59 -12.53
N ASN B 403 17.04 31.95 -13.47
CA ASN B 403 17.63 33.27 -13.55
C ASN B 403 17.57 33.83 -14.96
N ALA B 404 16.79 33.24 -15.85
CA ALA B 404 16.75 33.76 -17.21
C ALA B 404 16.09 35.14 -17.26
N HIS B 405 15.32 35.51 -16.24
CA HIS B 405 14.69 36.82 -16.23
C HIS B 405 15.73 37.94 -16.11
N GLU B 406 16.88 37.68 -15.51
CA GLU B 406 17.91 38.71 -15.41
C GLU B 406 18.31 39.20 -16.79
N ARG B 407 18.48 38.29 -17.75
CA ARG B 407 18.84 38.71 -19.11
C ARG B 407 17.67 39.41 -19.80
N LEU B 408 16.45 38.90 -19.61
CA LEU B 408 15.32 39.54 -20.28
C LEU B 408 15.10 40.95 -19.77
N LEU B 409 15.41 41.22 -18.49
CA LEU B 409 15.14 42.50 -17.88
C LEU B 409 16.36 43.42 -17.84
N SER B 410 17.45 43.04 -18.53
CA SER B 410 18.71 43.76 -18.35
C SER B 410 18.66 45.20 -18.87
N LYS B 411 17.80 45.50 -19.83
CA LYS B 411 17.73 46.88 -20.31
C LYS B 411 16.80 47.76 -19.48
N VAL B 412 16.21 47.24 -18.41
CA VAL B 412 15.47 48.09 -17.49
C VAL B 412 16.01 47.97 -16.07
N GLN B 413 17.12 47.26 -15.86
CA GLN B 413 17.61 47.08 -14.51
C GLN B 413 18.13 48.39 -13.90
N HIS B 414 18.46 49.37 -14.73
CA HIS B 414 18.83 50.69 -14.23
C HIS B 414 17.67 51.41 -13.55
N LEU B 415 16.45 50.88 -13.66
CA LEU B 415 15.30 51.44 -13.00
C LEU B 415 15.11 50.91 -11.58
N ARG B 416 15.93 49.95 -11.15
CA ARG B 416 15.89 49.45 -9.79
C ARG B 416 16.36 50.52 -8.80
N PRO B 417 16.05 50.36 -7.52
CA PRO B 417 16.60 51.25 -6.49
C PRO B 417 18.13 51.28 -6.53
N THR B 418 18.69 52.45 -6.21
CA THR B 418 20.13 52.61 -6.24
C THR B 418 20.79 51.62 -5.30
N GLY B 419 21.62 50.73 -5.85
CA GLY B 419 22.37 49.79 -5.04
C GLY B 419 21.93 48.34 -5.11
N GLN B 420 20.79 48.03 -5.70
CA GLN B 420 20.34 46.64 -5.80
C GLN B 420 21.05 45.95 -6.95
N ASP B 421 21.67 44.80 -6.66
CA ASP B 421 22.29 43.98 -7.68
C ASP B 421 21.40 42.86 -8.17
N GLN B 422 20.21 42.69 -7.59
CA GLN B 422 19.29 41.63 -7.97
C GLN B 422 17.87 42.18 -7.89
N TRP B 423 16.96 41.56 -8.63
CA TRP B 423 15.55 41.98 -8.61
C TRP B 423 14.90 41.50 -7.32
N LYS B 424 14.14 42.39 -6.69
CA LYS B 424 13.57 42.11 -5.37
C LYS B 424 12.05 42.08 -5.45
N PRO B 425 11.41 40.92 -5.41
CA PRO B 425 9.94 40.89 -5.37
C PRO B 425 9.40 41.15 -3.98
N HIS B 426 8.34 41.95 -3.93
CA HIS B 426 7.55 42.10 -2.73
C HIS B 426 6.69 40.84 -2.54
N ARG B 427 5.91 40.84 -1.45
CA ARG B 427 5.03 39.71 -1.18
C ARG B 427 4.07 39.46 -2.33
N ASP B 428 3.57 40.52 -2.97
CA ASP B 428 2.67 40.39 -4.12
C ASP B 428 3.42 40.19 -5.45
N TYR B 429 4.71 39.83 -5.42
CA TYR B 429 5.54 39.41 -6.56
C TYR B 429 5.99 40.53 -7.50
N ARG B 430 5.60 41.77 -7.25
CA ARG B 430 6.07 42.93 -8.01
C ARG B 430 7.47 43.31 -7.57
N VAL B 431 8.37 43.56 -8.54
CA VAL B 431 9.76 43.89 -8.20
C VAL B 431 9.83 45.33 -7.72
N GLU B 432 10.80 45.57 -6.84
CA GLU B 432 11.03 46.90 -6.28
C GLU B 432 11.61 47.81 -7.34
N MET B 433 11.08 49.04 -7.43
CA MET B 433 11.65 49.99 -8.38
C MET B 433 11.79 51.37 -7.74
N ASP B 434 12.74 52.14 -8.25
CA ASP B 434 12.93 53.53 -7.85
C ASP B 434 11.68 54.34 -8.19
N PRO B 435 10.96 54.83 -7.18
CA PRO B 435 9.71 55.58 -7.46
C PRO B 435 9.92 56.87 -8.25
N SER B 436 11.15 57.39 -8.34
CA SER B 436 11.38 58.57 -9.16
C SER B 436 11.67 58.22 -10.63
N LYS B 437 11.91 56.94 -10.94
CA LYS B 437 12.20 56.55 -12.33
C LYS B 437 11.05 55.81 -13.01
N VAL B 438 10.11 55.27 -12.25
CA VAL B 438 9.03 54.46 -12.80
C VAL B 438 7.71 54.99 -12.26
N SER B 439 6.78 55.26 -13.16
CA SER B 439 5.44 55.65 -12.73
C SER B 439 4.83 54.56 -11.86
N SER B 440 4.02 54.99 -10.89
CA SER B 440 3.30 54.04 -10.04
C SER B 440 2.32 53.17 -10.83
N GLU B 441 1.93 53.59 -12.04
CA GLU B 441 1.01 52.86 -12.91
C GLU B 441 1.70 51.79 -13.76
N ALA B 442 3.03 51.70 -13.69
CA ALA B 442 3.81 50.70 -14.42
C ALA B 442 4.57 49.81 -13.45
N GLY B 443 4.90 48.61 -13.91
CA GLY B 443 5.61 47.67 -13.05
C GLY B 443 5.85 46.34 -13.75
N ILE B 444 6.65 45.51 -13.08
CA ILE B 444 7.05 44.18 -13.54
C ILE B 444 6.87 43.18 -12.39
N TRP B 445 6.26 42.03 -12.69
CA TRP B 445 6.02 40.97 -11.72
C TRP B 445 6.80 39.71 -12.13
N LEU B 446 7.27 38.95 -11.14
CA LEU B 446 7.97 37.70 -11.39
C LEU B 446 7.14 36.52 -10.89
N GLN B 447 7.16 35.43 -11.65
CA GLN B 447 6.43 34.22 -11.27
C GLN B 447 7.33 33.01 -11.49
N GLY B 448 7.46 32.18 -10.45
CA GLY B 448 8.15 30.91 -10.53
C GLY B 448 9.60 30.92 -10.11
N CYS B 449 10.22 32.09 -10.00
CA CYS B 449 11.63 32.20 -9.66
C CYS B 449 11.87 32.77 -8.27
N ASN B 450 10.92 32.64 -7.35
CA ASN B 450 10.95 33.38 -6.11
C ASN B 450 11.00 32.46 -4.89
N GLU B 451 11.55 31.26 -5.08
CA GLU B 451 11.60 30.29 -3.99
C GLU B 451 12.27 30.88 -2.76
N ARG B 452 13.39 31.60 -2.97
CA ARG B 452 14.16 32.13 -1.86
C ARG B 452 13.35 33.12 -1.03
N THR B 453 12.43 33.88 -1.65
CA THR B 453 11.60 34.76 -0.83
C THR B 453 10.21 34.20 -0.53
N HIS B 454 9.71 33.21 -1.29
CA HIS B 454 8.30 32.83 -1.17
C HIS B 454 8.04 31.36 -0.86
N GLY B 455 9.05 30.52 -0.83
CA GLY B 455 8.90 29.16 -0.32
C GLY B 455 9.01 28.11 -1.41
N LEU B 456 9.16 26.86 -0.97
CA LEU B 456 9.39 25.75 -1.90
C LEU B 456 8.26 25.56 -2.90
N SER B 457 7.09 26.16 -2.69
CA SER B 457 5.98 25.97 -3.62
C SER B 457 6.04 26.89 -4.85
N ASP B 458 7.01 27.80 -4.91
CA ASP B 458 6.94 28.87 -5.90
C ASP B 458 7.08 28.34 -7.32
N SER B 459 7.90 27.31 -7.52
CA SER B 459 8.15 26.83 -8.87
C SER B 459 7.19 25.72 -9.27
N LEU B 460 6.33 25.30 -8.38
CA LEU B 460 5.53 24.11 -8.62
C LEU B 460 4.10 24.51 -9.01
N LEU B 461 3.24 23.51 -9.12
CA LEU B 461 1.81 23.74 -9.31
C LEU B 461 1.12 24.02 -7.99
N SER B 462 1.85 23.86 -6.88
CA SER B 462 1.27 23.78 -5.54
C SER B 462 0.32 24.91 -5.21
N VAL B 463 0.71 26.16 -5.47
CA VAL B 463 -0.11 27.31 -5.08
C VAL B 463 -0.57 28.13 -6.28
N LEU B 464 -0.53 27.56 -7.49
CA LEU B 464 -0.80 28.37 -8.69
C LEU B 464 -2.23 28.92 -8.71
N ALA B 465 -3.24 28.10 -8.33
CA ALA B 465 -4.62 28.58 -8.40
C ALA B 465 -4.84 29.78 -7.50
N VAL B 466 -4.41 29.67 -6.23
CA VAL B 466 -4.58 30.78 -5.29
C VAL B 466 -3.76 31.98 -5.74
N ARG B 467 -2.53 31.73 -6.23
CA ARG B 467 -1.64 32.82 -6.59
C ARG B 467 -2.16 33.60 -7.79
N GLY B 468 -2.73 32.90 -8.77
CA GLY B 468 -3.40 33.59 -9.87
C GLY B 468 -4.46 34.56 -9.38
N GLY B 469 -5.24 34.14 -8.39
CA GLY B 469 -6.19 35.06 -7.80
C GLY B 469 -5.50 36.25 -7.16
N GLU B 470 -4.46 36.00 -6.37
CA GLU B 470 -3.70 37.10 -5.77
C GLU B 470 -3.16 38.05 -6.84
N MET B 471 -2.63 37.48 -7.94
CA MET B 471 -2.06 38.31 -9.00
C MET B 471 -3.12 39.17 -9.67
N VAL B 472 -4.31 38.62 -9.89
CA VAL B 472 -5.40 39.39 -10.51
C VAL B 472 -5.83 40.55 -9.62
N GLN B 473 -5.92 40.32 -8.30
CA GLN B 473 -6.15 41.43 -7.38
C GLN B 473 -5.00 42.42 -7.46
N SER B 474 -3.77 41.93 -7.34
CA SER B 474 -2.60 42.81 -7.34
C SER B 474 -2.53 43.65 -8.61
N ILE B 475 -2.69 43.03 -9.78
CA ILE B 475 -2.47 43.75 -11.03
C ILE B 475 -3.69 44.53 -11.48
N PHE B 476 -4.90 43.98 -11.28
CA PHE B 476 -6.13 44.59 -11.79
C PHE B 476 -7.12 45.01 -10.70
N GLY B 477 -6.80 44.82 -9.42
CA GLY B 477 -7.77 45.08 -8.37
C GLY B 477 -8.41 46.46 -8.42
N GLU B 478 -7.59 47.50 -8.37
CA GLU B 478 -8.12 48.85 -8.45
C GLU B 478 -8.85 49.08 -9.76
N GLN B 479 -8.28 48.58 -10.87
CA GLN B 479 -8.90 48.75 -12.17
C GLN B 479 -10.27 48.08 -12.23
N LEU B 480 -10.39 46.86 -11.70
CA LEU B 480 -11.70 46.20 -11.74
C LEU B 480 -12.70 46.88 -10.82
N GLU B 481 -12.26 47.37 -9.66
CA GLU B 481 -13.14 48.09 -8.72
C GLU B 481 -13.50 49.50 -9.20
N ARG C 23 23.48 -27.16 25.27
CA ARG C 23 23.26 -26.10 26.25
C ARG C 23 24.58 -25.76 26.93
N LEU C 24 24.92 -24.47 26.99
CA LEU C 24 26.19 -24.02 27.56
C LEU C 24 26.19 -24.23 29.07
N ARG C 25 27.19 -24.94 29.59
CA ARG C 25 27.19 -25.20 31.01
C ARG C 25 27.90 -24.08 31.77
N SER C 26 27.44 -23.83 32.99
CA SER C 26 27.97 -22.73 33.77
C SER C 26 29.40 -23.01 34.21
N THR C 27 30.09 -21.96 34.49
CA THR C 27 31.40 -21.93 35.09
C THR C 27 31.28 -21.50 36.55
N PRO C 28 31.97 -22.16 37.48
CA PRO C 28 32.00 -21.68 38.86
C PRO C 28 32.39 -20.21 38.94
N GLN C 29 31.66 -19.50 39.81
CA GLN C 29 31.75 -18.04 39.91
C GLN C 29 33.17 -17.55 40.16
N ASP C 30 33.95 -18.31 40.92
CA ASP C 30 35.29 -17.93 41.37
C ASP C 30 36.40 -18.33 40.41
N GLU C 31 36.09 -18.99 39.30
CA GLU C 31 37.16 -19.40 38.39
C GLU C 31 37.55 -18.28 37.44
N LEU C 32 38.69 -18.46 36.81
CA LEU C 32 39.17 -17.54 35.79
C LEU C 32 38.34 -17.81 34.54
N HIS C 33 37.54 -16.85 34.13
CA HIS C 33 36.72 -17.03 32.95
C HIS C 33 37.51 -16.75 31.68
N ASP C 34 37.09 -17.37 30.58
CA ASP C 34 37.62 -16.93 29.30
C ASP C 34 36.95 -15.64 28.84
N LEU C 35 35.64 -15.51 29.02
CA LEU C 35 34.92 -14.32 28.59
C LEU C 35 33.85 -13.95 29.59
N LEU C 36 33.77 -12.68 29.93
CA LEU C 36 32.66 -12.15 30.71
C LEU C 36 32.01 -11.02 29.92
N CYS C 37 30.69 -11.09 29.75
CA CYS C 37 29.91 -10.10 29.02
C CYS C 37 29.06 -9.28 29.98
N VAL C 38 29.11 -7.96 29.84
CA VAL C 38 28.31 -7.05 30.65
C VAL C 38 27.04 -6.73 29.87
N GLY C 39 25.90 -7.16 30.41
CA GLY C 39 24.62 -6.99 29.74
C GLY C 39 24.16 -8.25 29.04
N PHE C 40 22.86 -8.55 29.12
CA PHE C 40 22.31 -9.66 28.34
C PHE C 40 21.08 -9.17 27.59
N GLY C 41 21.29 -8.15 26.76
CA GLY C 41 20.33 -7.75 25.78
C GLY C 41 20.61 -8.44 24.46
N PRO C 42 20.00 -7.94 23.40
CA PRO C 42 20.15 -8.60 22.09
C PRO C 42 21.59 -8.74 21.62
N ALA C 43 22.46 -7.76 21.90
CA ALA C 43 23.83 -7.83 21.42
C ALA C 43 24.57 -9.00 22.07
N SER C 44 24.49 -9.09 23.40
CA SER C 44 25.13 -10.20 24.10
C SER C 44 24.47 -11.52 23.76
N LEU C 45 23.13 -11.51 23.60
CA LEU C 45 22.39 -12.71 23.26
C LEU C 45 22.83 -13.25 21.91
N ALA C 46 23.12 -12.37 20.94
CA ALA C 46 23.56 -12.83 19.64
C ALA C 46 24.93 -13.49 19.74
N ILE C 47 25.76 -13.01 20.65
CA ILE C 47 27.04 -13.66 20.91
C ILE C 47 26.81 -15.04 21.52
N ALA C 48 25.93 -15.13 22.53
CA ALA C 48 25.60 -16.43 23.11
C ALA C 48 25.11 -17.40 22.03
N ILE C 49 24.23 -16.93 21.16
CA ILE C 49 23.66 -17.79 20.12
C ILE C 49 24.75 -18.27 19.16
N ALA C 50 25.65 -17.37 18.80
CA ALA C 50 26.72 -17.69 17.85
C ALA C 50 27.70 -18.69 18.43
N LEU C 51 28.02 -18.57 19.72
CA LEU C 51 28.87 -19.58 20.33
C LEU C 51 28.16 -20.92 20.35
N HIS C 52 26.87 -20.92 20.69
CA HIS C 52 26.12 -22.16 20.66
C HIS C 52 26.23 -22.81 19.29
N ASP C 53 25.98 -22.03 18.24
CA ASP C 53 25.99 -22.57 16.90
C ASP C 53 27.39 -23.02 16.47
N ALA C 54 28.43 -22.32 16.95
CA ALA C 54 29.80 -22.74 16.63
C ALA C 54 30.15 -24.08 17.25
N LEU C 55 29.52 -24.43 18.36
CA LEU C 55 29.79 -25.68 19.05
C LEU C 55 28.87 -26.80 18.60
N ASP C 56 27.90 -26.51 17.76
CA ASP C 56 26.95 -27.50 17.26
C ASP C 56 27.56 -28.21 16.07
N PRO C 57 27.88 -29.50 16.18
CA PRO C 57 28.49 -30.21 15.05
C PRO C 57 27.55 -30.31 13.85
N ARG C 58 26.24 -30.12 14.05
CA ARG C 58 25.31 -30.07 12.93
C ARG C 58 25.49 -28.81 12.08
N LEU C 59 25.91 -27.70 12.70
CA LEU C 59 26.09 -26.46 11.96
C LEU C 59 27.52 -26.22 11.53
N ASN C 60 28.51 -26.54 12.37
CA ASN C 60 29.93 -26.46 12.02
C ASN C 60 30.52 -27.87 12.13
N LYS C 61 30.98 -28.42 11.01
CA LYS C 61 31.42 -29.81 10.99
C LYS C 61 32.56 -30.04 12.00
N SER C 62 33.43 -29.05 12.16
CA SER C 62 34.57 -29.17 13.08
C SER C 62 34.12 -29.39 14.51
N ALA C 63 32.95 -28.86 14.89
CA ALA C 63 32.49 -28.89 16.27
C ALA C 63 32.39 -30.32 16.83
N SER C 64 32.54 -31.32 15.97
CA SER C 64 32.59 -32.71 16.44
C SER C 64 33.78 -32.91 17.37
N ASN C 65 34.97 -32.53 16.92
CA ASN C 65 36.20 -32.64 17.70
C ASN C 65 36.43 -31.40 18.56
N ILE C 66 35.42 -31.09 19.41
CA ILE C 66 35.50 -30.01 20.42
C ILE C 66 34.88 -30.50 21.72
N HIS C 67 35.71 -30.89 22.68
CA HIS C 67 35.21 -31.32 24.00
C HIS C 67 35.44 -30.26 25.08
N ALA C 68 35.76 -29.03 24.69
CA ALA C 68 36.05 -27.95 25.62
C ALA C 68 35.14 -26.76 25.32
N GLN C 69 34.11 -26.57 26.14
CA GLN C 69 33.31 -25.36 26.02
C GLN C 69 34.05 -24.21 26.71
N PRO C 70 34.17 -23.04 26.07
CA PRO C 70 34.82 -21.91 26.74
C PRO C 70 34.10 -21.53 28.02
N LYS C 71 34.86 -21.02 28.99
CA LYS C 71 34.29 -20.60 30.28
C LYS C 71 33.69 -19.22 30.09
N ILE C 72 32.36 -19.14 29.95
CA ILE C 72 31.73 -17.89 29.60
C ILE C 72 30.68 -17.52 30.65
N CYS C 73 30.49 -16.22 30.86
CA CYS C 73 29.53 -15.73 31.82
C CYS C 73 28.99 -14.38 31.38
N PHE C 74 27.69 -14.17 31.61
CA PHE C 74 26.95 -12.96 31.28
C PHE C 74 26.33 -12.36 32.54
N LEU C 75 26.44 -11.04 32.70
CA LEU C 75 25.87 -10.31 33.83
C LEU C 75 24.84 -9.32 33.32
N GLU C 76 23.60 -9.43 33.77
CA GLU C 76 22.47 -8.60 33.35
C GLU C 76 21.79 -8.00 34.56
N ARG C 77 21.52 -6.69 34.51
CA ARG C 77 21.01 -5.96 35.66
C ARG C 77 19.54 -6.25 35.92
N GLN C 78 18.75 -6.45 34.87
CA GLN C 78 17.34 -6.79 35.05
C GLN C 78 17.22 -8.20 35.63
N LYS C 79 16.05 -8.47 36.22
CA LYS C 79 15.80 -9.75 36.88
C LYS C 79 15.51 -10.88 35.89
N GLN C 80 15.14 -10.55 34.66
CA GLN C 80 14.94 -11.52 33.60
C GLN C 80 15.16 -10.79 32.29
N PHE C 81 15.30 -11.55 31.20
CA PHE C 81 15.44 -10.91 29.91
C PHE C 81 14.23 -10.04 29.63
N ALA C 82 14.49 -8.82 29.13
CA ALA C 82 13.43 -7.89 28.76
C ALA C 82 13.99 -6.88 27.77
N TRP C 83 13.21 -6.53 26.77
CA TRP C 83 13.67 -5.68 25.66
C TRP C 83 12.90 -4.36 25.60
N HIS C 84 13.43 -3.32 26.26
CA HIS C 84 12.79 -2.00 26.36
C HIS C 84 11.33 -2.13 26.81
N SER C 85 11.16 -2.80 27.95
CA SER C 85 9.81 -3.02 28.45
C SER C 85 9.13 -1.70 28.79
N GLY C 86 9.91 -0.67 29.13
CA GLY C 86 9.34 0.63 29.40
C GLY C 86 8.75 1.33 28.20
N MET C 87 8.98 0.80 27.00
CA MET C 87 8.39 1.36 25.79
C MET C 87 7.53 0.35 25.06
N LEU C 88 7.09 -0.73 25.73
CA LEU C 88 6.18 -1.70 25.11
C LEU C 88 4.78 -1.11 25.03
N VAL C 89 4.68 -0.05 24.22
CA VAL C 89 3.41 0.64 23.98
C VAL C 89 2.50 -0.31 23.21
N PRO C 90 1.22 -0.43 23.60
CA PRO C 90 0.31 -1.32 22.86
C PRO C 90 0.37 -1.07 21.36
N GLY C 91 0.60 -2.13 20.60
CA GLY C 91 0.57 -2.02 19.17
C GLY C 91 1.83 -1.50 18.52
N SER C 92 2.91 -1.28 19.27
CA SER C 92 4.14 -0.82 18.64
C SER C 92 4.79 -1.94 17.84
N LYS C 93 5.38 -1.58 16.70
CA LYS C 93 5.90 -2.56 15.75
C LYS C 93 7.42 -2.44 15.62
N MET C 94 8.05 -3.54 15.23
CA MET C 94 9.47 -3.53 14.90
C MET C 94 9.73 -2.53 13.78
N GLN C 95 10.91 -1.92 13.81
CA GLN C 95 11.30 -1.04 12.72
C GLN C 95 12.28 -1.72 11.78
N ILE C 96 12.24 -3.05 11.72
CA ILE C 96 13.23 -3.82 10.98
C ILE C 96 12.62 -5.15 10.58
N SER C 97 12.99 -5.62 9.37
CA SER C 97 12.49 -6.89 8.87
C SER C 97 12.88 -8.02 9.79
N PHE C 98 11.95 -8.97 10.02
CA PHE C 98 12.26 -10.10 10.89
C PHE C 98 13.37 -10.97 10.34
N ILE C 99 13.71 -10.85 9.05
CA ILE C 99 14.81 -11.62 8.50
C ILE C 99 16.11 -11.22 9.18
N LYS C 100 16.17 -9.99 9.69
CA LYS C 100 17.32 -9.51 10.44
C LYS C 100 17.23 -9.88 11.91
N ASP C 101 16.74 -11.08 12.19
CA ASP C 101 16.70 -11.62 13.54
C ASP C 101 18.12 -11.97 14.00
N LEU C 102 18.23 -12.67 15.13
CA LEU C 102 19.54 -12.88 15.75
C LEU C 102 20.36 -14.03 15.16
N ALA C 103 20.00 -14.59 14.00
CA ALA C 103 20.77 -15.72 13.49
C ALA C 103 20.69 -15.89 11.98
N THR C 104 19.58 -15.48 11.37
CA THR C 104 19.29 -15.88 10.00
C THR C 104 20.35 -15.38 9.02
N LEU C 105 20.73 -14.11 9.12
CA LEU C 105 21.72 -13.54 8.22
C LEU C 105 23.10 -14.19 8.37
N ARG C 106 23.35 -14.93 9.45
CA ARG C 106 24.58 -15.70 9.61
C ARG C 106 24.40 -17.15 9.16
N ASP C 107 23.26 -17.78 9.50
CA ASP C 107 22.91 -19.14 9.14
C ASP C 107 21.40 -19.38 9.25
N PRO C 108 20.69 -19.42 8.13
CA PRO C 108 19.23 -19.68 8.19
C PRO C 108 18.87 -21.04 8.78
N ARG C 109 19.80 -21.99 8.83
CA ARG C 109 19.57 -23.28 9.46
C ARG C 109 19.65 -23.25 10.99
N SER C 110 19.98 -22.12 11.59
CA SER C 110 20.13 -22.12 13.04
C SER C 110 18.78 -22.39 13.70
N SER C 111 18.83 -23.07 14.83
CA SER C 111 17.60 -23.27 15.59
C SER C 111 17.12 -21.99 16.25
N PHE C 112 17.90 -20.91 16.21
CA PHE C 112 17.55 -19.64 16.87
C PHE C 112 16.94 -18.60 15.92
N THR C 113 16.45 -18.99 14.74
CA THR C 113 15.80 -18.05 13.84
C THR C 113 14.40 -17.69 14.34
N PHE C 114 13.91 -16.53 13.88
CA PHE C 114 12.54 -16.13 14.21
C PHE C 114 11.53 -17.12 13.64
N LEU C 115 11.73 -17.56 12.39
CA LEU C 115 10.81 -18.54 11.80
C LEU C 115 10.79 -19.85 12.58
N ASN C 116 11.96 -20.34 13.03
CA ASN C 116 11.95 -21.57 13.81
C ASN C 116 11.26 -21.37 15.16
N TYR C 117 11.43 -20.21 15.79
CA TYR C 117 10.71 -19.90 17.01
C TYR C 117 9.20 -20.00 16.80
N LEU C 118 8.68 -19.37 15.73
CA LEU C 118 7.26 -19.48 15.40
C LEU C 118 6.85 -20.94 15.25
N HIS C 119 7.68 -21.72 14.56
CA HIS C 119 7.37 -23.13 14.39
C HIS C 119 7.31 -23.83 15.74
N GLN C 120 8.24 -23.50 16.65
CA GLN C 120 8.23 -24.14 17.97
C GLN C 120 7.02 -23.72 18.79
N LYS C 121 6.58 -22.46 18.66
CA LYS C 121 5.35 -22.02 19.31
C LYS C 121 4.09 -22.47 18.58
N GLY C 122 4.23 -23.25 17.50
CA GLY C 122 3.09 -23.66 16.71
C GLY C 122 2.36 -22.53 16.01
N ARG C 123 3.08 -21.45 15.69
CA ARG C 123 2.44 -20.22 15.22
C ARG C 123 2.87 -19.79 13.82
N LEU C 124 3.65 -20.61 13.11
CA LEU C 124 4.28 -20.18 11.86
C LEU C 124 3.26 -19.88 10.76
N ILE C 125 2.26 -20.75 10.58
CA ILE C 125 1.29 -20.53 9.53
C ILE C 125 0.45 -19.28 9.82
N HIS C 126 0.10 -19.05 11.10
CA HIS C 126 -0.69 -17.86 11.43
C HIS C 126 0.11 -16.59 11.19
N PHE C 127 1.40 -16.57 11.55
CA PHE C 127 2.22 -15.39 11.21
C PHE C 127 2.28 -15.18 9.71
N THR C 128 2.28 -16.26 8.92
CA THR C 128 2.37 -16.10 7.47
C THR C 128 1.15 -15.34 6.95
N ASN C 129 -0.03 -15.66 7.47
CA ASN C 129 -1.24 -14.98 7.03
C ASN C 129 -1.26 -13.52 7.47
N LEU C 130 -0.41 -13.13 8.43
CA LEU C 130 -0.27 -11.71 8.79
C LEU C 130 0.28 -10.89 7.62
N SER C 131 1.06 -11.52 6.74
CA SER C 131 1.76 -10.88 5.63
C SER C 131 2.48 -9.59 6.07
N THR C 132 3.43 -9.74 6.98
CA THR C 132 4.20 -8.59 7.43
C THR C 132 5.63 -9.01 7.69
N PHE C 133 6.55 -8.09 7.41
CA PHE C 133 7.92 -8.25 7.83
C PHE C 133 8.19 -7.64 9.19
N LEU C 134 7.20 -6.96 9.78
CA LEU C 134 7.39 -6.15 10.97
C LEU C 134 6.53 -6.68 12.11
N PRO C 135 7.04 -7.65 12.88
CA PRO C 135 6.28 -8.16 14.03
C PRO C 135 6.03 -7.07 15.08
N ALA C 136 5.03 -7.33 15.93
CA ALA C 136 4.85 -6.50 17.11
C ALA C 136 6.09 -6.56 18.01
N ARG C 137 6.45 -5.42 18.61
CA ARG C 137 7.58 -5.41 19.52
C ARG C 137 7.36 -6.41 20.66
N LEU C 138 6.11 -6.55 21.11
CA LEU C 138 5.78 -7.54 22.12
C LEU C 138 6.11 -8.96 21.65
N GLU C 139 5.88 -9.26 20.36
CA GLU C 139 6.19 -10.60 19.88
C GLU C 139 7.69 -10.78 19.74
N PHE C 140 8.38 -9.82 19.14
CA PHE C 140 9.82 -9.99 18.98
C PHE C 140 10.50 -10.08 20.34
N GLU C 141 9.96 -9.38 21.35
CA GLU C 141 10.47 -9.58 22.69
C GLU C 141 10.32 -11.02 23.12
N ASP C 142 9.15 -11.62 22.88
CA ASP C 142 8.99 -13.00 23.31
C ASP C 142 9.94 -13.95 22.58
N TYR C 143 10.16 -13.69 21.29
CA TYR C 143 11.10 -14.51 20.54
C TYR C 143 12.50 -14.48 21.16
N MET C 144 12.99 -13.30 21.50
CA MET C 144 14.32 -13.22 22.09
C MET C 144 14.35 -13.84 23.50
N ARG C 145 13.26 -13.69 24.27
CA ARG C 145 13.16 -14.37 25.56
C ARG C 145 13.22 -15.89 25.40
N TRP C 146 12.58 -16.42 24.37
CA TRP C 146 12.64 -17.85 24.07
C TRP C 146 14.07 -18.28 23.76
N CYS C 147 14.82 -17.47 22.99
CA CYS C 147 16.24 -17.71 22.79
C CYS C 147 16.97 -17.66 24.13
N ALA C 148 16.72 -16.61 24.92
CA ALA C 148 17.47 -16.35 26.13
C ALA C 148 17.32 -17.46 27.17
N GLN C 149 16.17 -18.14 27.19
CA GLN C 149 15.93 -19.21 28.15
C GLN C 149 16.92 -20.34 28.01
N GLN C 150 17.41 -20.57 26.79
CA GLN C 150 18.35 -21.66 26.53
C GLN C 150 19.76 -21.33 26.97
N PHE C 151 19.98 -20.15 27.56
CA PHE C 151 21.28 -19.80 28.10
C PHE C 151 21.21 -19.51 29.60
N SER C 152 20.16 -19.98 30.28
CA SER C 152 19.95 -19.58 31.67
C SER C 152 21.07 -20.04 32.60
N ASP C 153 21.84 -21.07 32.25
CA ASP C 153 22.90 -21.51 33.15
C ASP C 153 24.14 -20.63 33.11
N VAL C 154 24.26 -19.71 32.14
CA VAL C 154 25.44 -18.87 32.05
C VAL C 154 25.11 -17.39 32.18
N VAL C 155 23.88 -17.07 32.55
CA VAL C 155 23.47 -15.68 32.71
C VAL C 155 23.12 -15.46 34.18
N ALA C 156 23.77 -14.50 34.80
CA ALA C 156 23.48 -14.11 36.17
C ALA C 156 22.63 -12.85 36.11
N TYR C 157 21.35 -12.98 36.47
CA TYR C 157 20.42 -11.87 36.47
C TYR C 157 20.46 -11.13 37.80
N GLY C 158 19.89 -9.92 37.79
CA GLY C 158 19.92 -9.11 38.98
C GLY C 158 21.31 -8.70 39.41
N GLU C 159 22.25 -8.59 38.47
CA GLU C 159 23.63 -8.19 38.77
C GLU C 159 23.98 -6.93 37.97
N GLU C 160 24.25 -5.82 38.66
CA GLU C 160 24.61 -4.56 38.01
C GLU C 160 26.11 -4.35 38.13
N VAL C 161 26.80 -4.40 36.99
CA VAL C 161 28.25 -4.21 36.97
C VAL C 161 28.58 -2.76 37.30
N VAL C 162 29.49 -2.56 38.24
CA VAL C 162 29.86 -1.21 38.64
C VAL C 162 31.29 -0.83 38.21
N GLU C 163 32.23 -1.77 38.17
CA GLU C 163 33.54 -1.39 37.66
C GLU C 163 34.28 -2.60 37.12
N VAL C 164 35.33 -2.31 36.35
CA VAL C 164 36.23 -3.30 35.78
C VAL C 164 37.63 -2.89 36.20
N ILE C 165 38.36 -3.78 36.85
CA ILE C 165 39.64 -3.45 37.48
C ILE C 165 40.72 -4.34 36.90
N PRO C 166 41.94 -3.84 36.68
CA PRO C 166 42.99 -4.66 36.07
C PRO C 166 43.55 -5.68 37.05
N GLY C 167 43.96 -6.82 36.51
CA GLY C 167 44.56 -7.88 37.30
C GLY C 167 45.95 -8.23 36.82
N LYS C 168 46.85 -8.55 37.77
CA LYS C 168 48.21 -8.98 37.46
C LYS C 168 48.45 -10.30 38.17
N SER C 169 48.46 -11.39 37.40
CA SER C 169 48.65 -12.73 37.96
C SER C 169 50.10 -13.01 38.34
N ASP C 170 51.05 -12.42 37.62
CA ASP C 170 52.46 -12.66 37.90
C ASP C 170 52.98 -11.63 38.89
N PRO C 171 53.37 -12.04 40.09
CA PRO C 171 53.86 -11.09 41.09
C PRO C 171 55.02 -10.28 40.54
N SER C 172 55.09 -9.02 40.98
CA SER C 172 56.17 -8.10 40.62
C SER C 172 56.19 -7.75 39.14
N SER C 173 55.19 -8.17 38.37
CA SER C 173 55.17 -7.84 36.96
C SER C 173 54.35 -6.58 36.73
N SER C 174 54.61 -5.94 35.60
CA SER C 174 53.93 -4.72 35.22
C SER C 174 52.90 -4.94 34.10
N VAL C 175 52.52 -6.19 33.82
CA VAL C 175 51.63 -6.48 32.71
C VAL C 175 50.28 -6.94 33.24
N VAL C 176 49.20 -6.32 32.76
CA VAL C 176 47.84 -6.76 33.06
C VAL C 176 47.48 -7.96 32.18
N ASP C 177 47.09 -9.07 32.81
CA ASP C 177 46.69 -10.24 32.03
C ASP C 177 45.30 -10.76 32.42
N PHE C 178 44.56 -10.08 33.30
CA PHE C 178 43.15 -10.38 33.47
C PHE C 178 42.45 -9.14 34.04
N PHE C 179 41.14 -9.23 34.17
CA PHE C 179 40.31 -8.16 34.70
C PHE C 179 39.36 -8.71 35.74
N THR C 180 39.07 -7.89 36.74
CA THR C 180 38.06 -8.20 37.75
C THR C 180 36.81 -7.38 37.46
N VAL C 181 35.70 -8.06 37.23
CA VAL C 181 34.41 -7.41 37.05
C VAL C 181 33.62 -7.53 38.35
N ARG C 182 33.25 -6.39 38.93
CA ARG C 182 32.50 -6.32 40.17
C ARG C 182 31.07 -5.88 39.89
N SER C 183 30.11 -6.57 40.53
CA SER C 183 28.70 -6.24 40.35
C SER C 183 28.01 -6.25 41.70
N ARG C 184 26.96 -5.45 41.80
CA ARG C 184 26.14 -5.39 43.00
C ARG C 184 24.84 -6.15 42.74
N ASN C 185 24.44 -6.98 43.71
CA ASN C 185 23.19 -7.70 43.58
C ASN C 185 22.02 -6.73 43.73
N VAL C 186 21.08 -6.79 42.79
CA VAL C 186 19.99 -5.83 42.76
C VAL C 186 19.04 -6.02 43.93
N GLU C 187 19.01 -7.21 44.54
CA GLU C 187 18.13 -7.50 45.66
C GLU C 187 18.79 -7.27 47.01
N THR C 188 20.06 -7.61 47.15
CA THR C 188 20.75 -7.55 48.43
C THR C 188 21.73 -6.40 48.54
N GLY C 189 22.26 -5.91 47.42
CA GLY C 189 23.34 -4.94 47.48
C GLY C 189 24.72 -5.54 47.65
N GLU C 190 24.83 -6.87 47.77
CA GLU C 190 26.12 -7.53 47.91
C GLU C 190 26.98 -7.33 46.67
N ILE C 191 28.29 -7.14 46.88
CA ILE C 191 29.25 -6.97 45.79
C ILE C 191 29.91 -8.31 45.50
N SER C 192 29.87 -8.72 44.23
CA SER C 192 30.47 -9.96 43.74
C SER C 192 31.62 -9.60 42.82
N ALA C 193 32.63 -10.47 42.79
CA ALA C 193 33.79 -10.26 41.95
C ALA C 193 33.95 -11.48 41.06
N ARG C 194 34.11 -11.25 39.75
CA ARG C 194 34.37 -12.31 38.80
C ARG C 194 35.62 -11.98 37.99
N ARG C 195 36.51 -12.95 37.86
CA ARG C 195 37.77 -12.78 37.14
C ARG C 195 37.65 -13.35 35.73
N THR C 196 38.19 -12.61 34.76
CA THR C 196 38.15 -13.04 33.38
C THR C 196 39.37 -12.48 32.66
N ARG C 197 39.74 -13.12 31.55
CA ARG C 197 40.77 -12.55 30.69
C ARG C 197 40.18 -11.63 29.63
N LYS C 198 38.93 -11.85 29.19
CA LYS C 198 38.32 -11.00 28.18
C LYS C 198 36.97 -10.50 28.66
N VAL C 199 36.66 -9.26 28.32
CA VAL C 199 35.44 -8.58 28.72
C VAL C 199 34.73 -8.07 27.48
N VAL C 200 33.42 -8.26 27.42
CA VAL C 200 32.54 -7.62 26.44
C VAL C 200 31.65 -6.63 27.20
N ILE C 201 31.61 -5.39 26.71
CA ILE C 201 30.71 -4.37 27.25
C ILE C 201 29.60 -4.18 26.22
N ALA C 202 28.36 -4.50 26.61
CA ALA C 202 27.23 -4.44 25.71
C ALA C 202 26.00 -3.94 26.50
N ILE C 203 26.06 -2.69 26.93
CA ILE C 203 25.09 -2.16 27.88
C ILE C 203 24.08 -1.22 27.23
N GLY C 204 24.03 -1.18 25.91
CA GLY C 204 23.06 -0.39 25.16
C GLY C 204 23.20 1.10 25.45
N GLY C 205 22.07 1.80 25.45
CA GLY C 205 22.16 3.24 25.62
C GLY C 205 21.55 3.72 26.92
N THR C 206 21.95 4.91 27.37
CA THR C 206 21.36 5.50 28.55
C THR C 206 20.46 6.66 28.13
N ALA C 207 19.45 6.91 28.97
CA ALA C 207 18.49 7.97 28.69
C ALA C 207 19.19 9.31 28.58
N LYS C 208 18.91 10.04 27.50
CA LYS C 208 19.41 11.38 27.27
C LYS C 208 18.33 12.37 27.69
N MET C 209 18.64 13.24 28.70
CA MET C 209 17.71 14.30 29.11
C MET C 209 18.26 15.67 28.73
N PRO C 210 17.42 16.60 28.26
CA PRO C 210 17.91 17.95 28.00
C PRO C 210 18.52 18.53 29.27
N SER C 211 19.69 19.16 29.13
CA SER C 211 20.43 19.57 30.32
C SER C 211 19.71 20.63 31.14
N GLY C 212 18.80 21.40 30.52
CA GLY C 212 18.11 22.44 31.24
C GLY C 212 16.94 22.00 32.10
N LEU C 213 16.40 20.77 31.89
CA LEU C 213 15.22 20.34 32.63
C LEU C 213 15.59 19.91 34.06
N PRO C 214 14.77 20.24 35.05
CA PRO C 214 15.04 19.77 36.41
C PRO C 214 14.56 18.35 36.63
N GLN C 215 15.10 17.72 37.68
CA GLN C 215 14.68 16.38 38.06
C GLN C 215 13.46 16.48 38.96
N ASP C 216 12.43 15.69 38.64
CA ASP C 216 11.12 15.77 39.29
C ASP C 216 10.36 14.51 38.91
N PRO C 217 9.57 13.94 39.82
CA PRO C 217 8.83 12.70 39.49
C PRO C 217 7.88 12.86 38.33
N ARG C 218 7.54 14.08 37.96
CA ARG C 218 6.64 14.35 36.86
C ARG C 218 7.36 14.55 35.53
N ILE C 219 8.69 14.57 35.54
CA ILE C 219 9.48 14.62 34.32
C ILE C 219 10.09 13.24 34.13
N ILE C 220 9.58 12.52 33.13
CA ILE C 220 9.83 11.09 32.97
C ILE C 220 10.34 10.85 31.56
N HIS C 221 11.52 10.25 31.44
CA HIS C 221 12.05 9.85 30.14
C HIS C 221 11.19 8.74 29.53
N SER C 222 11.16 8.74 28.19
CA SER C 222 10.34 7.80 27.42
C SER C 222 10.65 6.36 27.77
N SER C 223 11.92 6.08 28.09
CA SER C 223 12.34 4.72 28.42
C SER C 223 11.60 4.16 29.62
N LYS C 224 11.00 5.00 30.46
CA LYS C 224 10.25 4.56 31.62
C LYS C 224 8.74 4.83 31.51
N TYR C 225 8.24 4.98 30.28
CA TYR C 225 6.86 5.38 30.07
C TYR C 225 5.89 4.35 30.62
N CYS C 226 5.96 3.12 30.13
CA CYS C 226 4.99 2.10 30.52
C CYS C 226 5.07 1.73 31.99
N THR C 227 6.20 1.97 32.63
CA THR C 227 6.41 1.46 33.98
C THR C 227 6.19 2.52 35.06
N THR C 228 6.42 3.80 34.77
CA THR C 228 6.41 4.87 35.76
C THR C 228 5.25 5.83 35.63
N LEU C 229 4.87 6.24 34.40
CA LEU C 229 3.76 7.17 34.26
C LEU C 229 2.48 6.63 34.87
N PRO C 230 2.08 5.37 34.63
CA PRO C 230 0.85 4.87 35.27
C PRO C 230 0.89 4.92 36.78
N ALA C 231 2.05 4.71 37.41
CA ALA C 231 2.11 4.84 38.86
C ALA C 231 1.89 6.28 39.30
N LEU C 232 2.24 7.23 38.44
CA LEU C 232 2.07 8.64 38.76
C LEU C 232 0.64 9.12 38.49
N LEU C 233 0.10 8.81 37.31
CA LEU C 233 -1.25 9.22 36.91
C LEU C 233 -2.15 8.00 36.94
N LYS C 234 -2.63 7.66 38.16
CA LYS C 234 -3.26 6.39 38.42
C LYS C 234 -4.68 6.30 37.85
N ASP C 235 -5.39 7.43 37.76
CA ASP C 235 -6.77 7.47 37.33
C ASP C 235 -6.84 7.69 35.82
N LYS C 236 -7.20 6.63 35.08
CA LYS C 236 -7.14 6.65 33.63
C LYS C 236 -8.18 7.55 32.98
N SER C 237 -9.16 8.04 33.73
CA SER C 237 -10.24 8.84 33.16
C SER C 237 -10.15 10.33 33.49
N LYS C 238 -9.15 10.75 34.27
CA LYS C 238 -9.03 12.14 34.70
C LYS C 238 -8.54 13.04 33.54
N PRO C 239 -8.98 14.30 33.52
CA PRO C 239 -8.55 15.21 32.44
C PRO C 239 -7.16 15.78 32.68
N TYR C 240 -6.14 14.94 32.61
CA TYR C 240 -4.78 15.43 32.80
C TYR C 240 -4.33 16.27 31.61
N ASN C 241 -3.41 17.19 31.89
CA ASN C 241 -2.60 17.82 30.87
C ASN C 241 -1.27 17.07 30.86
N ILE C 242 -0.98 16.38 29.76
CA ILE C 242 0.25 15.61 29.62
C ILE C 242 0.95 16.12 28.38
N ALA C 243 2.19 16.58 28.55
CA ALA C 243 3.05 17.05 27.46
C ALA C 243 4.06 15.98 27.09
N VAL C 244 4.48 16.00 25.82
CA VAL C 244 5.51 15.11 25.28
C VAL C 244 6.53 15.97 24.55
N LEU C 245 7.81 15.75 24.83
CA LEU C 245 8.90 16.53 24.23
C LEU C 245 9.69 15.66 23.26
N GLY C 246 9.80 16.14 22.01
CA GLY C 246 10.51 15.45 20.96
C GLY C 246 9.61 15.19 19.76
N SER C 247 10.25 14.71 18.67
CA SER C 247 9.53 14.43 17.43
C SER C 247 10.09 13.22 16.68
N GLY C 248 10.82 12.35 17.37
CA GLY C 248 11.22 11.07 16.81
C GLY C 248 10.21 9.98 17.14
N GLN C 249 10.62 8.74 16.85
CA GLN C 249 9.73 7.59 17.00
C GLN C 249 9.21 7.46 18.43
N SER C 250 10.08 7.67 19.43
CA SER C 250 9.61 7.53 20.81
C SER C 250 8.52 8.54 21.12
N ALA C 251 8.73 9.80 20.72
CA ALA C 251 7.73 10.83 20.96
C ALA C 251 6.38 10.49 20.31
N ALA C 252 6.41 10.10 19.04
CA ALA C 252 5.19 9.83 18.29
C ALA C 252 4.37 8.71 18.90
N GLU C 253 5.02 7.64 19.36
CA GLU C 253 4.31 6.49 19.91
C GLU C 253 3.66 6.85 21.24
N ILE C 254 4.36 7.64 22.05
CA ILE C 254 3.81 8.04 23.35
C ILE C 254 2.65 9.01 23.17
N PHE C 255 2.86 10.04 22.33
CA PHE C 255 1.80 11.01 22.03
C PHE C 255 0.55 10.31 21.52
N HIS C 256 0.73 9.37 20.58
CA HIS C 256 -0.40 8.62 20.05
C HIS C 256 -1.03 7.74 21.12
N ASP C 257 -0.22 7.10 21.95
CA ASP C 257 -0.76 6.20 22.96
C ASP C 257 -1.48 6.98 24.06
N LEU C 258 -0.97 8.15 24.44
CA LEU C 258 -1.58 8.87 25.55
C LEU C 258 -3.04 9.19 25.28
N GLN C 259 -3.38 9.43 24.01
CA GLN C 259 -4.75 9.79 23.65
C GLN C 259 -5.68 8.59 23.76
N LYS C 260 -5.15 7.38 23.65
CA LYS C 260 -5.93 6.18 23.91
C LYS C 260 -5.92 5.81 25.39
N ARG C 261 -4.77 5.94 26.05
CA ARG C 261 -4.65 5.52 27.44
C ARG C 261 -5.41 6.44 28.38
N TYR C 262 -5.36 7.75 28.15
CA TYR C 262 -6.08 8.72 28.96
C TYR C 262 -7.09 9.45 28.07
N PRO C 263 -8.26 8.86 27.86
CA PRO C 263 -9.18 9.37 26.83
C PRO C 263 -9.60 10.81 27.03
N ASN C 264 -9.64 11.28 28.28
CA ASN C 264 -10.04 12.66 28.53
C ASN C 264 -8.86 13.59 28.72
N SER C 265 -7.64 13.11 28.51
CA SER C 265 -6.53 13.99 28.80
C SER C 265 -6.42 15.05 27.71
N ARG C 266 -5.66 16.08 28.00
CA ARG C 266 -5.28 17.08 27.02
C ARG C 266 -3.79 16.90 26.80
N THR C 267 -3.42 16.37 25.63
CA THR C 267 -2.02 16.09 25.33
C THR C 267 -1.46 17.13 24.35
N THR C 268 -0.20 17.50 24.56
CA THR C 268 0.49 18.53 23.79
C THR C 268 1.88 18.02 23.42
N LEU C 269 2.16 17.96 22.13
CA LEU C 269 3.48 17.54 21.63
C LEU C 269 4.32 18.80 21.37
N ILE C 270 5.47 18.87 22.03
CA ILE C 270 6.39 20.00 21.94
C ILE C 270 7.63 19.52 21.19
N MET C 271 7.91 20.15 20.06
CA MET C 271 9.06 19.76 19.26
C MET C 271 9.76 21.00 18.73
N ARG C 272 11.09 20.93 18.60
CA ARG C 272 11.83 22.05 18.06
C ARG C 272 11.97 22.02 16.54
N ASP C 273 11.76 20.86 15.92
CA ASP C 273 11.61 20.83 14.47
C ASP C 273 10.24 21.40 14.11
N SER C 274 10.03 21.63 12.82
CA SER C 274 8.75 22.14 12.35
C SER C 274 7.73 21.04 12.10
N ALA C 275 8.15 19.77 12.02
CA ALA C 275 7.26 18.66 11.68
C ALA C 275 7.92 17.35 12.04
N MET C 276 7.10 16.34 12.36
CA MET C 276 7.56 14.96 12.33
C MET C 276 7.97 14.58 10.91
N ARG C 277 9.10 13.89 10.80
CA ARG C 277 9.55 13.54 9.45
C ARG C 277 9.66 12.03 9.31
N PRO C 278 9.41 11.51 8.12
CA PRO C 278 9.36 10.05 7.96
C PRO C 278 10.74 9.40 7.93
N SER C 279 10.83 8.25 8.58
CA SER C 279 12.05 7.46 8.55
C SER C 279 12.23 6.78 7.18
N ASP C 280 13.50 6.64 6.78
CA ASP C 280 13.84 6.18 5.44
C ASP C 280 14.43 4.78 5.51
N ASP C 281 13.72 3.80 4.95
CA ASP C 281 14.31 2.51 4.67
C ASP C 281 14.05 2.08 3.23
N SER C 282 13.99 3.04 2.30
CA SER C 282 13.93 2.75 0.87
C SER C 282 15.13 1.89 0.44
N PRO C 283 14.97 1.08 -0.61
CA PRO C 283 15.90 -0.06 -0.82
C PRO C 283 17.36 0.31 -1.06
N PHE C 284 17.66 1.31 -1.88
CA PHE C 284 19.07 1.63 -2.08
C PHE C 284 19.67 2.23 -0.82
N VAL C 285 18.97 3.22 -0.22
CA VAL C 285 19.46 3.87 1.00
C VAL C 285 19.74 2.85 2.10
N ASN C 286 18.88 1.85 2.23
CA ASN C 286 18.90 0.93 3.35
C ASN C 286 20.09 -0.02 3.31
N GLU C 287 20.80 -0.09 2.20
CA GLU C 287 21.92 -1.01 2.10
C GLU C 287 23.08 -0.64 3.02
N ILE C 288 23.11 0.58 3.55
CA ILE C 288 24.12 0.96 4.56
C ILE C 288 24.05 0.02 5.77
N PHE C 289 22.92 -0.65 5.97
CA PHE C 289 22.72 -1.57 7.09
C PHE C 289 23.15 -2.99 6.80
N ASN C 290 23.53 -3.30 5.56
CA ASN C 290 23.94 -4.65 5.21
C ASN C 290 25.18 -5.03 6.04
N PRO C 291 25.28 -6.29 6.49
CA PRO C 291 26.44 -6.67 7.31
C PRO C 291 27.78 -6.35 6.67
N GLU C 292 27.93 -6.62 5.37
CA GLU C 292 29.19 -6.45 4.66
C GLU C 292 29.57 -4.98 4.42
N ARG C 293 28.68 -4.02 4.69
CA ARG C 293 29.04 -2.61 4.62
C ARG C 293 29.94 -2.20 5.77
N VAL C 294 29.95 -2.98 6.85
CA VAL C 294 30.75 -2.62 8.01
C VAL C 294 32.23 -2.52 7.61
N ASP C 295 32.71 -3.45 6.77
CA ASP C 295 34.08 -3.36 6.29
C ASP C 295 34.32 -2.07 5.52
N LYS C 296 33.42 -1.72 4.59
CA LYS C 296 33.60 -0.50 3.81
C LYS C 296 33.60 0.72 4.70
N PHE C 297 32.60 0.82 5.58
CA PHE C 297 32.49 1.98 6.46
C PHE C 297 33.72 2.13 7.35
N TYR C 298 34.16 1.03 7.98
CA TYR C 298 35.24 1.12 8.95
C TYR C 298 36.51 1.71 8.34
N SER C 299 36.80 1.33 7.10
CA SER C 299 38.04 1.71 6.45
C SER C 299 37.99 3.12 5.87
N GLN C 300 36.82 3.75 5.82
CA GLN C 300 36.75 5.13 5.38
C GLN C 300 37.37 6.06 6.42
N SER C 301 37.75 7.25 5.96
CA SER C 301 38.38 8.24 6.83
C SER C 301 37.41 8.77 7.87
N ALA C 302 37.97 9.38 8.90
CA ALA C 302 37.12 9.95 9.95
C ALA C 302 36.20 11.01 9.37
N ALA C 303 36.72 11.83 8.45
CA ALA C 303 35.90 12.88 7.83
C ALA C 303 34.82 12.27 6.95
N GLU C 304 35.17 11.22 6.20
CA GLU C 304 34.18 10.58 5.34
C GLU C 304 33.09 9.89 6.16
N ARG C 305 33.45 9.26 7.28
CA ARG C 305 32.47 8.61 8.14
C ARG C 305 31.48 9.61 8.74
N GLN C 306 31.96 10.77 9.19
CA GLN C 306 31.06 11.79 9.73
C GLN C 306 30.10 12.31 8.66
N ARG C 307 30.61 12.53 7.44
CA ARG C 307 29.76 13.01 6.36
C ARG C 307 28.69 11.97 6.02
N SER C 308 29.09 10.70 5.96
CA SER C 308 28.16 9.63 5.62
C SER C 308 27.08 9.49 6.69
N LEU C 309 27.48 9.51 7.97
CA LEU C 309 26.50 9.44 9.05
C LEU C 309 25.53 10.62 9.00
N LEU C 310 26.03 11.81 8.65
CA LEU C 310 25.15 12.97 8.55
C LEU C 310 24.19 12.83 7.38
N ALA C 311 24.67 12.32 6.25
CA ALA C 311 23.82 12.18 5.07
C ALA C 311 22.73 11.13 5.25
N ASP C 312 22.95 10.10 6.08
CA ASP C 312 21.97 9.04 6.23
C ASP C 312 21.16 9.14 7.53
N LYS C 313 21.17 10.30 8.20
CA LYS C 313 20.52 10.43 9.51
C LYS C 313 19.07 9.99 9.49
N ALA C 314 18.34 10.36 8.43
CA ALA C 314 16.92 10.09 8.37
C ALA C 314 16.58 8.60 8.32
N THR C 315 17.59 7.74 8.30
CA THR C 315 17.35 6.30 8.42
C THR C 315 17.09 5.87 9.84
N ASN C 316 17.38 6.72 10.84
CA ASN C 316 17.32 6.23 12.21
C ASN C 316 16.97 7.26 13.28
N TYR C 317 17.58 8.44 13.28
CA TYR C 317 17.40 9.42 14.35
C TYR C 317 16.34 10.45 13.99
N SER C 318 15.52 10.81 14.99
CA SER C 318 14.56 11.92 14.86
C SER C 318 13.59 11.72 13.69
N VAL C 319 13.10 10.50 13.51
CA VAL C 319 12.20 10.19 12.42
C VAL C 319 11.14 9.21 12.90
N VAL C 320 9.98 9.25 12.26
CA VAL C 320 8.83 8.44 12.65
C VAL C 320 8.42 7.58 11.47
N ARG C 321 8.02 6.34 11.75
CA ARG C 321 7.46 5.51 10.70
C ARG C 321 6.31 6.24 10.04
N LEU C 322 6.37 6.35 8.71
CA LEU C 322 5.39 7.12 7.93
C LEU C 322 3.96 6.78 8.31
N GLU C 323 3.65 5.48 8.43
CA GLU C 323 2.28 5.07 8.72
C GLU C 323 1.81 5.67 10.04
N LEU C 324 2.73 5.81 11.00
CA LEU C 324 2.38 6.39 12.30
C LEU C 324 2.16 7.89 12.17
N ILE C 325 2.99 8.57 11.38
CA ILE C 325 2.75 9.98 11.09
C ILE C 325 1.35 10.17 10.48
N GLU C 326 1.02 9.34 9.50
CA GLU C 326 -0.27 9.47 8.81
C GLU C 326 -1.43 9.26 9.77
N GLU C 327 -1.26 8.33 10.72
CA GLU C 327 -2.30 8.10 11.71
C GLU C 327 -2.48 9.31 12.63
N ILE C 328 -1.37 9.89 13.09
CA ILE C 328 -1.47 11.06 13.96
C ILE C 328 -2.10 12.23 13.21
N TYR C 329 -1.72 12.41 11.93
CA TYR C 329 -2.30 13.47 11.12
C TYR C 329 -3.80 13.30 10.97
N ASN C 330 -4.25 12.05 10.80
CA ASN C 330 -5.67 11.76 10.65
C ASN C 330 -6.45 12.15 11.90
N ASP C 331 -5.93 11.77 13.08
CA ASP C 331 -6.60 12.14 14.34
C ASP C 331 -6.70 13.65 14.50
N MET C 332 -5.65 14.40 14.11
CA MET C 332 -5.70 15.86 14.17
C MET C 332 -6.72 16.41 13.17
N TYR C 333 -6.79 15.82 11.98
CA TYR C 333 -7.74 16.27 10.97
C TYR C 333 -9.17 16.13 11.49
N LEU C 334 -9.46 15.02 12.17
CA LEU C 334 -10.78 14.82 12.75
C LEU C 334 -11.13 15.92 13.74
N GLN C 335 -10.15 16.35 14.55
CA GLN C 335 -10.38 17.47 15.46
C GLN C 335 -10.69 18.73 14.69
N ARG C 336 -10.02 18.94 13.55
CA ARG C 336 -10.31 20.11 12.73
C ARG C 336 -11.73 20.04 12.15
N VAL C 337 -12.18 18.83 11.79
CA VAL C 337 -13.56 18.65 11.35
C VAL C 337 -14.53 19.12 12.44
N LYS C 338 -14.27 18.73 13.70
CA LYS C 338 -15.17 19.04 14.82
C LYS C 338 -15.10 20.50 15.21
N ASN C 339 -13.95 21.12 15.08
CA ASN C 339 -13.78 22.50 15.48
C ASN C 339 -12.65 23.13 14.69
N PRO C 340 -12.93 24.13 13.85
CA PRO C 340 -11.88 24.69 12.98
C PRO C 340 -10.78 25.44 13.71
N ASP C 341 -10.96 25.72 15.01
CA ASP C 341 -10.03 26.53 15.81
C ASP C 341 -9.01 25.60 16.48
N GLU C 342 -7.80 25.57 15.94
CA GLU C 342 -6.77 24.65 16.45
C GLU C 342 -6.56 24.82 17.95
N THR C 343 -6.68 26.05 18.46
CA THR C 343 -6.41 26.31 19.86
C THR C 343 -7.43 25.65 20.80
N GLN C 344 -8.59 25.24 20.31
CA GLN C 344 -9.59 24.60 21.16
C GLN C 344 -9.51 23.09 21.16
N TRP C 345 -8.56 22.51 20.44
CA TRP C 345 -8.52 21.06 20.30
C TRP C 345 -8.13 20.39 21.61
N GLN C 346 -8.62 19.17 21.80
CA GLN C 346 -8.18 18.40 22.96
C GLN C 346 -6.68 18.07 22.88
N HIS C 347 -6.20 17.65 21.71
CA HIS C 347 -4.81 17.25 21.54
C HIS C 347 -4.14 18.14 20.51
N ARG C 348 -2.94 18.63 20.82
CA ARG C 348 -2.31 19.68 20.03
C ARG C 348 -0.83 19.40 19.84
N ILE C 349 -0.31 19.89 18.72
CA ILE C 349 1.11 19.84 18.39
C ILE C 349 1.63 21.28 18.35
N LEU C 350 2.70 21.56 19.10
CA LEU C 350 3.32 22.89 19.10
C LEU C 350 4.71 22.80 18.46
N PRO C 351 4.85 23.13 17.19
CA PRO C 351 6.15 22.97 16.52
C PRO C 351 7.05 24.18 16.74
N GLU C 352 8.34 23.98 16.48
CA GLU C 352 9.34 25.03 16.58
C GLU C 352 9.30 25.72 17.94
N ARG C 353 9.20 24.92 19.00
CA ARG C 353 9.25 25.43 20.37
C ARG C 353 10.38 24.74 21.11
N LYS C 354 10.90 25.43 22.12
CA LYS C 354 11.81 24.85 23.10
C LYS C 354 11.35 25.26 24.49
N ILE C 355 11.67 24.43 25.47
CA ILE C 355 11.33 24.69 26.87
C ILE C 355 12.45 25.53 27.46
N THR C 356 12.10 26.71 27.98
CA THR C 356 13.06 27.63 28.57
C THR C 356 13.03 27.62 30.09
N ARG C 357 11.91 27.25 30.70
CA ARG C 357 11.78 27.26 32.15
C ARG C 357 10.72 26.25 32.58
N VAL C 358 10.96 25.58 33.70
CA VAL C 358 9.98 24.70 34.33
C VAL C 358 9.84 25.11 35.79
N GLU C 359 8.65 25.56 36.17
CA GLU C 359 8.32 25.80 37.56
C GLU C 359 7.71 24.53 38.12
N HIS C 360 8.37 23.93 39.11
CA HIS C 360 7.95 22.66 39.67
C HIS C 360 8.12 22.56 41.16
N HIS C 361 8.76 23.53 41.81
CA HIS C 361 8.88 23.56 43.26
C HIS C 361 7.61 24.23 43.78
N GLY C 362 6.57 23.42 43.99
CA GLY C 362 5.33 23.94 44.52
C GLY C 362 4.44 22.84 45.07
N PRO C 363 3.47 23.23 45.91
CA PRO C 363 2.52 22.25 46.46
C PRO C 363 1.39 21.91 45.49
N GLN C 364 1.30 22.64 44.37
CA GLN C 364 0.30 22.40 43.36
C GLN C 364 0.68 21.19 42.49
N SER C 365 -0.33 20.42 42.08
CA SER C 365 -0.07 19.17 41.36
C SER C 365 0.56 19.40 40.00
N ARG C 366 0.37 20.57 39.39
CA ARG C 366 0.83 20.80 38.03
C ARG C 366 2.10 21.64 38.00
N MET C 367 2.94 21.35 37.02
CA MET C 367 4.12 22.12 36.69
C MET C 367 3.76 23.19 35.67
N ARG C 368 4.59 24.23 35.62
CA ARG C 368 4.47 25.31 34.63
C ARG C 368 5.63 25.23 33.64
N ILE C 369 5.33 24.88 32.40
CA ILE C 369 6.32 24.85 31.33
C ILE C 369 6.28 26.18 30.58
N HIS C 370 7.43 26.82 30.43
CA HIS C 370 7.54 28.05 29.66
C HIS C 370 8.17 27.76 28.30
N LEU C 371 7.51 28.22 27.24
CA LEU C 371 7.93 27.96 25.88
C LEU C 371 8.37 29.24 25.17
N LYS C 372 9.46 29.11 24.41
CA LYS C 372 9.93 30.14 23.47
C LYS C 372 10.08 29.49 22.10
N SER C 373 10.25 30.31 21.08
CA SER C 373 10.50 29.79 19.75
C SER C 373 11.85 29.08 19.70
N SER C 374 11.91 28.00 18.95
CA SER C 374 13.16 27.28 18.78
C SER C 374 14.04 27.89 17.70
N LYS C 375 13.58 28.97 17.06
CA LYS C 375 14.40 29.71 16.11
C LYS C 375 15.48 30.46 16.87
N PRO C 376 16.72 30.53 16.33
CA PRO C 376 17.85 31.14 17.05
C PRO C 376 17.62 32.58 17.53
N GLU C 387 4.47 32.22 26.10
CA GLU C 387 3.60 31.05 26.09
C GLU C 387 3.88 30.12 27.27
N THR C 388 2.83 29.63 27.94
CA THR C 388 2.99 28.71 29.07
C THR C 388 2.01 27.55 28.99
N LEU C 389 2.41 26.43 29.64
CA LEU C 389 1.59 25.22 29.80
C LEU C 389 1.59 24.79 31.27
N GLU C 390 0.42 24.37 31.76
CA GLU C 390 0.31 23.72 33.06
C GLU C 390 0.02 22.24 32.83
N VAL C 391 0.94 21.37 33.25
CA VAL C 391 0.84 19.95 32.95
C VAL C 391 1.05 19.13 34.21
N ASP C 392 0.32 18.01 34.30
CA ASP C 392 0.53 17.02 35.35
C ASP C 392 1.77 16.16 35.11
N ALA C 393 2.22 16.01 33.87
CA ALA C 393 3.42 15.22 33.62
C ALA C 393 4.01 15.63 32.28
N LEU C 394 5.32 15.45 32.15
CA LEU C 394 6.04 15.72 30.91
C LEU C 394 6.84 14.49 30.54
N MET C 395 6.49 13.86 29.42
CA MET C 395 7.26 12.74 28.88
C MET C 395 8.37 13.29 27.99
N VAL C 396 9.61 12.93 28.30
CA VAL C 396 10.79 13.46 27.64
C VAL C 396 11.32 12.38 26.72
N ALA C 397 10.98 12.49 25.43
CA ALA C 397 11.33 11.48 24.44
C ALA C 397 12.50 11.98 23.58
N THR C 398 13.60 12.26 24.26
CA THR C 398 14.70 12.98 23.66
C THR C 398 15.90 12.07 23.36
N GLY C 399 15.68 10.76 23.25
CA GLY C 399 16.70 9.85 22.77
C GLY C 399 17.64 9.33 23.85
N TYR C 400 18.82 8.89 23.38
CA TYR C 400 19.73 8.09 24.17
C TYR C 400 21.18 8.54 23.94
N ASN C 401 22.01 8.33 24.96
CA ASN C 401 23.46 8.42 24.86
C ASN C 401 24.09 7.02 24.98
N ARG C 402 25.27 6.84 24.37
CA ARG C 402 25.99 5.56 24.44
C ARG C 402 27.44 5.81 24.86
N ASN C 403 27.62 6.30 26.09
CA ASN C 403 28.98 6.49 26.59
C ASN C 403 29.14 6.00 28.02
N ALA C 404 28.19 5.21 28.53
CA ALA C 404 28.32 4.73 29.90
C ALA C 404 29.48 3.76 30.06
N HIS C 405 29.98 3.19 28.97
CA HIS C 405 31.16 2.34 29.07
C HIS C 405 32.38 3.13 29.52
N GLU C 406 32.42 4.44 29.24
CA GLU C 406 33.56 5.22 29.70
C GLU C 406 33.67 5.20 31.22
N ARG C 407 32.54 5.29 31.94
CA ARG C 407 32.59 5.21 33.40
C ARG C 407 32.88 3.78 33.86
N LEU C 408 32.32 2.77 33.17
CA LEU C 408 32.56 1.39 33.61
C LEU C 408 34.04 1.02 33.51
N LEU C 409 34.73 1.60 32.53
CA LEU C 409 36.12 1.28 32.25
C LEU C 409 37.10 2.30 32.81
N SER C 410 36.65 3.21 33.68
CA SER C 410 37.56 4.31 34.04
C SER C 410 38.79 3.80 34.80
N LYS C 411 38.68 2.70 35.52
CA LYS C 411 39.81 2.15 36.23
C LYS C 411 40.71 1.28 35.36
N VAL C 412 40.44 1.17 34.07
CA VAL C 412 41.37 0.54 33.16
C VAL C 412 41.77 1.45 32.01
N GLN C 413 41.32 2.72 32.03
CA GLN C 413 41.67 3.63 30.95
C GLN C 413 43.16 4.02 30.97
N HIS C 414 43.84 3.90 32.09
CA HIS C 414 45.27 4.15 32.04
C HIS C 414 46.01 3.12 31.19
N LEU C 415 45.33 2.06 30.75
CA LEU C 415 45.94 1.07 29.88
C LEU C 415 45.83 1.44 28.40
N ARG C 416 45.12 2.50 28.07
CA ARG C 416 45.02 2.91 26.68
C ARG C 416 46.38 3.41 26.20
N PRO C 417 46.61 3.39 24.87
CA PRO C 417 47.83 4.02 24.34
C PRO C 417 47.93 5.47 24.76
N THR C 418 49.17 5.92 25.00
CA THR C 418 49.40 7.27 25.49
C THR C 418 48.86 8.31 24.52
N GLY C 419 47.94 9.13 25.00
CA GLY C 419 47.39 10.22 24.23
C GLY C 419 45.97 10.03 23.81
N GLN C 420 45.43 8.83 23.97
CA GLN C 420 44.02 8.59 23.66
C GLN C 420 43.19 9.06 24.84
N ASP C 421 42.20 9.90 24.55
CA ASP C 421 41.21 10.32 25.52
C ASP C 421 39.89 9.55 25.39
N GLN C 422 39.79 8.64 24.41
CA GLN C 422 38.58 7.88 24.12
C GLN C 422 38.94 6.44 23.79
N TRP C 423 38.00 5.52 24.04
CA TRP C 423 38.20 4.12 23.70
C TRP C 423 38.03 3.92 22.20
N LYS C 424 39.00 3.24 21.60
CA LYS C 424 39.02 3.05 20.15
C LYS C 424 38.93 1.58 19.81
N PRO C 425 37.81 1.10 19.29
CA PRO C 425 37.74 -0.29 18.84
C PRO C 425 38.34 -0.50 17.46
N HIS C 426 39.03 -1.63 17.31
CA HIS C 426 39.42 -2.13 16.01
C HIS C 426 38.18 -2.60 15.25
N ARG C 427 38.41 -3.06 14.01
CA ARG C 427 37.32 -3.56 13.19
C ARG C 427 36.58 -4.69 13.90
N ASP C 428 37.31 -5.57 14.60
CA ASP C 428 36.70 -6.67 15.34
C ASP C 428 36.24 -6.28 16.76
N TYR C 429 36.12 -4.98 17.05
CA TYR C 429 35.52 -4.39 18.26
C TYR C 429 36.38 -4.51 19.52
N ARG C 430 37.59 -5.05 19.41
CA ARG C 430 38.53 -5.07 20.53
C ARG C 430 39.17 -3.68 20.66
N VAL C 431 39.15 -3.12 21.87
CA VAL C 431 39.69 -1.77 22.05
C VAL C 431 41.21 -1.83 22.09
N GLU C 432 41.85 -0.75 21.63
CA GLU C 432 43.31 -0.70 21.61
C GLU C 432 43.88 -0.58 23.03
N MET C 433 44.91 -1.36 23.31
CA MET C 433 45.62 -1.33 24.59
C MET C 433 47.11 -1.18 24.33
N ASP C 434 47.81 -0.51 25.25
CA ASP C 434 49.26 -0.41 25.17
C ASP C 434 49.88 -1.81 25.22
N PRO C 435 50.57 -2.27 24.17
CA PRO C 435 51.07 -3.65 24.16
C PRO C 435 52.04 -3.98 25.26
N SER C 436 52.64 -2.98 25.88
CA SER C 436 53.55 -3.26 26.99
C SER C 436 52.84 -3.32 28.33
N LYS C 437 51.58 -2.92 28.41
CA LYS C 437 50.85 -2.93 29.69
C LYS C 437 49.82 -4.04 29.81
N VAL C 438 49.37 -4.63 28.70
CA VAL C 438 48.32 -5.64 28.72
C VAL C 438 48.79 -6.84 27.91
N SER C 439 48.74 -8.02 28.51
CA SER C 439 49.04 -9.25 27.80
C SER C 439 48.12 -9.42 26.58
N SER C 440 48.68 -9.99 25.51
CA SER C 440 47.91 -10.25 24.31
C SER C 440 46.80 -11.26 24.55
N GLU C 441 46.89 -12.05 25.62
CA GLU C 441 45.84 -13.00 25.96
C GLU C 441 44.67 -12.34 26.69
N ALA C 442 44.75 -11.05 27.00
CA ALA C 442 43.69 -10.32 27.68
C ALA C 442 43.21 -9.18 26.80
N GLY C 443 41.95 -8.77 27.02
CA GLY C 443 41.39 -7.67 26.24
C GLY C 443 39.95 -7.36 26.60
N ILE C 444 39.47 -6.24 26.08
CA ILE C 444 38.13 -5.71 26.32
C ILE C 444 37.49 -5.36 24.98
N TRP C 445 36.25 -5.80 24.78
CA TRP C 445 35.49 -5.55 23.55
C TRP C 445 34.28 -4.68 23.86
N LEU C 446 33.90 -3.84 22.89
CA LEU C 446 32.72 -2.99 22.98
C LEU C 446 31.67 -3.39 21.95
N GLN C 447 30.39 -3.33 22.31
CA GLN C 447 29.30 -3.66 21.39
C GLN C 447 28.18 -2.62 21.49
N GLY C 448 27.80 -2.05 20.34
CA GLY C 448 26.65 -1.16 20.25
C GLY C 448 26.96 0.32 20.37
N CYS C 449 28.13 0.69 20.87
CA CYS C 449 28.45 2.10 21.07
C CYS C 449 29.49 2.58 20.06
N ASN C 450 29.57 1.93 18.90
CA ASN C 450 30.68 2.11 17.97
C ASN C 450 30.22 2.66 16.62
N GLU C 451 29.11 3.38 16.62
CA GLU C 451 28.55 3.93 15.39
C GLU C 451 29.57 4.81 14.65
N ARG C 452 30.34 5.62 15.38
CA ARG C 452 31.27 6.53 14.71
C ARG C 452 32.34 5.78 13.90
N THR C 453 32.72 4.56 14.30
CA THR C 453 33.69 3.78 13.54
C THR C 453 33.09 2.65 12.71
N HIS C 454 31.83 2.24 12.96
CA HIS C 454 31.30 1.04 12.35
C HIS C 454 29.96 1.19 11.61
N GLY C 455 29.31 2.34 11.66
CA GLY C 455 28.16 2.62 10.82
C GLY C 455 26.86 2.65 11.60
N LEU C 456 25.82 3.15 10.94
CA LEU C 456 24.53 3.36 11.59
C LEU C 456 23.92 2.07 12.12
N SER C 457 24.42 0.91 11.68
CA SER C 457 23.87 -0.37 12.09
C SER C 457 24.40 -0.85 13.45
N ASP C 458 25.37 -0.16 14.03
CA ASP C 458 26.08 -0.69 15.19
C ASP C 458 25.18 -0.84 16.42
N SER C 459 24.27 0.11 16.64
CA SER C 459 23.43 0.11 17.84
C SER C 459 22.11 -0.64 17.62
N LEU C 460 21.88 -1.19 16.45
CA LEU C 460 20.57 -1.76 16.14
C LEU C 460 20.62 -3.28 16.14
N LEU C 461 19.53 -3.89 15.71
CA LEU C 461 19.52 -5.32 15.47
C LEU C 461 20.11 -5.69 14.12
N SER C 462 20.40 -4.68 13.28
CA SER C 462 20.66 -4.91 11.85
C SER C 462 21.74 -5.97 11.57
N VAL C 463 22.89 -5.88 12.24
CA VAL C 463 24.02 -6.77 11.93
C VAL C 463 24.32 -7.71 13.10
N LEU C 464 23.36 -7.91 14.02
CA LEU C 464 23.68 -8.67 15.23
C LEU C 464 24.04 -10.13 14.93
N ALA C 465 23.29 -10.79 14.04
CA ALA C 465 23.53 -12.20 13.76
C ALA C 465 24.94 -12.44 13.20
N VAL C 466 25.33 -11.65 12.21
CA VAL C 466 26.66 -11.76 11.64
C VAL C 466 27.72 -11.37 12.67
N ARG C 467 27.45 -10.31 13.43
CA ARG C 467 28.45 -9.74 14.31
C ARG C 467 28.80 -10.68 15.45
N GLY C 468 27.78 -11.32 16.01
CA GLY C 468 27.99 -12.34 17.02
C GLY C 468 28.93 -13.43 16.54
N GLY C 469 28.70 -13.91 15.31
CA GLY C 469 29.59 -14.91 14.74
C GLY C 469 31.01 -14.41 14.65
N GLU C 470 31.18 -13.18 14.14
CA GLU C 470 32.48 -12.53 14.11
C GLU C 470 33.08 -12.48 15.51
N MET C 471 32.27 -12.14 16.52
CA MET C 471 32.79 -11.99 17.87
C MET C 471 33.27 -13.32 18.41
N VAL C 472 32.57 -14.40 18.06
CA VAL C 472 32.99 -15.73 18.48
C VAL C 472 34.35 -16.07 17.87
N GLN C 473 34.55 -15.73 16.59
CA GLN C 473 35.85 -15.91 15.97
C GLN C 473 36.90 -15.06 16.65
N SER C 474 36.59 -13.77 16.83
CA SER C 474 37.55 -12.84 17.40
C SER C 474 37.99 -13.30 18.79
N ILE C 475 37.04 -13.68 19.64
CA ILE C 475 37.34 -13.97 21.04
C ILE C 475 37.74 -15.44 21.25
N PHE C 476 37.13 -16.38 20.53
CA PHE C 476 37.35 -17.80 20.80
C PHE C 476 37.98 -18.57 19.65
N GLY C 477 38.28 -17.94 18.53
CA GLY C 477 38.80 -18.63 17.36
C GLY C 477 40.00 -19.51 17.62
N GLU C 478 41.06 -18.94 18.19
CA GLU C 478 42.25 -19.74 18.50
C GLU C 478 41.91 -20.85 19.48
N GLN C 479 41.11 -20.53 20.50
CA GLN C 479 40.73 -21.50 21.52
C GLN C 479 39.92 -22.66 20.93
N LEU C 480 38.94 -22.35 20.07
CA LEU C 480 38.14 -23.41 19.45
C LEU C 480 38.95 -24.20 18.43
N GLU C 481 39.92 -23.54 17.75
CA GLU C 481 40.74 -24.22 16.76
C GLU C 481 41.73 -25.17 17.42
N ARG C 482 42.26 -24.81 18.59
CA ARG C 482 43.12 -25.76 19.32
C ARG C 482 42.31 -26.94 19.83
N ALA C 483 41.08 -26.70 20.30
CA ALA C 483 40.18 -27.79 20.71
C ALA C 483 39.83 -28.68 19.52
N LEU D 24 21.01 -38.37 -1.29
CA LEU D 24 20.37 -39.64 -1.60
C LEU D 24 21.08 -40.38 -2.72
N ARG D 25 21.52 -41.62 -2.47
CA ARG D 25 22.26 -42.42 -3.44
C ARG D 25 21.33 -43.23 -4.34
N SER D 26 21.78 -43.47 -5.58
CA SER D 26 20.99 -44.11 -6.60
C SER D 26 20.82 -45.61 -6.35
N THR D 27 19.76 -46.16 -6.93
CA THR D 27 19.49 -47.58 -7.00
C THR D 27 19.75 -48.10 -8.40
N PRO D 28 20.45 -49.22 -8.55
CA PRO D 28 20.57 -49.84 -9.86
C PRO D 28 19.20 -50.10 -10.47
N GLN D 29 19.09 -49.78 -11.76
CA GLN D 29 17.80 -49.75 -12.46
C GLN D 29 16.99 -51.03 -12.30
N ASP D 30 17.67 -52.19 -12.30
CA ASP D 30 17.02 -53.49 -12.36
C ASP D 30 16.61 -54.00 -10.99
N GLU D 31 16.93 -53.30 -9.92
CA GLU D 31 16.58 -53.81 -8.62
C GLU D 31 15.13 -53.49 -8.29
N LEU D 32 14.64 -54.13 -7.23
CA LEU D 32 13.31 -53.86 -6.73
C LEU D 32 13.34 -52.59 -5.91
N HIS D 33 12.66 -51.55 -6.38
CA HIS D 33 12.66 -50.29 -5.66
C HIS D 33 11.67 -50.37 -4.50
N ASP D 34 11.94 -49.56 -3.48
CA ASP D 34 10.92 -49.35 -2.46
C ASP D 34 9.85 -48.39 -2.95
N LEU D 35 10.27 -47.30 -3.58
CA LEU D 35 9.37 -46.26 -4.06
C LEU D 35 9.81 -45.76 -5.42
N LEU D 36 8.87 -45.64 -6.33
CA LEU D 36 9.11 -44.98 -7.60
C LEU D 36 8.12 -43.83 -7.76
N CYS D 37 8.63 -42.65 -8.09
CA CYS D 37 7.79 -41.47 -8.27
C CYS D 37 7.75 -41.07 -9.75
N VAL D 38 6.55 -40.88 -10.26
CA VAL D 38 6.30 -40.48 -11.64
C VAL D 38 6.16 -38.97 -11.65
N GLY D 39 7.09 -38.29 -12.30
CA GLY D 39 7.12 -36.83 -12.33
C GLY D 39 8.11 -36.27 -11.35
N PHE D 40 8.86 -35.24 -11.72
CA PHE D 40 9.74 -34.60 -10.76
C PHE D 40 9.52 -33.09 -10.81
N GLY D 41 8.29 -32.68 -10.58
CA GLY D 41 7.98 -31.30 -10.31
C GLY D 41 8.01 -31.03 -8.82
N PRO D 42 7.42 -29.91 -8.40
CA PRO D 42 7.44 -29.56 -6.97
C PRO D 42 6.83 -30.62 -6.05
N ALA D 43 5.79 -31.34 -6.48
CA ALA D 43 5.16 -32.32 -5.60
C ALA D 43 6.14 -33.42 -5.20
N SER D 44 6.79 -34.04 -6.20
CA SER D 44 7.79 -35.08 -5.91
C SER D 44 9.04 -34.49 -5.25
N LEU D 45 9.45 -33.29 -5.66
CA LEU D 45 10.65 -32.68 -5.07
C LEU D 45 10.48 -32.50 -3.58
N ALA D 46 9.28 -32.15 -3.13
CA ALA D 46 9.05 -32.00 -1.70
C ALA D 46 9.23 -33.33 -0.98
N ILE D 47 8.90 -34.43 -1.65
CA ILE D 47 9.15 -35.75 -1.08
C ILE D 47 10.64 -36.04 -1.01
N ALA D 48 11.37 -35.83 -2.12
CA ALA D 48 12.82 -36.02 -2.11
C ALA D 48 13.46 -35.25 -0.96
N ILE D 49 13.06 -33.98 -0.81
CA ILE D 49 13.60 -33.13 0.23
C ILE D 49 13.22 -33.67 1.60
N ALA D 50 11.96 -34.10 1.77
CA ALA D 50 11.49 -34.59 3.06
C ALA D 50 12.16 -35.92 3.43
N LEU D 51 12.38 -36.81 2.45
CA LEU D 51 13.13 -38.02 2.76
C LEU D 51 14.58 -37.69 3.12
N HIS D 52 15.21 -36.77 2.39
CA HIS D 52 16.56 -36.36 2.78
C HIS D 52 16.58 -35.90 4.23
N ASP D 53 15.65 -35.03 4.61
CA ASP D 53 15.62 -34.50 5.98
C ASP D 53 15.28 -35.56 7.01
N ALA D 54 14.43 -36.53 6.66
CA ALA D 54 14.11 -37.60 7.60
C ALA D 54 15.33 -38.43 7.93
N LEU D 55 16.32 -38.46 7.03
CA LEU D 55 17.55 -39.22 7.21
C LEU D 55 18.70 -38.43 7.79
N ASP D 56 18.55 -37.11 7.95
CA ASP D 56 19.61 -36.22 8.45
C ASP D 56 19.64 -36.22 9.97
N PRO D 57 20.70 -36.74 10.58
CA PRO D 57 20.75 -36.79 12.05
C PRO D 57 20.79 -35.41 12.69
N ARG D 58 21.16 -34.37 11.94
CA ARG D 58 21.07 -33.01 12.46
C ARG D 58 19.62 -32.58 12.66
N LEU D 59 18.70 -33.08 11.83
CA LEU D 59 17.29 -32.71 11.92
C LEU D 59 16.46 -33.73 12.68
N ASN D 60 16.83 -35.01 12.64
CA ASN D 60 16.06 -36.08 13.29
C ASN D 60 17.03 -36.97 14.05
N LYS D 61 17.08 -36.80 15.38
CA LYS D 61 18.08 -37.47 16.20
C LYS D 61 18.10 -38.98 15.99
N SER D 62 16.96 -39.58 15.67
CA SER D 62 16.89 -41.03 15.55
C SER D 62 17.64 -41.56 14.33
N ALA D 63 17.78 -40.74 13.27
CA ALA D 63 18.39 -41.16 12.02
C ALA D 63 19.89 -41.42 12.13
N SER D 64 20.50 -41.21 13.30
CA SER D 64 21.89 -41.59 13.49
C SER D 64 22.05 -43.10 13.37
N ASN D 65 21.05 -43.86 13.82
CA ASN D 65 21.03 -45.32 13.78
C ASN D 65 20.38 -45.88 12.52
N ILE D 66 20.53 -45.20 11.38
CA ILE D 66 20.01 -45.69 10.09
C ILE D 66 21.12 -45.54 9.06
N HIS D 67 21.64 -46.68 8.58
CA HIS D 67 22.58 -46.70 7.47
C HIS D 67 21.94 -47.20 6.18
N ALA D 68 20.73 -47.74 6.23
CA ALA D 68 20.03 -48.24 5.05
C ALA D 68 19.13 -47.14 4.49
N GLN D 69 19.51 -46.57 3.34
CA GLN D 69 18.61 -45.65 2.67
C GLN D 69 17.59 -46.45 1.86
N PRO D 70 16.32 -46.06 1.91
CA PRO D 70 15.31 -46.71 1.06
C PRO D 70 15.70 -46.59 -0.41
N LYS D 71 15.32 -47.60 -1.19
CA LYS D 71 15.63 -47.62 -2.63
C LYS D 71 14.56 -46.82 -3.37
N ILE D 72 14.92 -45.59 -3.77
CA ILE D 72 14.01 -44.61 -4.35
C ILE D 72 14.51 -44.16 -5.72
N CYS D 73 13.56 -43.82 -6.60
CA CYS D 73 13.89 -43.34 -7.94
C CYS D 73 12.76 -42.44 -8.44
N PHE D 74 13.12 -41.41 -9.22
CA PHE D 74 12.18 -40.46 -9.78
C PHE D 74 12.30 -40.45 -11.31
N LEU D 75 11.15 -40.42 -11.99
CA LEU D 75 11.11 -40.35 -13.45
C LEU D 75 10.41 -39.04 -13.84
N GLU D 76 11.11 -38.21 -14.62
CA GLU D 76 10.61 -36.92 -15.08
C GLU D 76 10.71 -36.84 -16.59
N ARG D 77 9.64 -36.34 -17.22
CA ARG D 77 9.56 -36.31 -18.67
C ARG D 77 10.40 -35.19 -19.28
N GLN D 78 10.49 -34.03 -18.63
CA GLN D 78 11.32 -32.96 -19.13
C GLN D 78 12.80 -33.31 -19.03
N LYS D 79 13.61 -32.62 -19.84
CA LYS D 79 15.04 -32.94 -19.87
C LYS D 79 15.78 -32.43 -18.63
N GLN D 80 15.23 -31.41 -17.94
CA GLN D 80 15.79 -30.92 -16.69
C GLN D 80 14.61 -30.37 -15.89
N PHE D 81 14.84 -30.11 -14.62
CA PHE D 81 13.78 -29.52 -13.82
C PHE D 81 13.38 -28.18 -14.40
N ALA D 82 12.07 -27.95 -14.49
CA ALA D 82 11.53 -26.68 -15.00
C ALA D 82 10.12 -26.52 -14.47
N TRP D 83 9.75 -25.31 -14.08
CA TRP D 83 8.48 -25.04 -13.40
C TRP D 83 7.59 -24.14 -14.25
N HIS D 84 6.71 -24.76 -15.03
CA HIS D 84 5.78 -24.09 -15.95
C HIS D 84 6.51 -23.04 -16.78
N SER D 85 7.61 -23.47 -17.42
CA SER D 85 8.47 -22.57 -18.18
C SER D 85 7.76 -21.99 -19.40
N GLY D 86 6.76 -22.69 -19.92
CA GLY D 86 6.00 -22.04 -20.98
C GLY D 86 5.24 -20.80 -20.52
N MET D 87 5.20 -20.54 -19.21
CA MET D 87 4.57 -19.36 -18.65
C MET D 87 5.53 -18.50 -17.85
N LEU D 88 6.84 -18.66 -18.01
CA LEU D 88 7.73 -17.73 -17.32
C LEU D 88 7.69 -16.36 -18.00
N VAL D 89 6.53 -15.72 -17.89
CA VAL D 89 6.26 -14.40 -18.48
C VAL D 89 7.14 -13.36 -17.81
N PRO D 90 7.75 -12.43 -18.55
CA PRO D 90 8.54 -11.38 -17.92
C PRO D 90 7.77 -10.65 -16.82
N GLY D 91 8.35 -10.60 -15.63
CA GLY D 91 7.78 -9.89 -14.51
C GLY D 91 6.70 -10.61 -13.76
N SER D 92 6.41 -11.87 -14.08
CA SER D 92 5.38 -12.58 -13.32
C SER D 92 5.92 -12.93 -11.93
N LYS D 93 5.02 -12.86 -10.95
CA LYS D 93 5.34 -13.02 -9.54
C LYS D 93 4.65 -14.24 -8.96
N MET D 94 5.22 -14.77 -7.88
CA MET D 94 4.58 -15.86 -7.13
C MET D 94 3.21 -15.44 -6.61
N GLN D 95 2.31 -16.42 -6.48
CA GLN D 95 1.01 -16.19 -5.90
C GLN D 95 0.91 -16.67 -4.46
N ILE D 96 2.04 -16.81 -3.77
CA ILE D 96 2.04 -17.43 -2.45
C ILE D 96 3.31 -16.97 -1.74
N SER D 97 3.20 -16.81 -0.42
CA SER D 97 4.33 -16.35 0.37
C SER D 97 5.49 -17.32 0.28
N PHE D 98 6.72 -16.79 0.26
CA PHE D 98 7.90 -17.66 0.24
C PHE D 98 8.03 -18.51 1.50
N ILE D 99 7.31 -18.18 2.59
CA ILE D 99 7.36 -19.02 3.79
C ILE D 99 6.81 -20.39 3.45
N LYS D 100 5.92 -20.47 2.47
CA LYS D 100 5.37 -21.73 2.02
C LYS D 100 6.24 -22.40 0.96
N ASP D 101 7.55 -22.31 1.13
CA ASP D 101 8.47 -23.00 0.24
C ASP D 101 8.40 -24.50 0.51
N LEU D 102 9.36 -25.25 -0.02
CA LEU D 102 9.34 -26.70 0.01
C LEU D 102 9.82 -27.33 1.32
N ALA D 103 10.01 -26.56 2.39
CA ALA D 103 10.56 -27.19 3.59
C ALA D 103 10.19 -26.46 4.88
N THR D 104 10.01 -25.13 4.80
CA THR D 104 9.99 -24.29 6.00
C THR D 104 8.84 -24.66 6.95
N LEU D 105 7.62 -24.81 6.43
CA LEU D 105 6.50 -25.14 7.31
C LEU D 105 6.66 -26.50 7.98
N ARG D 106 7.55 -27.34 7.47
CA ARG D 106 7.86 -28.60 8.13
C ARG D 106 9.07 -28.48 9.06
N ASP D 107 10.13 -27.77 8.65
CA ASP D 107 11.31 -27.57 9.48
C ASP D 107 12.10 -26.37 8.98
N PRO D 108 12.03 -25.22 9.66
CA PRO D 108 12.79 -24.04 9.22
C PRO D 108 14.31 -24.23 9.26
N ARG D 109 14.82 -25.20 10.03
CA ARG D 109 16.23 -25.50 10.04
C ARG D 109 16.69 -26.27 8.80
N SER D 110 15.77 -26.66 7.91
CA SER D 110 16.15 -27.43 6.74
C SER D 110 17.10 -26.63 5.84
N SER D 111 18.04 -27.34 5.22
CA SER D 111 18.88 -26.68 4.24
C SER D 111 18.13 -26.37 2.95
N PHE D 112 16.94 -26.94 2.76
CA PHE D 112 16.19 -26.71 1.54
C PHE D 112 15.19 -25.57 1.66
N THR D 113 15.32 -24.68 2.65
CA THR D 113 14.44 -23.51 2.76
C THR D 113 14.80 -22.46 1.70
N PHE D 114 13.85 -21.56 1.41
CA PHE D 114 14.14 -20.49 0.47
C PHE D 114 15.21 -19.54 1.01
N LEU D 115 15.15 -19.21 2.31
CA LEU D 115 16.13 -18.30 2.89
C LEU D 115 17.55 -18.87 2.82
N ASN D 116 17.70 -20.18 3.09
CA ASN D 116 19.03 -20.78 2.98
C ASN D 116 19.53 -20.80 1.54
N TYR D 117 18.62 -21.02 0.58
CA TYR D 117 18.99 -20.88 -0.83
C TYR D 117 19.52 -19.49 -1.12
N LEU D 118 18.78 -18.44 -0.73
CA LEU D 118 19.28 -17.09 -0.91
C LEU D 118 20.64 -16.91 -0.25
N HIS D 119 20.79 -17.42 0.96
CA HIS D 119 22.05 -17.31 1.68
C HIS D 119 23.18 -18.00 0.91
N GLN D 120 22.90 -19.17 0.34
CA GLN D 120 23.91 -19.87 -0.46
C GLN D 120 24.24 -19.10 -1.73
N LYS D 121 23.25 -18.48 -2.36
CA LYS D 121 23.53 -17.63 -3.51
C LYS D 121 24.10 -16.27 -3.13
N GLY D 122 24.31 -15.99 -1.84
CA GLY D 122 24.82 -14.69 -1.44
C GLY D 122 23.88 -13.53 -1.68
N ARG D 123 22.57 -13.77 -1.65
CA ARG D 123 21.59 -12.79 -2.05
C ARG D 123 20.59 -12.48 -0.93
N LEU D 124 20.80 -13.03 0.27
CA LEU D 124 19.78 -12.96 1.31
C LEU D 124 19.50 -11.53 1.75
N ILE D 125 20.56 -10.74 2.03
CA ILE D 125 20.34 -9.36 2.49
C ILE D 125 19.71 -8.53 1.39
N HIS D 126 20.10 -8.77 0.13
CA HIS D 126 19.51 -8.04 -0.98
C HIS D 126 18.03 -8.37 -1.13
N PHE D 127 17.68 -9.65 -0.99
CA PHE D 127 16.27 -10.03 -0.98
C PHE D 127 15.53 -9.40 0.20
N THR D 128 16.19 -9.23 1.34
CA THR D 128 15.56 -8.60 2.49
C THR D 128 15.14 -7.18 2.15
N ASN D 129 15.97 -6.46 1.41
CA ASN D 129 15.64 -5.11 1.01
C ASN D 129 14.56 -5.06 -0.07
N LEU D 130 14.27 -6.18 -0.74
CA LEU D 130 13.14 -6.18 -1.68
C LEU D 130 11.82 -5.94 -0.96
N SER D 131 11.73 -6.27 0.33
CA SER D 131 10.50 -6.20 1.13
C SER D 131 9.29 -6.75 0.38
N THR D 132 9.36 -8.05 0.09
CA THR D 132 8.29 -8.73 -0.59
C THR D 132 8.18 -10.16 -0.06
N PHE D 133 6.94 -10.65 0.02
CA PHE D 133 6.72 -12.08 0.24
C PHE D 133 6.57 -12.88 -1.05
N LEU D 134 6.54 -12.20 -2.20
CA LEU D 134 6.16 -12.78 -3.49
C LEU D 134 7.31 -12.64 -4.48
N PRO D 135 8.27 -13.58 -4.49
CA PRO D 135 9.36 -13.53 -5.46
C PRO D 135 8.88 -13.63 -6.90
N ALA D 136 9.75 -13.19 -7.81
CA ALA D 136 9.51 -13.43 -9.23
C ALA D 136 9.44 -14.94 -9.49
N ARG D 137 8.59 -15.34 -10.44
CA ARG D 137 8.52 -16.76 -10.76
C ARG D 137 9.88 -17.29 -11.20
N LEU D 138 10.63 -16.48 -11.94
CA LEU D 138 11.99 -16.82 -12.35
C LEU D 138 12.85 -17.20 -11.16
N GLU D 139 12.73 -16.45 -10.07
CA GLU D 139 13.56 -16.72 -8.90
C GLU D 139 13.11 -18.01 -8.19
N PHE D 140 11.82 -18.14 -7.93
CA PHE D 140 11.36 -19.34 -7.24
C PHE D 140 11.62 -20.60 -8.06
N GLU D 141 11.57 -20.51 -9.39
CA GLU D 141 12.00 -21.63 -10.21
C GLU D 141 13.48 -21.94 -9.99
N ASP D 142 14.32 -20.92 -9.95
CA ASP D 142 15.72 -21.20 -9.70
C ASP D 142 15.93 -21.78 -8.31
N TYR D 143 15.13 -21.37 -7.32
CA TYR D 143 15.28 -21.94 -5.99
C TYR D 143 14.98 -23.44 -6.02
N MET D 144 13.89 -23.82 -6.69
CA MET D 144 13.55 -25.24 -6.77
C MET D 144 14.52 -26.02 -7.65
N ARG D 145 15.03 -25.39 -8.72
CA ARG D 145 16.09 -26.01 -9.52
C ARG D 145 17.33 -26.28 -8.66
N TRP D 146 17.69 -25.33 -7.80
CA TRP D 146 18.80 -25.54 -6.87
C TRP D 146 18.55 -26.73 -5.94
N CYS D 147 17.32 -26.88 -5.45
CA CYS D 147 16.99 -28.08 -4.69
C CYS D 147 17.17 -29.34 -5.54
N ALA D 148 16.57 -29.33 -6.74
CA ALA D 148 16.47 -30.52 -7.56
C ALA D 148 17.82 -31.07 -7.97
N GLN D 149 18.78 -30.18 -8.23
CA GLN D 149 20.10 -30.61 -8.67
C GLN D 149 20.79 -31.47 -7.63
N GLN D 150 20.45 -31.29 -6.35
CA GLN D 150 21.05 -32.08 -5.29
C GLN D 150 20.49 -33.50 -5.23
N PHE D 151 19.56 -33.84 -6.12
CA PHE D 151 18.99 -35.19 -6.20
C PHE D 151 19.24 -35.83 -7.56
N SER D 152 20.24 -35.35 -8.30
CA SER D 152 20.45 -35.82 -9.66
C SER D 152 20.76 -37.30 -9.72
N ASP D 153 21.20 -37.92 -8.63
CA ASP D 153 21.49 -39.35 -8.63
C ASP D 153 20.24 -40.22 -8.56
N VAL D 154 19.07 -39.68 -8.22
CA VAL D 154 17.89 -40.52 -8.16
C VAL D 154 16.81 -40.07 -9.14
N VAL D 155 17.11 -39.09 -9.99
CA VAL D 155 16.15 -38.57 -10.94
C VAL D 155 16.64 -38.89 -12.35
N ALA D 156 15.83 -39.62 -13.11
CA ALA D 156 16.12 -39.90 -14.51
C ALA D 156 15.25 -38.98 -15.35
N TYR D 157 15.87 -37.99 -15.99
CA TYR D 157 15.15 -37.02 -16.78
C TYR D 157 14.94 -37.55 -18.20
N GLY D 158 14.04 -36.89 -18.93
CA GLY D 158 13.69 -37.30 -20.28
C GLY D 158 12.98 -38.65 -20.38
N GLU D 159 12.34 -39.09 -19.30
CA GLU D 159 11.66 -40.38 -19.23
C GLU D 159 10.18 -40.13 -19.02
N GLU D 160 9.36 -40.52 -19.99
CA GLU D 160 7.90 -40.37 -19.90
C GLU D 160 7.28 -41.71 -19.56
N VAL D 161 6.72 -41.81 -18.35
CA VAL D 161 6.07 -43.03 -17.93
C VAL D 161 4.83 -43.27 -18.79
N VAL D 162 4.70 -44.48 -19.31
CA VAL D 162 3.60 -44.82 -20.19
C VAL D 162 2.59 -45.78 -19.56
N GLU D 163 3.02 -46.71 -18.72
CA GLU D 163 2.03 -47.53 -18.02
C GLU D 163 2.60 -48.06 -16.71
N VAL D 164 1.69 -48.53 -15.87
CA VAL D 164 1.97 -49.15 -14.58
C VAL D 164 1.33 -50.52 -14.61
N ILE D 165 2.12 -51.57 -14.41
CA ILE D 165 1.52 -52.89 -14.62
C ILE D 165 1.76 -53.79 -13.42
N PRO D 166 0.77 -54.62 -13.06
CA PRO D 166 0.88 -55.39 -11.81
C PRO D 166 1.88 -56.53 -11.88
N GLY D 167 2.49 -56.80 -10.74
CA GLY D 167 3.46 -57.87 -10.61
C GLY D 167 3.08 -58.83 -9.51
N LYS D 168 3.38 -60.12 -9.73
CA LYS D 168 3.12 -61.18 -8.77
C LYS D 168 4.46 -61.88 -8.61
N SER D 169 5.07 -61.75 -7.44
CA SER D 169 6.39 -62.35 -7.25
C SER D 169 6.30 -63.83 -6.92
N ASP D 170 5.23 -64.25 -6.24
CA ASP D 170 5.07 -65.66 -5.87
C ASP D 170 4.21 -66.36 -6.90
N PRO D 171 4.77 -67.26 -7.71
CA PRO D 171 3.96 -67.98 -8.72
C PRO D 171 2.80 -68.76 -8.16
N SER D 172 2.85 -69.17 -6.90
CA SER D 172 1.74 -69.91 -6.32
C SER D 172 0.66 -69.01 -5.74
N SER D 173 0.85 -67.71 -5.76
CA SER D 173 -0.19 -66.80 -5.31
C SER D 173 -0.64 -65.93 -6.47
N SER D 174 -1.87 -65.43 -6.34
CA SER D 174 -2.45 -64.51 -7.31
C SER D 174 -2.43 -63.08 -6.80
N VAL D 175 -1.60 -62.79 -5.81
CA VAL D 175 -1.60 -61.51 -5.12
C VAL D 175 -0.55 -60.59 -5.76
N VAL D 176 -0.98 -59.40 -6.14
CA VAL D 176 -0.06 -58.42 -6.69
C VAL D 176 0.72 -57.81 -5.52
N ASP D 177 2.05 -57.95 -5.58
CA ASP D 177 2.90 -57.47 -4.50
C ASP D 177 4.03 -56.55 -4.97
N PHE D 178 4.06 -56.18 -6.25
CA PHE D 178 4.92 -55.09 -6.70
C PHE D 178 4.34 -54.54 -8.00
N PHE D 179 4.97 -53.48 -8.52
CA PHE D 179 4.55 -52.86 -9.76
C PHE D 179 5.74 -52.61 -10.66
N THR D 180 5.51 -52.77 -11.95
CA THR D 180 6.47 -52.45 -13.00
C THR D 180 6.03 -51.16 -13.66
N VAL D 181 6.87 -50.13 -13.55
CA VAL D 181 6.64 -48.85 -14.21
C VAL D 181 7.52 -48.82 -15.45
N ARG D 182 6.92 -48.67 -16.61
CA ARG D 182 7.69 -48.58 -17.84
C ARG D 182 7.58 -47.18 -18.42
N SER D 183 8.71 -46.68 -18.92
CA SER D 183 8.82 -45.33 -19.42
C SER D 183 9.47 -45.36 -20.79
N ARG D 184 9.09 -44.37 -21.61
CA ARG D 184 9.70 -44.18 -22.91
C ARG D 184 10.68 -43.02 -22.81
N ASN D 185 11.91 -43.24 -23.25
CA ASN D 185 12.87 -42.15 -23.30
C ASN D 185 12.46 -41.19 -24.41
N VAL D 186 12.38 -39.89 -24.08
CA VAL D 186 11.82 -38.95 -25.04
C VAL D 186 12.74 -38.68 -26.21
N GLU D 187 14.04 -38.93 -26.06
CA GLU D 187 14.95 -38.64 -27.15
C GLU D 187 15.20 -39.86 -28.02
N THR D 188 15.30 -41.05 -27.42
CA THR D 188 15.65 -42.26 -28.15
C THR D 188 14.46 -43.16 -28.47
N GLY D 189 13.39 -43.08 -27.67
CA GLY D 189 12.27 -43.99 -27.81
C GLY D 189 12.41 -45.32 -27.11
N GLU D 190 13.56 -45.60 -26.50
CA GLU D 190 13.73 -46.87 -25.79
C GLU D 190 12.79 -46.95 -24.60
N ILE D 191 12.21 -48.13 -24.39
CA ILE D 191 11.31 -48.39 -23.27
C ILE D 191 12.09 -49.04 -22.15
N SER D 192 12.02 -48.46 -20.95
CA SER D 192 12.68 -48.99 -19.78
C SER D 192 11.63 -49.41 -18.77
N ALA D 193 11.92 -50.48 -18.03
CA ALA D 193 11.02 -51.03 -17.03
C ALA D 193 11.72 -51.05 -15.69
N ARG D 194 11.04 -50.56 -14.66
CA ARG D 194 11.56 -50.56 -13.30
C ARG D 194 10.56 -51.19 -12.34
N ARG D 195 11.05 -52.05 -11.47
CA ARG D 195 10.21 -52.73 -10.49
C ARG D 195 10.26 -52.00 -9.15
N THR D 196 9.08 -51.82 -8.56
CA THR D 196 8.95 -51.11 -7.30
C THR D 196 7.79 -51.72 -6.52
N ARG D 197 7.83 -51.54 -5.21
CA ARG D 197 6.74 -52.00 -4.36
C ARG D 197 5.64 -50.97 -4.23
N LYS D 198 6.01 -49.69 -4.25
CA LYS D 198 5.09 -48.58 -4.10
C LYS D 198 5.35 -47.55 -5.18
N VAL D 199 4.26 -46.90 -5.63
CA VAL D 199 4.32 -45.89 -6.69
C VAL D 199 3.69 -44.59 -6.23
N VAL D 200 4.33 -43.47 -6.57
CA VAL D 200 3.76 -42.13 -6.43
C VAL D 200 3.48 -41.56 -7.82
N ILE D 201 2.25 -41.09 -8.05
CA ILE D 201 1.90 -40.39 -9.28
C ILE D 201 1.71 -38.92 -8.92
N ALA D 202 2.58 -38.08 -9.45
CA ALA D 202 2.56 -36.67 -9.14
C ALA D 202 2.87 -35.94 -10.44
N ILE D 203 1.95 -36.05 -11.39
CA ILE D 203 2.17 -35.60 -12.75
C ILE D 203 1.45 -34.29 -13.03
N GLY D 204 0.98 -33.60 -12.00
CA GLY D 204 0.44 -32.26 -12.22
C GLY D 204 -0.83 -32.26 -13.05
N GLY D 205 -0.94 -31.25 -13.91
CA GLY D 205 -2.13 -31.06 -14.73
C GLY D 205 -1.86 -31.08 -16.21
N THR D 206 -2.90 -31.32 -17.00
CA THR D 206 -2.82 -31.23 -18.46
C THR D 206 -3.60 -30.01 -18.94
N ALA D 207 -3.25 -29.53 -20.14
CA ALA D 207 -3.93 -28.38 -20.71
C ALA D 207 -5.41 -28.69 -20.97
N LYS D 208 -6.27 -27.83 -20.46
CA LYS D 208 -7.70 -27.89 -20.75
C LYS D 208 -8.01 -26.93 -21.89
N MET D 209 -8.52 -27.46 -22.99
CA MET D 209 -8.98 -26.69 -24.12
C MET D 209 -10.49 -26.77 -24.19
N PRO D 210 -11.17 -25.67 -24.51
CA PRO D 210 -12.62 -25.72 -24.73
C PRO D 210 -12.96 -26.72 -25.83
N SER D 211 -13.99 -27.53 -25.58
CA SER D 211 -14.28 -28.66 -26.48
C SER D 211 -14.66 -28.18 -27.88
N GLY D 212 -15.20 -26.97 -28.00
CA GLY D 212 -15.65 -26.49 -29.30
C GLY D 212 -14.56 -26.02 -30.24
N LEU D 213 -13.33 -25.78 -29.72
CA LEU D 213 -12.25 -25.25 -30.53
C LEU D 213 -11.61 -26.32 -31.40
N PRO D 214 -11.29 -25.99 -32.66
CA PRO D 214 -10.54 -26.90 -33.51
C PRO D 214 -9.04 -26.82 -33.22
N GLN D 215 -8.32 -27.81 -33.72
CA GLN D 215 -6.87 -27.84 -33.61
C GLN D 215 -6.21 -27.14 -34.81
N ASP D 216 -5.21 -26.32 -34.52
CA ASP D 216 -4.51 -25.51 -35.50
C ASP D 216 -3.24 -24.99 -34.86
N PRO D 217 -2.12 -24.93 -35.60
CA PRO D 217 -0.87 -24.43 -35.00
C PRO D 217 -0.95 -22.98 -34.51
N ARG D 218 -1.98 -22.23 -34.89
CA ARG D 218 -2.16 -20.86 -34.42
C ARG D 218 -2.99 -20.78 -33.15
N ILE D 219 -3.57 -21.89 -32.72
CA ILE D 219 -4.34 -21.96 -31.48
C ILE D 219 -3.50 -22.71 -30.45
N ILE D 220 -3.02 -21.97 -29.45
CA ILE D 220 -2.01 -22.43 -28.51
C ILE D 220 -2.52 -22.20 -27.09
N HIS D 221 -2.53 -23.26 -26.28
CA HIS D 221 -2.82 -23.14 -24.86
C HIS D 221 -1.76 -22.31 -24.13
N SER D 222 -2.21 -21.65 -23.05
CA SER D 222 -1.35 -20.77 -22.27
C SER D 222 -0.09 -21.47 -21.75
N SER D 223 -0.21 -22.77 -21.41
CA SER D 223 0.93 -23.51 -20.90
C SER D 223 2.11 -23.53 -21.87
N LYS D 224 1.86 -23.34 -23.16
CA LYS D 224 2.92 -23.33 -24.16
C LYS D 224 3.11 -21.95 -24.79
N TYR D 225 2.74 -20.90 -24.06
CA TYR D 225 2.83 -19.53 -24.58
C TYR D 225 4.28 -19.13 -24.85
N CYS D 226 5.12 -19.16 -23.81
CA CYS D 226 6.48 -18.65 -23.97
C CYS D 226 7.31 -19.46 -24.95
N THR D 227 6.92 -20.70 -25.21
CA THR D 227 7.71 -21.65 -25.98
C THR D 227 7.21 -21.85 -27.41
N THR D 228 5.93 -21.67 -27.69
CA THR D 228 5.36 -21.97 -29.00
C THR D 228 4.97 -20.74 -29.81
N LEU D 229 4.33 -19.76 -29.19
CA LEU D 229 3.95 -18.53 -29.89
C LEU D 229 5.13 -17.83 -30.55
N PRO D 230 6.28 -17.65 -29.89
CA PRO D 230 7.39 -16.96 -30.56
C PRO D 230 7.80 -17.63 -31.85
N ALA D 231 7.68 -18.96 -31.92
CA ALA D 231 8.00 -19.67 -33.16
C ALA D 231 6.98 -19.35 -34.24
N LEU D 232 5.76 -19.02 -33.84
CA LEU D 232 4.73 -18.69 -34.82
C LEU D 232 4.85 -17.23 -35.27
N LEU D 233 4.96 -16.30 -34.32
CA LEU D 233 5.01 -14.86 -34.62
C LEU D 233 6.44 -14.36 -34.39
N LYS D 234 7.28 -14.51 -35.42
CA LYS D 234 8.71 -14.30 -35.27
C LYS D 234 9.10 -12.83 -35.23
N ASP D 235 8.37 -11.97 -35.95
CA ASP D 235 8.74 -10.56 -36.09
C ASP D 235 8.05 -9.77 -34.98
N LYS D 236 8.84 -9.30 -34.00
CA LYS D 236 8.29 -8.67 -32.81
C LYS D 236 7.65 -7.31 -33.08
N SER D 237 7.82 -6.75 -34.27
CA SER D 237 7.28 -5.44 -34.58
C SER D 237 6.09 -5.47 -35.53
N LYS D 238 5.70 -6.64 -36.04
CA LYS D 238 4.64 -6.70 -37.02
C LYS D 238 3.29 -6.45 -36.34
N PRO D 239 2.34 -5.83 -37.07
CA PRO D 239 1.02 -5.54 -36.49
C PRO D 239 0.10 -6.76 -36.48
N TYR D 240 0.45 -7.73 -35.64
CA TYR D 240 -0.38 -8.91 -35.49
C TYR D 240 -1.67 -8.57 -34.75
N ASN D 241 -2.71 -9.33 -35.08
CA ASN D 241 -3.91 -9.42 -34.25
C ASN D 241 -3.79 -10.71 -33.44
N ILE D 242 -3.72 -10.58 -32.12
CA ILE D 242 -3.59 -11.71 -31.23
C ILE D 242 -4.74 -11.67 -30.22
N ALA D 243 -5.52 -12.74 -30.16
CA ALA D 243 -6.61 -12.87 -29.21
C ALA D 243 -6.20 -13.77 -28.04
N VAL D 244 -6.80 -13.50 -26.88
CA VAL D 244 -6.61 -14.32 -25.68
C VAL D 244 -7.99 -14.65 -25.13
N LEU D 245 -8.20 -15.94 -24.81
CA LEU D 245 -9.47 -16.46 -24.30
C LEU D 245 -9.33 -16.80 -22.82
N GLY D 246 -10.19 -16.24 -21.99
CA GLY D 246 -10.17 -16.50 -20.56
C GLY D 246 -10.00 -15.23 -19.75
N SER D 247 -10.18 -15.38 -18.43
CA SER D 247 -10.12 -14.21 -17.55
C SER D 247 -9.49 -14.52 -16.19
N GLY D 248 -8.75 -15.62 -16.08
CA GLY D 248 -7.96 -15.90 -14.89
C GLY D 248 -6.55 -15.36 -14.99
N GLN D 249 -5.72 -15.77 -14.03
CA GLN D 249 -4.37 -15.24 -13.91
C GLN D 249 -3.57 -15.41 -15.21
N SER D 250 -3.70 -16.58 -15.87
CA SER D 250 -2.94 -16.80 -17.10
C SER D 250 -3.39 -15.86 -18.23
N ALA D 251 -4.70 -15.68 -18.39
CA ALA D 251 -5.20 -14.78 -19.43
C ALA D 251 -4.68 -13.36 -19.22
N ALA D 252 -4.78 -12.85 -18.00
CA ALA D 252 -4.33 -11.49 -17.72
C ALA D 252 -2.83 -11.34 -17.92
N GLU D 253 -2.02 -12.33 -17.52
CA GLU D 253 -0.58 -12.20 -17.68
C GLU D 253 -0.18 -12.22 -19.16
N ILE D 254 -0.84 -13.04 -19.96
CA ILE D 254 -0.52 -13.07 -21.38
C ILE D 254 -1.01 -11.81 -22.07
N PHE D 255 -2.27 -11.44 -21.82
CA PHE D 255 -2.81 -10.22 -22.41
C PHE D 255 -1.91 -9.02 -22.12
N HIS D 256 -1.50 -8.87 -20.86
CA HIS D 256 -0.63 -7.76 -20.49
C HIS D 256 0.73 -7.86 -21.17
N ASP D 257 1.31 -9.06 -21.24
CA ASP D 257 2.65 -9.20 -21.78
C ASP D 257 2.68 -8.96 -23.28
N LEU D 258 1.64 -9.38 -24.00
CA LEU D 258 1.61 -9.26 -25.46
C LEU D 258 1.74 -7.81 -25.91
N GLN D 259 1.24 -6.89 -25.10
CA GLN D 259 1.33 -5.47 -25.43
C GLN D 259 2.76 -4.98 -25.29
N LYS D 260 3.55 -5.61 -24.44
CA LYS D 260 4.97 -5.31 -24.39
C LYS D 260 5.75 -6.11 -25.43
N ARG D 261 5.39 -7.38 -25.63
CA ARG D 261 6.16 -8.23 -26.53
C ARG D 261 5.97 -7.84 -27.99
N TYR D 262 4.73 -7.53 -28.41
CA TYR D 262 4.45 -7.10 -29.78
C TYR D 262 3.84 -5.70 -29.71
N PRO D 263 4.67 -4.67 -29.61
CA PRO D 263 4.17 -3.32 -29.29
C PRO D 263 3.22 -2.70 -30.31
N ASN D 264 3.31 -3.07 -31.59
CA ASN D 264 2.38 -2.57 -32.61
C ASN D 264 1.24 -3.54 -32.86
N SER D 265 1.07 -4.55 -32.00
CA SER D 265 0.02 -5.54 -32.17
C SER D 265 -1.33 -5.00 -31.75
N ARG D 266 -2.39 -5.68 -32.19
CA ARG D 266 -3.74 -5.42 -31.71
C ARG D 266 -4.21 -6.66 -30.97
N THR D 267 -4.31 -6.55 -29.64
CA THR D 267 -4.69 -7.68 -28.82
C THR D 267 -6.12 -7.53 -28.29
N THR D 268 -6.81 -8.65 -28.15
CA THR D 268 -8.21 -8.67 -27.71
C THR D 268 -8.39 -9.74 -26.64
N LEU D 269 -8.86 -9.34 -25.47
CA LEU D 269 -9.13 -10.27 -24.38
C LEU D 269 -10.61 -10.66 -24.45
N ILE D 270 -10.87 -11.95 -24.63
CA ILE D 270 -12.22 -12.48 -24.81
C ILE D 270 -12.58 -13.29 -23.58
N MET D 271 -13.63 -12.88 -22.87
CA MET D 271 -14.02 -13.55 -21.65
C MET D 271 -15.53 -13.70 -21.60
N ARG D 272 -15.98 -14.81 -21.01
CA ARG D 272 -17.41 -15.03 -20.85
C ARG D 272 -17.94 -14.45 -19.56
N ASP D 273 -17.05 -14.19 -18.59
CA ASP D 273 -17.44 -13.40 -17.43
C ASP D 273 -17.57 -11.92 -17.84
N SER D 274 -18.09 -11.13 -16.91
CA SER D 274 -18.26 -9.71 -17.18
C SER D 274 -17.00 -8.91 -16.91
N ALA D 275 -16.06 -9.44 -16.11
CA ALA D 275 -14.89 -8.69 -15.68
C ALA D 275 -13.83 -9.63 -15.13
N MET D 276 -12.58 -9.19 -15.19
CA MET D 276 -11.54 -9.76 -14.35
C MET D 276 -11.89 -9.50 -12.90
N ARG D 277 -11.75 -10.52 -12.06
CA ARG D 277 -12.09 -10.42 -10.66
C ARG D 277 -10.88 -10.72 -9.79
N PRO D 278 -10.80 -10.09 -8.63
CA PRO D 278 -9.57 -10.18 -7.82
C PRO D 278 -9.45 -11.51 -7.07
N SER D 279 -8.24 -12.05 -7.01
CA SER D 279 -8.00 -13.23 -6.18
C SER D 279 -8.07 -12.85 -4.71
N ASP D 280 -8.50 -13.81 -3.89
CA ASP D 280 -8.74 -13.57 -2.46
C ASP D 280 -7.69 -14.32 -1.65
N ASP D 281 -6.83 -13.57 -0.97
CA ASP D 281 -5.97 -14.16 0.04
C ASP D 281 -5.98 -13.33 1.33
N SER D 282 -7.11 -12.69 1.62
CA SER D 282 -7.34 -12.05 2.91
C SER D 282 -7.14 -13.07 4.03
N PRO D 283 -6.70 -12.65 5.22
CA PRO D 283 -6.16 -13.62 6.19
C PRO D 283 -7.15 -14.68 6.67
N PHE D 284 -8.41 -14.33 6.95
CA PHE D 284 -9.34 -15.36 7.43
C PHE D 284 -9.70 -16.37 6.33
N VAL D 285 -10.02 -15.87 5.14
CA VAL D 285 -10.34 -16.77 4.03
C VAL D 285 -9.18 -17.70 3.73
N ASN D 286 -7.95 -17.18 3.80
CA ASN D 286 -6.77 -17.92 3.37
C ASN D 286 -6.43 -19.07 4.31
N GLU D 287 -7.03 -19.13 5.51
CA GLU D 287 -6.68 -20.21 6.43
C GLU D 287 -7.09 -21.59 5.91
N ILE D 288 -7.98 -21.66 4.91
CA ILE D 288 -8.33 -22.93 4.28
C ILE D 288 -7.11 -23.66 3.72
N PHE D 289 -6.03 -22.94 3.40
CA PHE D 289 -4.80 -23.52 2.87
C PHE D 289 -3.84 -24.00 3.95
N ASN D 290 -4.13 -23.76 5.22
CA ASN D 290 -3.22 -24.16 6.27
C ASN D 290 -3.03 -25.67 6.25
N PRO D 291 -1.81 -26.16 6.50
CA PRO D 291 -1.59 -27.61 6.50
C PRO D 291 -2.53 -28.37 7.42
N GLU D 292 -2.80 -27.85 8.62
CA GLU D 292 -3.63 -28.57 9.58
C GLU D 292 -5.09 -28.63 9.20
N ARG D 293 -5.54 -27.89 8.18
CA ARG D 293 -6.92 -28.00 7.74
C ARG D 293 -7.21 -29.28 6.95
N VAL D 294 -6.19 -29.92 6.38
CA VAL D 294 -6.47 -31.06 5.50
C VAL D 294 -7.26 -32.14 6.24
N ASP D 295 -6.92 -32.38 7.52
CA ASP D 295 -7.66 -33.37 8.30
C ASP D 295 -9.15 -33.00 8.40
N LYS D 296 -9.42 -31.74 8.72
CA LYS D 296 -10.81 -31.32 8.84
C LYS D 296 -11.51 -31.43 7.49
N PHE D 297 -10.88 -30.92 6.42
CA PHE D 297 -11.49 -30.95 5.10
C PHE D 297 -11.77 -32.39 4.65
N TYR D 298 -10.77 -33.27 4.78
CA TYR D 298 -10.90 -34.63 4.29
C TYR D 298 -12.09 -35.36 4.89
N SER D 299 -12.37 -35.11 6.17
CA SER D 299 -13.42 -35.83 6.87
C SER D 299 -14.81 -35.32 6.59
N GLN D 300 -14.96 -34.17 5.93
CA GLN D 300 -16.31 -33.68 5.63
C GLN D 300 -17.00 -34.55 4.58
N SER D 301 -18.33 -34.44 4.53
CA SER D 301 -19.05 -35.22 3.55
C SER D 301 -18.75 -34.71 2.13
N ALA D 302 -19.09 -35.53 1.15
CA ALA D 302 -18.84 -35.13 -0.23
C ALA D 302 -19.63 -33.88 -0.57
N ALA D 303 -20.87 -33.78 -0.06
CA ALA D 303 -21.66 -32.59 -0.32
C ALA D 303 -21.07 -31.39 0.41
N GLU D 304 -20.61 -31.59 1.65
CA GLU D 304 -19.98 -30.50 2.37
C GLU D 304 -18.70 -30.02 1.67
N ARG D 305 -17.86 -30.97 1.22
CA ARG D 305 -16.62 -30.60 0.52
C ARG D 305 -16.92 -29.88 -0.79
N GLN D 306 -17.94 -30.33 -1.52
CA GLN D 306 -18.29 -29.67 -2.77
C GLN D 306 -18.78 -28.25 -2.51
N ARG D 307 -19.60 -28.05 -1.48
CA ARG D 307 -20.08 -26.71 -1.16
C ARG D 307 -18.94 -25.80 -0.76
N SER D 308 -17.99 -26.33 0.02
CA SER D 308 -16.88 -25.54 0.51
C SER D 308 -15.98 -25.08 -0.65
N LEU D 309 -15.67 -26.00 -1.58
CA LEU D 309 -14.84 -25.64 -2.72
C LEU D 309 -15.48 -24.53 -3.55
N LEU D 310 -16.81 -24.57 -3.67
CA LEU D 310 -17.54 -23.54 -4.42
C LEU D 310 -17.53 -22.19 -3.69
N ALA D 311 -17.66 -22.22 -2.37
CA ALA D 311 -17.66 -20.98 -1.60
C ALA D 311 -16.28 -20.29 -1.63
N ASP D 312 -15.19 -21.05 -1.77
CA ASP D 312 -13.84 -20.50 -1.75
C ASP D 312 -13.22 -20.34 -3.14
N LYS D 313 -14.02 -20.39 -4.21
CA LYS D 313 -13.48 -20.40 -5.58
C LYS D 313 -12.53 -19.24 -5.84
N ALA D 314 -12.86 -18.05 -5.32
CA ALA D 314 -12.10 -16.84 -5.58
C ALA D 314 -10.71 -16.86 -4.97
N THR D 315 -10.34 -17.92 -4.25
CA THR D 315 -8.98 -18.06 -3.75
C THR D 315 -7.99 -18.56 -4.80
N ASN D 316 -8.48 -19.11 -5.92
CA ASN D 316 -7.56 -19.73 -6.87
C ASN D 316 -8.01 -19.74 -8.34
N TYR D 317 -9.26 -20.12 -8.61
CA TYR D 317 -9.73 -20.28 -9.99
C TYR D 317 -10.45 -19.03 -10.51
N SER D 318 -10.15 -18.67 -11.77
CA SER D 318 -10.79 -17.57 -12.49
C SER D 318 -10.60 -16.23 -11.79
N VAL D 319 -9.40 -15.96 -11.26
CA VAL D 319 -9.13 -14.73 -10.54
C VAL D 319 -7.72 -14.23 -10.81
N VAL D 320 -7.56 -12.91 -10.74
CA VAL D 320 -6.32 -12.23 -11.07
C VAL D 320 -5.87 -11.48 -9.83
N ARG D 321 -4.55 -11.45 -9.61
CA ARG D 321 -4.04 -10.63 -8.53
C ARG D 321 -4.43 -9.17 -8.77
N LEU D 322 -4.95 -8.54 -7.71
CA LEU D 322 -5.46 -7.18 -7.82
C LEU D 322 -4.52 -6.25 -8.56
N GLU D 323 -3.21 -6.33 -8.25
CA GLU D 323 -2.22 -5.40 -8.81
C GLU D 323 -2.17 -5.49 -10.32
N LEU D 324 -2.36 -6.68 -10.86
CA LEU D 324 -2.33 -6.81 -12.31
C LEU D 324 -3.63 -6.28 -12.92
N ILE D 325 -4.77 -6.50 -12.26
CA ILE D 325 -6.01 -5.86 -12.70
C ILE D 325 -5.83 -4.35 -12.75
N GLU D 326 -5.34 -3.77 -11.66
CA GLU D 326 -5.18 -2.30 -11.64
C GLU D 326 -4.26 -1.84 -12.74
N GLU D 327 -3.20 -2.60 -13.00
CA GLU D 327 -2.27 -2.23 -14.06
C GLU D 327 -2.95 -2.29 -15.44
N ILE D 328 -3.66 -3.39 -15.72
CA ILE D 328 -4.32 -3.53 -17.02
C ILE D 328 -5.36 -2.43 -17.19
N TYR D 329 -6.08 -2.12 -16.13
CA TYR D 329 -7.09 -1.06 -16.20
C TYR D 329 -6.43 0.29 -16.48
N ASN D 330 -5.26 0.53 -15.89
CA ASN D 330 -4.58 1.79 -16.12
C ASN D 330 -4.19 1.94 -17.59
N ASP D 331 -3.63 0.87 -18.18
CA ASP D 331 -3.30 0.90 -19.60
C ASP D 331 -4.53 1.18 -20.44
N MET D 332 -5.67 0.60 -20.09
CA MET D 332 -6.87 0.89 -20.86
C MET D 332 -7.28 2.34 -20.68
N TYR D 333 -7.12 2.88 -19.46
CA TYR D 333 -7.45 4.28 -19.21
C TYR D 333 -6.62 5.20 -20.07
N LEU D 334 -5.32 4.93 -20.20
CA LEU D 334 -4.48 5.76 -21.06
C LEU D 334 -5.00 5.78 -22.49
N GLN D 335 -5.46 4.63 -22.99
CA GLN D 335 -6.07 4.60 -24.32
C GLN D 335 -7.32 5.49 -24.37
N ARG D 336 -8.12 5.48 -23.30
CA ARG D 336 -9.33 6.31 -23.30
C ARG D 336 -8.98 7.80 -23.32
N VAL D 337 -7.91 8.18 -22.61
CA VAL D 337 -7.43 9.55 -22.65
C VAL D 337 -7.12 9.95 -24.07
N LYS D 338 -6.42 9.06 -24.79
CA LYS D 338 -5.97 9.35 -26.14
C LYS D 338 -7.11 9.32 -27.16
N ASN D 339 -8.15 8.50 -26.91
CA ASN D 339 -9.29 8.36 -27.83
C ASN D 339 -10.54 7.88 -27.10
N PRO D 340 -11.60 8.69 -27.03
CA PRO D 340 -12.78 8.30 -26.23
C PRO D 340 -13.55 7.11 -26.81
N ASP D 341 -13.25 6.69 -28.04
CA ASP D 341 -13.99 5.64 -28.75
C ASP D 341 -13.31 4.30 -28.52
N GLU D 342 -13.89 3.48 -27.64
CA GLU D 342 -13.28 2.19 -27.30
C GLU D 342 -13.03 1.31 -28.52
N THR D 343 -13.93 1.36 -29.52
CA THR D 343 -13.81 0.48 -30.68
C THR D 343 -12.56 0.80 -31.48
N GLN D 344 -11.95 1.95 -31.25
CA GLN D 344 -10.75 2.39 -31.94
C GLN D 344 -9.47 1.95 -31.24
N TRP D 345 -9.60 1.31 -30.07
CA TRP D 345 -8.41 1.04 -29.27
C TRP D 345 -7.55 -0.06 -29.87
N GLN D 346 -6.25 0.09 -29.67
CA GLN D 346 -5.29 -0.93 -30.06
C GLN D 346 -5.53 -2.22 -29.30
N HIS D 347 -5.76 -2.13 -28.00
CA HIS D 347 -5.96 -3.29 -27.14
C HIS D 347 -7.33 -3.17 -26.49
N ARG D 348 -8.13 -4.23 -26.57
CA ARG D 348 -9.54 -4.21 -26.21
C ARG D 348 -9.93 -5.44 -25.41
N ILE D 349 -10.93 -5.27 -24.56
CA ILE D 349 -11.51 -6.36 -23.77
C ILE D 349 -12.96 -6.51 -24.21
N LEU D 350 -13.32 -7.71 -24.64
CA LEU D 350 -14.69 -8.02 -25.04
C LEU D 350 -15.30 -8.92 -23.98
N PRO D 351 -16.03 -8.38 -23.01
CA PRO D 351 -16.56 -9.21 -21.94
C PRO D 351 -17.87 -9.87 -22.33
N GLU D 352 -18.24 -10.89 -21.56
CA GLU D 352 -19.48 -11.65 -21.74
C GLU D 352 -19.61 -12.15 -23.17
N ARG D 353 -18.53 -12.71 -23.71
CA ARG D 353 -18.53 -13.30 -25.03
C ARG D 353 -18.13 -14.76 -24.96
N LYS D 354 -18.57 -15.52 -25.96
CA LYS D 354 -18.09 -16.89 -26.17
C LYS D 354 -17.73 -17.10 -27.64
N ILE D 355 -16.82 -18.03 -27.87
CA ILE D 355 -16.37 -18.38 -29.22
C ILE D 355 -17.35 -19.41 -29.78
N THR D 356 -18.01 -19.07 -30.88
CA THR D 356 -18.95 -20.03 -31.46
C THR D 356 -18.40 -20.76 -32.68
N ARG D 357 -17.47 -20.17 -33.43
CA ARG D 357 -16.92 -20.81 -34.62
C ARG D 357 -15.53 -20.25 -34.88
N VAL D 358 -14.65 -21.10 -35.39
CA VAL D 358 -13.31 -20.67 -35.80
C VAL D 358 -13.09 -21.13 -37.23
N GLU D 359 -13.00 -20.18 -38.15
CA GLU D 359 -12.68 -20.49 -39.54
C GLU D 359 -11.16 -20.47 -39.67
N HIS D 360 -10.58 -21.62 -40.03
CA HIS D 360 -9.14 -21.74 -40.10
C HIS D 360 -8.68 -22.55 -41.29
N HIS D 361 -9.56 -23.23 -42.00
CA HIS D 361 -9.17 -23.96 -43.19
C HIS D 361 -9.10 -22.94 -44.31
N GLY D 362 -7.91 -22.71 -44.84
CA GLY D 362 -7.72 -21.76 -45.90
C GLY D 362 -6.30 -21.26 -45.91
N PRO D 363 -5.89 -20.64 -47.02
CA PRO D 363 -4.51 -20.13 -47.11
C PRO D 363 -4.29 -18.86 -46.34
N GLN D 364 -5.36 -18.15 -45.96
CA GLN D 364 -5.22 -16.88 -45.23
C GLN D 364 -4.37 -17.07 -43.97
N SER D 365 -3.45 -16.13 -43.76
CA SER D 365 -2.64 -16.15 -42.55
C SER D 365 -3.48 -16.04 -41.29
N ARG D 366 -4.67 -15.42 -41.40
CA ARG D 366 -5.49 -15.13 -40.24
C ARG D 366 -6.68 -16.08 -40.16
N MET D 367 -7.03 -16.43 -38.93
CA MET D 367 -8.24 -17.17 -38.61
C MET D 367 -9.37 -16.18 -38.35
N ARG D 368 -10.61 -16.64 -38.49
CA ARG D 368 -11.79 -15.83 -38.20
C ARG D 368 -12.52 -16.41 -37.00
N ILE D 369 -12.53 -15.66 -35.91
CA ILE D 369 -13.21 -16.07 -34.68
C ILE D 369 -14.61 -15.50 -34.71
N HIS D 370 -15.61 -16.34 -34.46
CA HIS D 370 -16.98 -15.87 -34.37
C HIS D 370 -17.41 -15.79 -32.91
N LEU D 371 -17.93 -14.64 -32.52
CA LEU D 371 -18.30 -14.38 -31.14
C LEU D 371 -19.82 -14.23 -31.00
N LYS D 372 -20.35 -14.83 -29.95
CA LYS D 372 -21.72 -14.62 -29.51
C LYS D 372 -21.68 -14.22 -28.05
N SER D 373 -22.77 -13.64 -27.55
CA SER D 373 -22.85 -13.32 -26.13
C SER D 373 -22.91 -14.61 -25.31
N SER D 374 -22.29 -14.58 -24.13
CA SER D 374 -22.27 -15.74 -23.25
C SER D 374 -23.49 -15.87 -22.35
N LYS D 375 -24.45 -14.96 -22.43
CA LYS D 375 -25.64 -15.10 -21.61
C LYS D 375 -26.43 -16.35 -22.03
N PRO D 376 -26.96 -17.12 -21.08
CA PRO D 376 -27.75 -18.33 -21.38
C PRO D 376 -28.95 -18.08 -22.28
N GLU D 387 -20.41 -10.44 -34.54
CA GLU D 387 -19.06 -9.87 -34.49
C GLU D 387 -17.98 -10.93 -34.76
N THR D 388 -16.95 -10.58 -35.54
CA THR D 388 -15.85 -11.47 -35.87
C THR D 388 -14.51 -10.78 -35.68
N LEU D 389 -13.47 -11.59 -35.48
CA LEU D 389 -12.10 -11.12 -35.37
C LEU D 389 -11.23 -11.83 -36.38
N GLU D 390 -10.33 -11.09 -36.99
CA GLU D 390 -9.31 -11.68 -37.82
C GLU D 390 -8.02 -11.63 -37.01
N VAL D 391 -7.48 -12.81 -36.68
CA VAL D 391 -6.36 -12.90 -35.77
C VAL D 391 -5.28 -13.77 -36.38
N ASP D 392 -4.04 -13.40 -36.11
CA ASP D 392 -2.90 -14.24 -36.48
C ASP D 392 -2.72 -15.40 -35.51
N ALA D 393 -3.22 -15.28 -34.29
CA ALA D 393 -3.08 -16.34 -33.30
C ALA D 393 -4.12 -16.17 -32.21
N LEU D 394 -4.46 -17.27 -31.56
CA LEU D 394 -5.37 -17.26 -30.41
C LEU D 394 -4.69 -17.99 -29.26
N MET D 395 -4.46 -17.27 -28.16
CA MET D 395 -3.95 -17.88 -26.93
C MET D 395 -5.12 -18.36 -26.08
N VAL D 396 -5.13 -19.66 -25.77
CA VAL D 396 -6.23 -20.30 -25.08
C VAL D 396 -5.81 -20.48 -23.63
N ALA D 397 -6.29 -19.60 -22.76
CA ALA D 397 -5.91 -19.59 -21.34
C ALA D 397 -7.02 -20.16 -20.49
N THR D 398 -7.39 -21.41 -20.73
CA THR D 398 -8.61 -21.92 -20.13
C THR D 398 -8.36 -22.92 -19.00
N GLY D 399 -7.17 -22.89 -18.40
CA GLY D 399 -6.91 -23.70 -17.23
C GLY D 399 -6.42 -25.10 -17.53
N TYR D 400 -6.64 -25.99 -16.55
CA TYR D 400 -6.02 -27.31 -16.53
C TYR D 400 -6.97 -28.39 -16.02
N ASN D 401 -6.73 -29.64 -16.46
CA ASN D 401 -7.34 -30.82 -15.87
C ASN D 401 -6.27 -31.61 -15.11
N ARG D 402 -6.71 -32.33 -14.07
CA ARG D 402 -5.82 -33.15 -13.25
C ARG D 402 -6.42 -34.56 -13.15
N ASN D 403 -6.50 -35.24 -14.29
CA ASN D 403 -6.96 -36.62 -14.29
C ASN D 403 -6.13 -37.55 -15.18
N ALA D 404 -4.93 -37.14 -15.60
CA ALA D 404 -4.14 -37.99 -16.49
C ALA D 404 -3.70 -39.28 -15.80
N HIS D 405 -3.73 -39.32 -14.46
CA HIS D 405 -3.35 -40.54 -13.77
C HIS D 405 -4.32 -41.68 -14.09
N GLU D 406 -5.57 -41.35 -14.46
CA GLU D 406 -6.55 -42.38 -14.76
C GLU D 406 -6.08 -43.28 -15.92
N ARG D 407 -5.53 -42.69 -16.98
CA ARG D 407 -5.04 -43.50 -18.09
C ARG D 407 -3.77 -44.24 -17.71
N LEU D 408 -2.88 -43.60 -16.94
CA LEU D 408 -1.62 -44.24 -16.56
C LEU D 408 -1.85 -45.46 -15.68
N LEU D 409 -2.93 -45.48 -14.92
CA LEU D 409 -3.21 -46.55 -13.97
C LEU D 409 -4.20 -47.57 -14.50
N SER D 410 -4.53 -47.52 -15.79
CA SER D 410 -5.61 -48.37 -16.30
C SER D 410 -5.27 -49.85 -16.24
N LYS D 411 -3.99 -50.22 -16.27
CA LYS D 411 -3.64 -51.64 -16.18
C LYS D 411 -3.61 -52.17 -14.76
N VAL D 412 -3.91 -51.34 -13.75
CA VAL D 412 -4.08 -51.78 -12.37
C VAL D 412 -5.46 -51.42 -11.84
N GLN D 413 -6.36 -50.94 -12.71
CA GLN D 413 -7.70 -50.52 -12.31
C GLN D 413 -8.51 -51.67 -11.73
N HIS D 414 -8.26 -52.89 -12.19
CA HIS D 414 -8.94 -54.07 -11.68
C HIS D 414 -8.59 -54.40 -10.24
N LEU D 415 -7.59 -53.72 -9.68
CA LEU D 415 -7.19 -53.93 -8.30
C LEU D 415 -7.95 -53.04 -7.33
N ARG D 416 -8.76 -52.09 -7.81
CA ARG D 416 -9.59 -51.27 -6.91
C ARG D 416 -10.66 -52.11 -6.24
N PRO D 417 -11.19 -51.63 -5.10
CA PRO D 417 -12.35 -52.29 -4.51
C PRO D 417 -13.46 -52.41 -5.53
N THR D 418 -14.12 -53.55 -5.54
CA THR D 418 -15.18 -53.82 -6.50
C THR D 418 -16.35 -52.85 -6.29
N GLY D 419 -16.71 -52.14 -7.37
CA GLY D 419 -17.83 -51.22 -7.38
C GLY D 419 -17.42 -49.76 -7.44
N GLN D 420 -16.14 -49.45 -7.23
CA GLN D 420 -15.64 -48.09 -7.36
C GLN D 420 -15.38 -47.77 -8.83
N ASP D 421 -15.95 -46.66 -9.31
CA ASP D 421 -15.70 -46.18 -10.66
C ASP D 421 -14.57 -45.16 -10.71
N GLN D 422 -13.99 -44.80 -9.56
CA GLN D 422 -12.96 -43.78 -9.46
C GLN D 422 -11.91 -44.22 -8.44
N TRP D 423 -10.70 -43.67 -8.59
CA TRP D 423 -9.64 -43.92 -7.61
C TRP D 423 -9.92 -43.12 -6.36
N LYS D 424 -9.83 -43.77 -5.21
CA LYS D 424 -10.21 -43.16 -3.93
C LYS D 424 -8.98 -43.04 -3.04
N PRO D 425 -8.43 -41.85 -2.83
CA PRO D 425 -7.31 -41.73 -1.90
C PRO D 425 -7.79 -41.66 -0.45
N HIS D 426 -7.08 -42.36 0.43
CA HIS D 426 -7.29 -42.20 1.86
C HIS D 426 -6.70 -40.85 2.29
N ARG D 427 -6.83 -40.53 3.59
CA ARG D 427 -6.30 -39.27 4.08
C ARG D 427 -4.80 -39.18 3.82
N ASP D 428 -4.08 -40.29 3.89
CA ASP D 428 -2.64 -40.31 3.65
C ASP D 428 -2.27 -40.45 2.17
N TYR D 429 -3.22 -40.26 1.25
CA TYR D 429 -3.03 -40.19 -0.20
C TYR D 429 -2.76 -41.56 -0.84
N ARG D 430 -2.77 -42.64 -0.07
CA ARG D 430 -2.69 -43.98 -0.63
C ARG D 430 -4.06 -44.35 -1.20
N VAL D 431 -4.09 -44.79 -2.46
CA VAL D 431 -5.38 -45.12 -3.07
C VAL D 431 -5.87 -46.44 -2.50
N GLU D 432 -7.19 -46.56 -2.43
CA GLU D 432 -7.80 -47.76 -1.90
C GLU D 432 -7.61 -48.92 -2.87
N MET D 433 -7.20 -50.08 -2.35
CA MET D 433 -7.13 -51.28 -3.16
C MET D 433 -7.68 -52.48 -2.39
N ASP D 434 -8.19 -53.44 -3.13
CA ASP D 434 -8.74 -54.68 -2.61
C ASP D 434 -7.70 -55.46 -1.84
N PRO D 435 -7.86 -55.58 -0.52
CA PRO D 435 -6.84 -56.27 0.30
C PRO D 435 -6.69 -57.74 -0.04
N SER D 436 -7.65 -58.33 -0.72
CA SER D 436 -7.51 -59.70 -1.17
C SER D 436 -6.80 -59.80 -2.50
N LYS D 437 -6.62 -58.68 -3.21
CA LYS D 437 -5.90 -58.66 -4.48
C LYS D 437 -4.51 -58.05 -4.40
N VAL D 438 -4.24 -57.21 -3.41
CA VAL D 438 -2.98 -56.47 -3.35
C VAL D 438 -2.36 -56.65 -1.97
N SER D 439 -1.11 -57.12 -1.94
CA SER D 439 -0.37 -57.22 -0.70
C SER D 439 -0.33 -55.87 0.02
N SER D 440 -0.39 -55.91 1.35
CA SER D 440 -0.32 -54.68 2.13
C SER D 440 1.04 -54.02 2.01
N GLU D 441 2.05 -54.74 1.53
CA GLU D 441 3.37 -54.17 1.32
C GLU D 441 3.50 -53.42 -0.01
N ALA D 442 2.48 -53.48 -0.87
CA ALA D 442 2.49 -52.75 -2.13
C ALA D 442 1.35 -51.74 -2.14
N GLY D 443 1.49 -50.68 -2.92
CA GLY D 443 0.44 -49.66 -2.97
C GLY D 443 0.79 -48.52 -3.91
N ILE D 444 -0.22 -47.68 -4.17
CA ILE D 444 -0.11 -46.55 -5.09
C ILE D 444 -0.65 -45.30 -4.40
N TRP D 445 0.10 -44.19 -4.52
CA TRP D 445 -0.22 -42.90 -3.93
C TRP D 445 -0.44 -41.84 -5.01
N LEU D 446 -1.37 -40.93 -4.77
CA LEU D 446 -1.66 -39.83 -5.69
C LEU D 446 -1.22 -38.50 -5.08
N GLN D 447 -0.66 -37.61 -5.91
CA GLN D 447 -0.26 -36.29 -5.46
C GLN D 447 -0.70 -35.24 -6.47
N GLY D 448 -1.39 -34.21 -5.98
CA GLY D 448 -1.73 -33.05 -6.77
C GLY D 448 -3.09 -33.08 -7.44
N CYS D 449 -3.72 -34.26 -7.53
CA CYS D 449 -5.00 -34.40 -8.21
C CYS D 449 -6.15 -34.73 -7.25
N ASN D 450 -6.04 -34.34 -5.97
CA ASN D 450 -6.94 -34.75 -4.90
C ASN D 450 -7.67 -33.57 -4.26
N GLU D 451 -7.89 -32.50 -5.02
CA GLU D 451 -8.59 -31.32 -4.52
C GLU D 451 -9.98 -31.67 -3.97
N ARG D 452 -10.74 -32.51 -4.68
CA ARG D 452 -12.09 -32.81 -4.24
C ARG D 452 -12.10 -33.55 -2.91
N THR D 453 -11.04 -34.30 -2.58
CA THR D 453 -11.06 -34.98 -1.28
C THR D 453 -10.19 -34.30 -0.22
N HIS D 454 -9.23 -33.45 -0.61
CA HIS D 454 -8.26 -32.91 0.35
C HIS D 454 -8.19 -31.38 0.41
N GLY D 455 -8.84 -30.66 -0.50
CA GLY D 455 -9.00 -29.22 -0.36
C GLY D 455 -8.20 -28.43 -1.38
N LEU D 456 -8.54 -27.14 -1.46
CA LEU D 456 -7.96 -26.22 -2.44
C LEU D 456 -6.43 -26.13 -2.36
N SER D 457 -5.80 -26.64 -1.30
CA SER D 457 -4.36 -26.57 -1.24
C SER D 457 -3.66 -27.69 -2.03
N ASP D 458 -4.39 -28.69 -2.55
CA ASP D 458 -3.76 -29.90 -3.04
C ASP D 458 -2.92 -29.68 -4.30
N SER D 459 -3.35 -28.82 -5.23
CA SER D 459 -2.61 -28.65 -6.47
C SER D 459 -1.55 -27.54 -6.41
N LEU D 460 -1.45 -26.85 -5.30
CA LEU D 460 -0.62 -25.66 -5.19
C LEU D 460 0.67 -25.99 -4.43
N LEU D 461 1.45 -24.95 -4.13
CA LEU D 461 2.61 -25.11 -3.27
C LEU D 461 2.25 -25.11 -1.78
N SER D 462 0.98 -24.81 -1.47
CA SER D 462 0.53 -24.47 -0.12
C SER D 462 0.98 -25.46 0.96
N VAL D 463 0.79 -26.75 0.75
CA VAL D 463 1.09 -27.67 1.84
C VAL D 463 2.21 -28.66 1.48
N LEU D 464 3.01 -28.34 0.46
CA LEU D 464 3.98 -29.30 -0.06
C LEU D 464 5.03 -29.68 0.99
N ALA D 465 5.54 -28.70 1.74
CA ALA D 465 6.55 -29.03 2.73
C ALA D 465 5.98 -29.99 3.79
N VAL D 466 4.83 -29.66 4.35
CA VAL D 466 4.22 -30.53 5.36
C VAL D 466 3.82 -31.86 4.73
N ARG D 467 3.28 -31.82 3.52
CA ARG D 467 2.82 -33.04 2.87
C ARG D 467 4.01 -33.94 2.52
N GLY D 468 5.14 -33.33 2.13
CA GLY D 468 6.34 -34.11 1.94
C GLY D 468 6.66 -34.93 3.18
N GLY D 469 6.55 -34.32 4.35
CA GLY D 469 6.78 -35.07 5.58
C GLY D 469 5.80 -36.21 5.76
N GLU D 470 4.50 -35.92 5.57
CA GLU D 470 3.49 -36.96 5.70
C GLU D 470 3.78 -38.13 4.77
N MET D 471 4.19 -37.85 3.53
CA MET D 471 4.37 -38.93 2.56
C MET D 471 5.52 -39.86 2.96
N VAL D 472 6.60 -39.30 3.48
CA VAL D 472 7.72 -40.11 3.93
C VAL D 472 7.32 -41.00 5.10
N GLN D 473 6.52 -40.47 6.02
CA GLN D 473 6.03 -41.32 7.09
C GLN D 473 5.14 -42.43 6.55
N SER D 474 4.16 -42.06 5.71
CA SER D 474 3.23 -43.05 5.17
C SER D 474 3.99 -44.14 4.42
N ILE D 475 4.92 -43.77 3.56
CA ILE D 475 5.55 -44.72 2.67
C ILE D 475 6.73 -45.44 3.33
N PHE D 476 7.54 -44.73 4.14
CA PHE D 476 8.78 -45.31 4.67
C PHE D 476 8.82 -45.46 6.17
N GLY D 477 7.77 -45.07 6.89
CA GLY D 477 7.80 -45.06 8.35
C GLY D 477 8.24 -46.37 8.99
N GLU D 478 7.55 -47.46 8.66
CA GLU D 478 7.90 -48.75 9.23
C GLU D 478 9.33 -49.15 8.83
N GLN D 479 9.68 -48.95 7.57
CA GLN D 479 11.02 -49.33 7.09
C GLN D 479 12.11 -48.55 7.80
N LEU D 480 11.91 -47.24 8.00
CA LEU D 480 12.93 -46.42 8.67
C LEU D 480 13.04 -46.78 10.14
N GLU D 481 11.96 -47.24 10.77
CA GLU D 481 12.03 -47.64 12.17
C GLU D 481 12.83 -48.93 12.32
N ARG D 482 12.47 -49.97 11.54
CA ARG D 482 13.24 -51.21 11.51
C ARG D 482 14.73 -50.92 11.26
N ALA D 483 15.02 -50.20 10.17
CA ALA D 483 16.36 -49.67 9.93
C ALA D 483 16.74 -48.67 11.03
#